data_1TZM
#
_entry.id   1TZM
#
_cell.length_a   67.640
_cell.length_b   68.263
_cell.length_c   349.748
_cell.angle_alpha   90.00
_cell.angle_beta   90.00
_cell.angle_gamma   90.00
#
_symmetry.space_group_name_H-M   'P 21 21 21'
#
loop_
_entity.id
_entity.type
_entity.pdbx_description
1 polymer '1-aminocyclopropane-1-carboxylate deaminase'
2 non-polymer "PYRIDOXAL-5'-PHOSPHATE"
3 non-polymer 3-chloro-D-alanine
4 non-polymer AMINO-ACRYLATE
5 non-polymer 'SULFATE ION'
6 water water
#
_entity_poly.entity_id   1
_entity_poly.type   'polypeptide(L)'
_entity_poly.pdbx_seq_one_letter_code
;MNLQRFPRYPLTFGPTPIQPLARLSKHLGGKVHLYAKREDCNSGLAFGGNKTRKLEYLIPEALAQGCDTLVSIGGIQSNQ
TRQVAAVAAHLGMKCVLVQENWVNYSDAVYDRVGNIQMSRILGADVRLVPDGFDIGFRRSWEDALESVRAAGGKPYAIPA
GCSDHPLGGLGFVGFAEEVRAQEAELGFKFDYVVVCSVTGSTQAGMVVGFAADGRADRVIGVDASAKPAQTREQITRIAR
QTAEKVGLERDIMRADVVLDERFAGPEYGLPNEGTLEAIRLCARTEGMLTDPVYEGKSMHGMIEMVRNGEFPEGSRVLYA
HLGGVPALNGYSFIFRDG
;
_entity_poly.pdbx_strand_id   A,B,C,D
#
loop_
_chem_comp.id
_chem_comp.type
_chem_comp.name
_chem_comp.formula
NAK non-polymer AMINO-ACRYLATE 'C3 H5 N O2'
PLP non-polymer PYRIDOXAL-5'-PHOSPHATE 'C8 H10 N O6 P'
SO4 non-polymer 'SULFATE ION' 'O4 S -2'
#
# COMPACT_ATOMS: atom_id res chain seq x y z
N MET A 1 -16.04 -43.48 23.24
CA MET A 1 -16.20 -43.19 21.78
C MET A 1 -14.95 -43.59 21.01
N ASN A 2 -15.04 -43.58 19.69
CA ASN A 2 -13.91 -43.95 18.85
C ASN A 2 -13.80 -43.07 17.61
N LEU A 3 -12.84 -42.15 17.65
CA LEU A 3 -12.58 -41.22 16.57
C LEU A 3 -11.69 -41.96 15.59
N GLN A 4 -10.94 -42.91 16.14
CA GLN A 4 -10.02 -43.74 15.39
C GLN A 4 -10.68 -44.48 14.23
N ARG A 5 -12.00 -44.58 14.25
CA ARG A 5 -12.75 -45.24 13.17
C ARG A 5 -12.54 -44.48 11.86
N PHE A 6 -12.33 -43.17 11.95
CA PHE A 6 -12.15 -42.36 10.75
C PHE A 6 -10.70 -42.08 10.42
N PRO A 7 -10.30 -42.36 9.18
CA PRO A 7 -8.90 -42.09 8.83
C PRO A 7 -8.56 -40.63 9.09
N ARG A 8 -7.26 -40.33 9.14
CA ARG A 8 -6.76 -38.98 9.41
C ARG A 8 -5.52 -38.80 8.55
N TYR A 9 -5.58 -37.90 7.58
CA TYR A 9 -4.42 -37.69 6.72
C TYR A 9 -3.47 -36.69 7.36
N PRO A 10 -2.23 -37.13 7.65
CA PRO A 10 -1.16 -36.35 8.26
C PRO A 10 -0.84 -35.08 7.52
N LEU A 11 -1.20 -33.95 8.12
CA LEU A 11 -0.95 -32.64 7.53
C LEU A 11 -0.26 -31.75 8.56
N THR A 12 -0.06 -32.29 9.75
CA THR A 12 0.58 -31.57 10.84
C THR A 12 1.84 -32.28 11.32
N PHE A 13 2.56 -31.63 12.24
CA PHE A 13 3.80 -32.20 12.77
C PHE A 13 3.52 -33.31 13.78
N GLY A 14 2.33 -33.27 14.37
CA GLY A 14 1.96 -34.24 15.38
C GLY A 14 1.31 -33.42 16.46
N PRO A 15 1.17 -33.94 17.68
CA PRO A 15 0.53 -33.15 18.73
C PRO A 15 1.09 -31.73 18.80
N THR A 16 0.25 -30.77 19.19
CA THR A 16 0.68 -29.39 19.28
C THR A 16 1.10 -29.09 20.71
N PRO A 17 2.26 -28.44 20.86
CA PRO A 17 2.76 -28.11 22.19
C PRO A 17 1.92 -27.18 23.02
N ILE A 18 2.04 -27.35 24.33
CA ILE A 18 1.35 -26.52 25.31
C ILE A 18 2.48 -25.74 25.99
N GLN A 19 2.32 -24.42 26.03
CA GLN A 19 3.33 -23.59 26.64
C GLN A 19 2.69 -22.77 27.74
N PRO A 20 3.45 -22.47 28.80
CA PRO A 20 2.90 -21.67 29.89
C PRO A 20 3.06 -20.20 29.50
N LEU A 21 2.13 -19.36 29.94
CA LEU A 21 2.18 -17.95 29.66
C LEU A 21 2.42 -17.30 31.02
N ALA A 22 3.58 -17.60 31.58
CA ALA A 22 3.97 -17.11 32.90
C ALA A 22 3.94 -15.60 33.07
N ARG A 23 4.61 -14.90 32.15
CA ARG A 23 4.67 -13.45 32.23
C ARG A 23 3.26 -12.89 32.16
N LEU A 24 2.52 -13.20 31.10
CA LEU A 24 1.16 -12.68 31.00
C LEU A 24 0.39 -12.98 32.31
N SER A 25 0.39 -14.24 32.73
CA SER A 25 -0.31 -14.63 33.94
C SER A 25 0.17 -13.78 35.14
N LYS A 26 1.49 -13.68 35.33
CA LYS A 26 2.02 -12.89 36.43
C LYS A 26 1.51 -11.48 36.28
N HIS A 27 1.70 -10.93 35.07
CA HIS A 27 1.26 -9.57 34.73
C HIS A 27 -0.21 -9.32 35.10
N LEU A 28 -1.02 -10.38 35.09
CA LEU A 28 -2.42 -10.24 35.41
C LEU A 28 -2.74 -10.56 36.88
N GLY A 29 -1.69 -10.68 37.71
CA GLY A 29 -1.89 -11.00 39.12
C GLY A 29 -1.68 -12.44 39.54
N GLY A 30 -1.14 -13.26 38.65
CA GLY A 30 -0.89 -14.66 38.95
C GLY A 30 -1.92 -15.45 39.74
N LYS A 31 -3.20 -15.15 39.57
CA LYS A 31 -4.23 -15.90 40.28
C LYS A 31 -4.71 -17.02 39.36
N VAL A 32 -4.51 -16.82 38.07
CA VAL A 32 -4.89 -17.82 37.08
C VAL A 32 -3.68 -18.20 36.28
N HIS A 33 -3.48 -19.49 36.10
CA HIS A 33 -2.35 -19.95 35.33
C HIS A 33 -2.78 -20.12 33.89
N LEU A 34 -2.20 -19.29 33.03
CA LEU A 34 -2.52 -19.30 31.62
C LEU A 34 -1.53 -20.11 30.82
N TYR A 35 -2.05 -20.91 29.89
CA TYR A 35 -1.22 -21.72 29.01
C TYR A 35 -1.74 -21.52 27.59
N ALA A 36 -1.04 -22.08 26.61
CA ALA A 36 -1.47 -21.98 25.22
C ALA A 36 -1.07 -23.23 24.46
N LYS A 37 -2.00 -23.76 23.68
CA LYS A 37 -1.74 -24.91 22.87
C LYS A 37 -1.64 -24.29 21.46
N ARG A 38 -0.49 -24.48 20.84
CA ARG A 38 -0.16 -23.90 19.55
C ARG A 38 -0.61 -24.59 18.25
N GLU A 39 -1.91 -24.51 17.95
CA GLU A 39 -2.42 -25.07 16.71
C GLU A 39 -1.80 -24.23 15.59
N ASP A 40 -1.51 -22.98 15.91
CA ASP A 40 -0.90 -22.04 14.96
C ASP A 40 0.51 -22.46 14.54
N CYS A 41 1.06 -23.47 15.23
CA CYS A 41 2.39 -23.98 14.89
C CYS A 41 2.39 -25.43 14.47
N ASN A 42 1.21 -25.94 14.11
CA ASN A 42 1.08 -27.33 13.75
C ASN A 42 1.50 -27.81 12.38
N SER A 43 1.94 -26.94 11.47
CA SER A 43 2.23 -27.47 10.14
C SER A 43 3.24 -26.70 9.32
N GLY A 44 3.88 -27.40 8.38
CA GLY A 44 4.86 -26.79 7.47
C GLY A 44 4.19 -26.22 6.21
N LEU A 45 2.90 -26.43 6.12
CA LEU A 45 2.08 -25.99 4.98
C LEU A 45 1.55 -24.57 5.19
N ALA A 46 2.33 -23.60 4.72
CA ALA A 46 1.99 -22.17 4.82
C ALA A 46 1.46 -21.77 6.19
N PHE A 47 2.23 -22.13 7.24
CA PHE A 47 1.88 -21.84 8.63
C PHE A 47 0.71 -22.64 9.24
N GLY A 48 -0.01 -23.44 8.44
CA GLY A 48 -1.12 -24.20 9.00
C GLY A 48 -2.04 -23.46 9.98
N GLY A 49 -2.49 -24.15 11.04
CA GLY A 49 -3.38 -23.56 12.03
C GLY A 49 -4.60 -24.46 12.28
N ASN A 50 -5.59 -24.01 13.06
CA ASN A 50 -6.75 -24.86 13.34
C ASN A 50 -7.39 -25.57 12.13
N LYS A 51 -7.66 -24.84 11.06
CA LYS A 51 -8.27 -25.46 9.89
C LYS A 51 -7.51 -26.67 9.37
N THR A 52 -6.19 -26.62 9.45
CA THR A 52 -5.40 -27.73 8.95
C THR A 52 -5.62 -28.98 9.79
N ARG A 53 -5.93 -28.80 11.07
CA ARG A 53 -6.24 -29.95 11.94
C ARG A 53 -7.57 -30.54 11.43
N LYS A 54 -8.54 -29.65 11.16
CA LYS A 54 -9.85 -30.10 10.66
C LYS A 54 -9.67 -30.85 9.35
N LEU A 55 -8.84 -30.30 8.48
CA LEU A 55 -8.61 -30.92 7.18
C LEU A 55 -8.06 -32.35 7.18
N GLU A 56 -7.36 -32.75 8.25
CA GLU A 56 -6.81 -34.10 8.27
C GLU A 56 -7.92 -35.16 8.13
N TYR A 57 -9.10 -34.88 8.67
CA TYR A 57 -10.22 -35.83 8.59
C TYR A 57 -11.08 -35.67 7.33
N LEU A 58 -10.95 -34.55 6.62
CA LEU A 58 -11.75 -34.34 5.42
C LEU A 58 -11.07 -34.89 4.17
N ILE A 59 -9.74 -34.77 4.11
CA ILE A 59 -8.98 -35.22 2.94
C ILE A 59 -9.11 -36.69 2.56
N PRO A 60 -9.32 -37.58 3.53
CA PRO A 60 -9.46 -39.00 3.13
C PRO A 60 -10.69 -39.20 2.25
N GLU A 61 -11.83 -38.66 2.68
CA GLU A 61 -13.06 -38.75 1.89
C GLU A 61 -12.75 -38.16 0.52
N ALA A 62 -12.15 -36.98 0.51
CA ALA A 62 -11.81 -36.30 -0.74
C ALA A 62 -10.99 -37.19 -1.67
N LEU A 63 -10.02 -37.88 -1.10
CA LEU A 63 -9.15 -38.78 -1.86
C LEU A 63 -9.94 -40.05 -2.20
N ALA A 64 -10.68 -40.52 -1.21
CA ALA A 64 -11.50 -41.71 -1.38
C ALA A 64 -12.42 -41.53 -2.57
N GLN A 65 -13.08 -40.39 -2.65
CA GLN A 65 -14.01 -40.11 -3.74
C GLN A 65 -13.37 -39.76 -5.07
N GLY A 66 -12.04 -39.82 -5.14
CA GLY A 66 -11.37 -39.54 -6.40
C GLY A 66 -11.38 -38.09 -6.86
N CYS A 67 -11.71 -37.17 -5.96
CA CYS A 67 -11.75 -35.74 -6.31
C CYS A 67 -10.35 -35.23 -6.68
N ASP A 68 -10.26 -34.33 -7.64
CA ASP A 68 -8.95 -33.80 -8.04
C ASP A 68 -8.78 -32.31 -7.73
N THR A 69 -9.81 -31.70 -7.15
CA THR A 69 -9.73 -30.29 -6.87
C THR A 69 -10.36 -29.97 -5.54
N LEU A 70 -9.69 -29.13 -4.77
CA LEU A 70 -10.27 -28.73 -3.50
C LEU A 70 -10.80 -27.33 -3.70
N VAL A 71 -12.08 -27.14 -3.39
CA VAL A 71 -12.77 -25.86 -3.55
C VAL A 71 -13.32 -25.37 -2.21
N SER A 72 -13.05 -24.12 -1.84
CA SER A 72 -13.57 -23.63 -0.56
C SER A 72 -13.83 -22.13 -0.65
N ILE A 73 -14.07 -21.49 0.48
CA ILE A 73 -14.43 -20.10 0.41
C ILE A 73 -14.23 -19.43 1.72
N GLY A 74 -14.14 -18.10 1.68
CA GLY A 74 -14.00 -17.30 2.88
C GLY A 74 -13.79 -15.83 2.51
N GLY A 75 -13.67 -14.97 3.52
CA GLY A 75 -13.40 -13.56 3.27
C GLY A 75 -12.06 -13.34 2.57
N ILE A 76 -11.73 -12.08 2.34
CA ILE A 76 -10.46 -11.78 1.66
C ILE A 76 -9.25 -12.29 2.45
N GLN A 77 -9.26 -12.08 3.76
CA GLN A 77 -8.12 -12.50 4.57
C GLN A 77 -8.33 -13.83 5.28
N SER A 78 -9.20 -14.64 4.68
CA SER A 78 -9.51 -15.95 5.21
C SER A 78 -8.30 -16.87 5.46
N ASN A 79 -8.19 -17.40 6.67
CA ASN A 79 -7.13 -18.32 6.99
C ASN A 79 -7.48 -19.67 6.38
N GLN A 80 -8.78 -20.00 6.36
CA GLN A 80 -9.25 -21.26 5.80
C GLN A 80 -8.81 -21.50 4.37
N THR A 81 -9.07 -20.54 3.48
CA THR A 81 -8.71 -20.71 2.07
C THR A 81 -7.22 -20.88 1.89
N ARG A 82 -6.45 -20.12 2.66
CA ARG A 82 -5.00 -20.22 2.54
C ARG A 82 -4.56 -21.67 2.85
N GLN A 83 -5.11 -22.24 3.93
CA GLN A 83 -4.68 -23.60 4.30
C GLN A 83 -5.14 -24.62 3.30
N VAL A 84 -6.30 -24.37 2.69
CA VAL A 84 -6.82 -25.28 1.68
C VAL A 84 -5.90 -25.21 0.49
N ALA A 85 -5.48 -23.99 0.15
CA ALA A 85 -4.59 -23.85 -0.97
C ALA A 85 -3.27 -24.61 -0.75
N ALA A 86 -2.72 -24.52 0.46
CA ALA A 86 -1.45 -25.21 0.78
C ALA A 86 -1.67 -26.73 0.82
N VAL A 87 -2.69 -27.17 1.55
CA VAL A 87 -3.01 -28.60 1.61
C VAL A 87 -3.24 -29.16 0.20
N ALA A 88 -3.95 -28.40 -0.63
CA ALA A 88 -4.21 -28.86 -1.99
C ALA A 88 -2.90 -29.07 -2.73
N ALA A 89 -2.06 -28.04 -2.70
CA ALA A 89 -0.78 -28.12 -3.40
C ALA A 89 0.06 -29.31 -2.90
N HIS A 90 0.04 -29.53 -1.60
CA HIS A 90 0.82 -30.63 -1.01
C HIS A 90 0.27 -31.98 -1.44
N LEU A 91 -1.04 -32.06 -1.63
CA LEU A 91 -1.70 -33.30 -2.03
C LEU A 91 -1.82 -33.45 -3.54
N GLY A 92 -1.09 -32.63 -4.30
CA GLY A 92 -1.17 -32.70 -5.75
C GLY A 92 -2.56 -32.40 -6.31
N MET A 93 -3.36 -31.61 -5.61
CA MET A 93 -4.69 -31.26 -6.10
C MET A 93 -4.83 -29.80 -6.55
N LYS A 94 -5.81 -29.55 -7.42
CA LYS A 94 -6.06 -28.20 -7.87
C LYS A 94 -6.87 -27.55 -6.76
N CYS A 95 -7.03 -26.24 -6.86
CA CYS A 95 -7.71 -25.55 -5.80
C CYS A 95 -8.42 -24.36 -6.33
N VAL A 96 -9.70 -24.22 -5.98
CA VAL A 96 -10.43 -23.05 -6.40
C VAL A 96 -10.97 -22.43 -5.12
N LEU A 97 -10.77 -21.13 -4.98
CA LEU A 97 -11.20 -20.42 -3.80
C LEU A 97 -12.09 -19.29 -4.20
N VAL A 98 -13.17 -19.12 -3.45
CA VAL A 98 -14.09 -18.04 -3.69
C VAL A 98 -13.87 -17.14 -2.49
N GLN A 99 -13.36 -15.93 -2.73
CA GLN A 99 -13.15 -14.98 -1.63
C GLN A 99 -14.16 -13.90 -1.83
N GLU A 100 -14.89 -13.60 -0.77
CA GLU A 100 -15.89 -12.56 -0.82
C GLU A 100 -15.46 -11.46 0.14
N ASN A 101 -16.14 -10.33 0.06
CA ASN A 101 -15.89 -9.20 0.91
C ASN A 101 -16.69 -9.35 2.17
N TRP A 102 -16.17 -10.10 3.13
CA TRP A 102 -16.91 -10.32 4.37
C TRP A 102 -16.67 -9.28 5.43
N VAL A 103 -15.73 -8.37 5.19
CA VAL A 103 -15.43 -7.40 6.19
C VAL A 103 -15.54 -5.99 5.67
N ASN A 104 -16.17 -5.12 6.47
CA ASN A 104 -16.29 -3.71 6.10
C ASN A 104 -14.97 -3.00 6.41
N TYR A 105 -13.93 -3.39 5.68
CA TYR A 105 -12.60 -2.81 5.86
C TYR A 105 -12.08 -2.52 4.46
N SER A 106 -11.50 -1.34 4.29
CA SER A 106 -10.96 -0.99 2.97
C SER A 106 -9.53 -0.54 3.23
N ASP A 107 -8.60 -1.39 2.84
CA ASP A 107 -7.18 -1.12 3.05
C ASP A 107 -6.54 -1.38 1.72
N ALA A 108 -5.67 -0.47 1.31
CA ALA A 108 -4.99 -0.55 0.04
C ALA A 108 -4.46 -1.91 -0.39
N VAL A 109 -3.92 -2.68 0.55
CA VAL A 109 -3.36 -3.95 0.13
C VAL A 109 -4.08 -5.17 0.71
N TYR A 110 -5.25 -4.95 1.27
CA TYR A 110 -6.05 -6.02 1.89
C TYR A 110 -6.14 -7.27 1.02
N ASP A 111 -6.29 -7.12 -0.30
CA ASP A 111 -6.35 -8.28 -1.20
C ASP A 111 -5.02 -8.70 -1.82
N ARG A 112 -3.90 -8.23 -1.30
CA ARG A 112 -2.59 -8.54 -1.90
C ARG A 112 -1.48 -8.94 -0.93
N VAL A 113 -1.81 -9.04 0.36
CA VAL A 113 -0.82 -9.43 1.35
C VAL A 113 -1.41 -10.57 2.18
N GLY A 114 -0.61 -11.05 3.12
CA GLY A 114 -1.09 -12.09 4.01
C GLY A 114 -1.61 -13.38 3.40
N ASN A 115 -2.75 -13.82 3.92
CA ASN A 115 -3.33 -15.08 3.48
C ASN A 115 -3.59 -15.22 2.00
N ILE A 116 -4.25 -14.21 1.42
CA ILE A 116 -4.59 -14.27 0.02
C ILE A 116 -3.36 -14.26 -0.86
N GLN A 117 -2.32 -13.50 -0.49
CA GLN A 117 -1.10 -13.48 -1.30
C GLN A 117 -0.53 -14.91 -1.34
N MET A 118 -0.53 -15.58 -0.20
CA MET A 118 0.00 -16.94 -0.20
C MET A 118 -0.82 -17.87 -1.10
N SER A 119 -2.14 -17.80 -0.99
CA SER A 119 -2.98 -18.68 -1.81
C SER A 119 -2.60 -18.54 -3.27
N ARG A 120 -2.42 -17.31 -3.75
CA ARG A 120 -2.05 -17.11 -5.16
C ARG A 120 -0.66 -17.70 -5.43
N ILE A 121 0.27 -17.48 -4.52
CA ILE A 121 1.61 -18.02 -4.74
C ILE A 121 1.49 -19.54 -4.79
N LEU A 122 0.67 -20.11 -3.91
CA LEU A 122 0.46 -21.57 -3.89
C LEU A 122 -0.25 -22.13 -5.11
N GLY A 123 -0.60 -21.25 -6.05
CA GLY A 123 -1.24 -21.72 -7.27
C GLY A 123 -2.76 -21.89 -7.29
N ALA A 124 -3.46 -21.48 -6.24
CA ALA A 124 -4.92 -21.60 -6.21
C ALA A 124 -5.51 -20.59 -7.17
N ASP A 125 -6.71 -20.87 -7.67
CA ASP A 125 -7.39 -19.94 -8.55
C ASP A 125 -8.18 -19.14 -7.53
N VAL A 126 -7.81 -17.89 -7.34
CA VAL A 126 -8.42 -17.03 -6.32
C VAL A 126 -9.43 -16.13 -7.00
N ARG A 127 -10.71 -16.46 -6.82
CA ARG A 127 -11.82 -15.72 -7.42
C ARG A 127 -12.45 -14.70 -6.47
N LEU A 128 -12.34 -13.44 -6.85
CA LEU A 128 -12.89 -12.35 -6.05
C LEU A 128 -14.25 -11.88 -6.57
N VAL A 129 -15.29 -12.10 -5.76
CA VAL A 129 -16.66 -11.71 -6.10
C VAL A 129 -16.71 -10.30 -6.70
N PRO A 130 -17.83 -9.95 -7.37
CA PRO A 130 -18.02 -8.64 -8.00
C PRO A 130 -17.36 -7.42 -7.34
N ASP A 131 -18.17 -6.70 -6.54
CA ASP A 131 -17.77 -5.50 -5.81
C ASP A 131 -16.29 -5.15 -5.87
N ARG A 139 -24.47 -17.33 -8.45
CA ARG A 139 -23.91 -17.96 -7.26
C ARG A 139 -22.43 -18.31 -7.47
N SER A 140 -21.57 -17.58 -6.76
CA SER A 140 -20.13 -17.78 -6.85
C SER A 140 -19.69 -19.19 -6.50
N TRP A 141 -20.29 -19.73 -5.44
CA TRP A 141 -19.96 -21.07 -4.99
C TRP A 141 -20.22 -22.12 -6.06
N GLU A 142 -21.45 -22.17 -6.55
CA GLU A 142 -21.82 -23.14 -7.58
C GLU A 142 -21.09 -22.92 -8.90
N ASP A 143 -20.86 -21.67 -9.28
CA ASP A 143 -20.12 -21.47 -10.52
C ASP A 143 -18.81 -22.25 -10.34
N ALA A 144 -18.13 -21.95 -9.22
CA ALA A 144 -16.86 -22.57 -8.89
C ALA A 144 -16.86 -24.08 -9.04
N LEU A 145 -17.75 -24.76 -8.34
CA LEU A 145 -17.82 -26.21 -8.42
C LEU A 145 -18.02 -26.65 -9.84
N GLU A 146 -18.91 -25.95 -10.55
CA GLU A 146 -19.20 -26.30 -11.93
C GLU A 146 -18.02 -26.12 -12.85
N SER A 147 -17.39 -24.95 -12.81
CA SER A 147 -16.25 -24.71 -13.69
C SER A 147 -15.29 -25.88 -13.59
N VAL A 148 -15.17 -26.44 -12.39
CA VAL A 148 -14.30 -27.59 -12.16
C VAL A 148 -14.87 -28.76 -12.95
N ARG A 149 -16.12 -29.10 -12.68
CA ARG A 149 -16.76 -30.19 -13.41
C ARG A 149 -16.64 -29.90 -14.89
N ALA A 150 -16.98 -28.67 -15.27
CA ALA A 150 -16.92 -28.23 -16.65
C ALA A 150 -15.56 -28.56 -17.24
N ALA A 151 -14.50 -28.36 -16.47
CA ALA A 151 -13.16 -28.65 -16.96
C ALA A 151 -12.88 -30.12 -16.76
N GLY A 152 -13.95 -30.88 -16.53
CA GLY A 152 -13.81 -32.32 -16.35
C GLY A 152 -13.12 -32.74 -15.07
N GLY A 153 -13.03 -31.84 -14.10
CA GLY A 153 -12.41 -32.19 -12.85
C GLY A 153 -13.48 -32.64 -11.88
N LYS A 154 -13.08 -33.06 -10.68
CA LYS A 154 -14.04 -33.48 -9.68
C LYS A 154 -13.69 -32.70 -8.43
N PRO A 155 -14.57 -31.78 -8.03
CA PRO A 155 -14.36 -30.95 -6.85
C PRO A 155 -14.80 -31.56 -5.54
N TYR A 156 -14.03 -31.25 -4.49
CA TYR A 156 -14.39 -31.68 -3.16
C TYR A 156 -14.77 -30.37 -2.50
N ALA A 157 -16.04 -30.22 -2.18
CA ALA A 157 -16.47 -28.98 -1.60
C ALA A 157 -16.15 -28.84 -0.14
N ILE A 158 -15.43 -27.78 0.21
CA ILE A 158 -15.12 -27.56 1.61
C ILE A 158 -15.79 -26.27 1.97
N PRO A 159 -16.86 -26.34 2.80
CA PRO A 159 -17.62 -25.16 3.23
C PRO A 159 -16.78 -24.23 4.09
N ALA A 160 -17.28 -23.02 4.33
CA ALA A 160 -16.55 -22.06 5.14
C ALA A 160 -15.94 -22.77 6.36
N GLY A 161 -14.70 -22.39 6.70
CA GLY A 161 -14.00 -22.98 7.83
C GLY A 161 -14.03 -24.48 8.01
N CYS A 162 -14.50 -25.22 7.02
CA CYS A 162 -14.60 -26.68 7.12
C CYS A 162 -15.67 -27.03 8.16
N SER A 163 -16.36 -26.02 8.69
CA SER A 163 -17.33 -26.26 9.75
C SER A 163 -18.61 -27.05 9.46
N ASP A 164 -19.46 -26.54 8.57
CA ASP A 164 -20.73 -27.18 8.23
C ASP A 164 -20.47 -28.34 7.27
N HIS A 165 -19.86 -29.39 7.77
CA HIS A 165 -19.53 -30.55 6.94
C HIS A 165 -19.66 -31.72 7.90
N PRO A 166 -19.97 -32.92 7.40
CA PRO A 166 -20.09 -34.03 8.33
C PRO A 166 -18.82 -34.33 9.14
N LEU A 167 -17.65 -34.16 8.51
CA LEU A 167 -16.38 -34.44 9.18
C LEU A 167 -15.75 -33.27 9.93
N GLY A 168 -16.15 -32.06 9.59
CA GLY A 168 -15.58 -30.86 10.20
C GLY A 168 -15.48 -30.73 11.71
N GLY A 169 -16.15 -31.60 12.46
CA GLY A 169 -16.07 -31.53 13.91
C GLY A 169 -15.03 -32.46 14.52
N LEU A 170 -14.57 -33.42 13.72
CA LEU A 170 -13.61 -34.41 14.14
C LEU A 170 -12.27 -33.86 14.62
N GLY A 171 -11.57 -33.17 13.72
CA GLY A 171 -10.29 -32.60 14.07
C GLY A 171 -10.24 -32.17 15.51
N PHE A 172 -11.16 -31.31 15.93
CA PHE A 172 -11.07 -30.87 17.30
C PHE A 172 -11.58 -31.80 18.40
N VAL A 173 -12.06 -32.98 18.02
CA VAL A 173 -12.48 -33.95 19.05
C VAL A 173 -11.11 -34.47 19.54
N GLY A 174 -10.26 -34.81 18.57
CA GLY A 174 -8.93 -35.31 18.88
C GLY A 174 -8.11 -34.26 19.58
N PHE A 175 -8.53 -33.00 19.47
CA PHE A 175 -7.82 -31.95 20.17
C PHE A 175 -7.94 -32.25 21.67
N ALA A 176 -9.18 -32.50 22.12
CA ALA A 176 -9.44 -32.81 23.54
C ALA A 176 -8.68 -34.07 23.96
N GLU A 177 -8.56 -34.98 23.01
CA GLU A 177 -7.91 -36.26 23.20
C GLU A 177 -6.41 -36.04 23.41
N GLU A 178 -5.91 -34.95 22.81
CA GLU A 178 -4.51 -34.61 22.91
C GLU A 178 -4.30 -33.99 24.24
N VAL A 179 -5.17 -33.05 24.59
CA VAL A 179 -5.03 -32.39 25.87
C VAL A 179 -5.05 -33.43 27.02
N ARG A 180 -5.78 -34.51 26.86
CA ARG A 180 -5.83 -35.53 27.91
C ARG A 180 -4.48 -36.24 28.05
N ALA A 181 -3.90 -36.64 26.93
CA ALA A 181 -2.59 -37.29 26.94
C ALA A 181 -1.56 -36.35 27.57
N GLN A 182 -1.57 -35.09 27.16
CA GLN A 182 -0.62 -34.12 27.69
C GLN A 182 -0.91 -33.88 29.16
N GLU A 183 -2.17 -33.89 29.54
CA GLU A 183 -2.52 -33.70 30.94
C GLU A 183 -1.98 -34.88 31.76
N ALA A 184 -1.96 -36.06 31.16
CA ALA A 184 -1.44 -37.24 31.84
C ALA A 184 -0.01 -36.91 32.25
N GLU A 185 0.87 -36.69 31.27
CA GLU A 185 2.26 -36.35 31.55
C GLU A 185 2.34 -35.09 32.43
N LEU A 186 1.28 -34.30 32.39
CA LEU A 186 1.24 -33.06 33.15
C LEU A 186 0.85 -33.26 34.60
N GLY A 187 0.33 -34.43 34.92
CA GLY A 187 -0.08 -34.66 36.29
C GLY A 187 -1.27 -33.82 36.70
N PHE A 188 -1.86 -33.08 35.77
CA PHE A 188 -3.03 -32.27 36.10
C PHE A 188 -3.88 -31.95 34.87
N LYS A 189 -5.15 -31.69 35.13
CA LYS A 189 -6.11 -31.36 34.07
C LYS A 189 -6.39 -29.86 34.08
N PHE A 190 -6.51 -29.28 32.89
CA PHE A 190 -6.80 -27.84 32.80
C PHE A 190 -8.25 -27.63 33.23
N ASP A 191 -8.48 -26.52 33.90
CA ASP A 191 -9.81 -26.19 34.37
C ASP A 191 -10.67 -25.59 33.27
N TYR A 192 -10.00 -25.03 32.25
CA TYR A 192 -10.71 -24.40 31.13
C TYR A 192 -9.96 -24.41 29.79
N VAL A 193 -10.66 -24.01 28.75
CA VAL A 193 -10.12 -23.92 27.39
C VAL A 193 -10.79 -22.73 26.72
N VAL A 194 -10.01 -21.72 26.39
CA VAL A 194 -10.53 -20.53 25.71
C VAL A 194 -10.29 -20.71 24.21
N VAL A 195 -11.35 -20.63 23.42
CA VAL A 195 -11.21 -20.79 21.98
C VAL A 195 -12.04 -19.75 21.24
N CYS A 196 -11.52 -19.30 20.09
CA CYS A 196 -12.22 -18.31 19.29
C CYS A 196 -13.21 -19.02 18.40
N SER A 197 -14.41 -18.45 18.31
CA SER A 197 -15.45 -19.09 17.54
C SER A 197 -16.13 -18.28 16.43
N VAL A 198 -16.16 -18.83 15.22
CA VAL A 198 -16.82 -18.14 14.13
C VAL A 198 -17.66 -19.07 13.28
N THR A 199 -17.08 -19.98 12.51
CA THR A 199 -17.94 -20.86 11.76
C THR A 199 -18.42 -22.01 12.67
N GLY A 200 -17.68 -22.30 13.73
CA GLY A 200 -18.16 -23.31 14.67
C GLY A 200 -17.61 -24.70 14.87
N SER A 201 -17.08 -25.36 13.86
CA SER A 201 -16.64 -26.71 14.12
C SER A 201 -15.41 -26.87 15.00
N THR A 202 -14.67 -25.81 15.30
CA THR A 202 -13.49 -25.96 16.16
C THR A 202 -14.02 -26.19 17.58
N GLN A 203 -14.84 -25.27 18.06
CA GLN A 203 -15.41 -25.38 19.39
C GLN A 203 -16.33 -26.59 19.47
N ALA A 204 -16.93 -26.96 18.33
CA ALA A 204 -17.82 -28.11 18.31
C ALA A 204 -17.04 -29.31 18.81
N GLY A 205 -16.00 -29.69 18.07
CA GLY A 205 -15.16 -30.82 18.45
C GLY A 205 -14.72 -30.81 19.91
N MET A 206 -14.32 -29.63 20.39
CA MET A 206 -13.88 -29.49 21.77
C MET A 206 -15.00 -29.79 22.75
N VAL A 207 -16.19 -29.30 22.44
CA VAL A 207 -17.34 -29.54 23.31
C VAL A 207 -17.57 -31.04 23.40
N VAL A 208 -17.49 -31.71 22.26
CA VAL A 208 -17.68 -33.15 22.19
C VAL A 208 -16.55 -33.88 22.87
N GLY A 209 -15.33 -33.52 22.48
CA GLY A 209 -14.14 -34.14 23.04
C GLY A 209 -14.03 -34.04 24.54
N PHE A 210 -14.40 -32.90 25.11
CA PHE A 210 -14.34 -32.70 26.54
C PHE A 210 -15.63 -33.14 27.25
N ALA A 211 -16.69 -33.30 26.48
CA ALA A 211 -17.94 -33.78 27.03
C ALA A 211 -17.60 -35.14 27.65
N ALA A 212 -16.91 -35.98 26.88
CA ALA A 212 -16.50 -37.31 27.33
C ALA A 212 -16.16 -37.29 28.81
N ASP A 213 -15.20 -36.47 29.21
CA ASP A 213 -14.84 -36.38 30.62
C ASP A 213 -15.53 -35.23 31.34
N GLY A 214 -16.74 -34.90 30.87
CA GLY A 214 -17.56 -33.85 31.45
C GLY A 214 -17.03 -32.44 31.63
N ARG A 215 -16.21 -31.97 30.69
CA ARG A 215 -15.69 -30.60 30.78
C ARG A 215 -16.22 -29.73 29.65
N ALA A 216 -17.11 -30.32 28.85
CA ALA A 216 -17.71 -29.62 27.72
C ALA A 216 -17.99 -28.14 28.03
N ASP A 217 -18.55 -27.87 29.20
CA ASP A 217 -18.88 -26.52 29.61
C ASP A 217 -17.68 -25.73 30.14
N ARG A 218 -16.50 -26.35 30.11
CA ARG A 218 -15.29 -25.68 30.57
C ARG A 218 -14.62 -25.02 29.37
N VAL A 219 -15.07 -25.41 28.18
CA VAL A 219 -14.58 -24.85 26.92
C VAL A 219 -15.28 -23.49 26.75
N ILE A 220 -14.57 -22.43 27.10
CA ILE A 220 -15.14 -21.08 26.97
C ILE A 220 -14.90 -20.51 25.58
N GLY A 221 -15.92 -20.58 24.73
CA GLY A 221 -15.81 -20.03 23.39
C GLY A 221 -15.97 -18.53 23.43
N VAL A 222 -15.21 -17.82 22.59
CA VAL A 222 -15.31 -16.36 22.50
C VAL A 222 -15.68 -16.05 21.05
N ASP A 223 -16.89 -15.49 20.90
CA ASP A 223 -17.43 -15.16 19.59
C ASP A 223 -16.67 -14.03 18.88
N ALA A 224 -16.37 -14.22 17.60
CA ALA A 224 -15.69 -13.18 16.84
C ALA A 224 -16.51 -12.88 15.59
N SER A 225 -17.68 -13.50 15.51
CA SER A 225 -18.59 -13.34 14.39
C SER A 225 -19.46 -12.10 14.52
N ALA A 226 -19.75 -11.71 15.74
CA ALA A 226 -20.62 -10.58 16.00
C ALA A 226 -22.09 -10.95 15.65
N LYS A 227 -22.33 -12.25 15.43
CA LYS A 227 -23.67 -12.79 15.18
C LYS A 227 -23.70 -14.03 16.09
N PRO A 228 -23.55 -13.81 17.41
CA PRO A 228 -23.52 -14.76 18.53
C PRO A 228 -24.55 -15.86 18.39
N ALA A 229 -25.79 -15.42 18.18
CA ALA A 229 -26.94 -16.31 18.02
C ALA A 229 -26.67 -17.39 17.01
N GLN A 230 -26.40 -16.99 15.76
CA GLN A 230 -26.15 -17.97 14.71
C GLN A 230 -24.96 -18.82 15.05
N THR A 231 -23.88 -18.13 15.43
CA THR A 231 -22.65 -18.82 15.77
C THR A 231 -22.92 -19.85 16.87
N ARG A 232 -23.48 -19.41 17.98
CA ARG A 232 -23.76 -20.35 19.06
C ARG A 232 -24.59 -21.53 18.57
N GLU A 233 -25.65 -21.26 17.81
CA GLU A 233 -26.53 -22.32 17.30
C GLU A 233 -25.76 -23.26 16.38
N GLN A 234 -24.80 -22.73 15.65
CA GLN A 234 -24.06 -23.60 14.75
C GLN A 234 -23.10 -24.48 15.54
N ILE A 235 -22.57 -23.96 16.64
CA ILE A 235 -21.67 -24.77 17.45
C ILE A 235 -22.54 -25.89 18.02
N THR A 236 -23.56 -25.48 18.77
CA THR A 236 -24.49 -26.41 19.39
C THR A 236 -24.94 -27.49 18.40
N ARG A 237 -25.32 -27.06 17.20
CA ARG A 237 -25.75 -28.01 16.19
C ARG A 237 -24.66 -28.93 15.73
N ILE A 238 -23.53 -28.34 15.35
CA ILE A 238 -22.41 -29.12 14.87
C ILE A 238 -21.91 -30.12 15.92
N ALA A 239 -21.96 -29.70 17.18
CA ALA A 239 -21.53 -30.59 18.23
C ALA A 239 -22.44 -31.83 18.25
N ARG A 240 -23.71 -31.63 18.54
CA ARG A 240 -24.67 -32.75 18.58
C ARG A 240 -24.40 -33.78 17.47
N GLN A 241 -24.34 -33.31 16.24
CA GLN A 241 -24.08 -34.16 15.09
C GLN A 241 -22.77 -34.91 15.21
N THR A 242 -21.71 -34.20 15.61
CA THR A 242 -20.40 -34.82 15.73
C THR A 242 -20.41 -35.86 16.82
N ALA A 243 -21.01 -35.49 17.95
CA ALA A 243 -21.11 -36.40 19.10
C ALA A 243 -21.69 -37.70 18.55
N GLU A 244 -22.76 -37.61 17.78
CA GLU A 244 -23.34 -38.79 17.17
C GLU A 244 -22.20 -39.50 16.43
N LYS A 245 -21.64 -38.84 15.43
CA LYS A 245 -20.55 -39.41 14.63
C LYS A 245 -19.43 -40.16 15.38
N VAL A 246 -19.21 -39.86 16.65
CA VAL A 246 -18.13 -40.53 17.37
C VAL A 246 -18.57 -41.52 18.42
N GLY A 247 -19.76 -41.32 18.99
CA GLY A 247 -20.26 -42.24 19.99
C GLY A 247 -20.33 -41.65 21.37
N LEU A 248 -20.46 -40.33 21.44
CA LEU A 248 -20.54 -39.67 22.72
C LEU A 248 -21.62 -40.33 23.59
N GLU A 249 -21.19 -41.06 24.60
CA GLU A 249 -22.09 -41.75 25.50
C GLU A 249 -22.96 -40.78 26.30
N ARG A 250 -22.99 -39.53 25.84
CA ARG A 250 -23.78 -38.50 26.49
C ARG A 250 -24.37 -37.57 25.43
N ASP A 251 -25.28 -36.69 25.83
CA ASP A 251 -25.90 -35.78 24.88
C ASP A 251 -25.37 -34.37 25.10
N ILE A 252 -25.32 -33.58 24.04
CA ILE A 252 -24.84 -32.20 24.16
C ILE A 252 -25.98 -31.29 24.55
N MET A 253 -25.95 -30.74 25.75
CA MET A 253 -27.00 -29.84 26.21
C MET A 253 -26.70 -28.41 25.81
N ARG A 254 -27.74 -27.58 25.77
CA ARG A 254 -27.59 -26.17 25.45
C ARG A 254 -26.91 -25.51 26.63
N ALA A 255 -26.24 -26.31 27.46
CA ALA A 255 -25.54 -25.79 28.63
C ALA A 255 -24.08 -26.15 28.49
N ASP A 256 -23.79 -27.07 27.56
CA ASP A 256 -22.43 -27.50 27.28
C ASP A 256 -21.77 -26.52 26.30
N VAL A 257 -22.58 -25.83 25.52
CA VAL A 257 -22.07 -24.85 24.56
C VAL A 257 -21.97 -23.48 25.18
N VAL A 258 -20.75 -23.06 25.51
CA VAL A 258 -20.54 -21.76 26.10
C VAL A 258 -19.95 -20.82 25.06
N LEU A 259 -20.43 -19.58 25.02
CA LEU A 259 -19.94 -18.63 24.04
C LEU A 259 -20.05 -17.22 24.57
N ASP A 260 -18.93 -16.63 25.01
CA ASP A 260 -18.97 -15.27 25.51
C ASP A 260 -19.11 -14.35 24.32
N GLU A 261 -19.95 -13.33 24.44
CA GLU A 261 -20.20 -12.43 23.32
C GLU A 261 -19.64 -11.04 23.58
N ARG A 262 -18.94 -10.86 24.68
CA ARG A 262 -18.39 -9.53 24.99
C ARG A 262 -17.17 -9.07 24.19
N PHE A 263 -16.58 -9.92 23.35
CA PHE A 263 -15.36 -9.50 22.67
C PHE A 263 -15.34 -9.53 21.16
N ALA A 264 -16.50 -9.69 20.53
CA ALA A 264 -16.57 -9.78 19.09
C ALA A 264 -16.71 -8.48 18.32
N GLY A 265 -16.99 -7.38 19.01
CA GLY A 265 -17.19 -6.11 18.35
C GLY A 265 -16.00 -5.47 17.65
N PRO A 266 -16.23 -4.52 16.74
CA PRO A 266 -17.59 -4.09 16.41
C PRO A 266 -18.31 -4.98 15.41
N GLU A 267 -17.54 -5.61 14.55
CA GLU A 267 -18.11 -6.45 13.53
C GLU A 267 -17.11 -7.56 13.21
N TYR A 268 -17.54 -8.55 12.44
CA TYR A 268 -16.60 -9.59 12.08
C TYR A 268 -15.46 -8.89 11.31
N GLY A 269 -14.22 -9.27 11.60
CA GLY A 269 -13.08 -8.72 10.88
C GLY A 269 -12.59 -7.35 11.29
N LEU A 270 -13.25 -6.73 12.26
CA LEU A 270 -12.85 -5.43 12.72
C LEU A 270 -12.49 -5.55 14.20
N PRO A 271 -11.34 -5.01 14.61
CA PRO A 271 -10.92 -5.08 16.01
C PRO A 271 -11.47 -3.88 16.78
N ASN A 272 -11.57 -3.98 18.10
CA ASN A 272 -11.98 -2.84 18.91
C ASN A 272 -10.69 -2.49 19.67
N GLU A 273 -10.69 -1.45 20.49
CA GLU A 273 -9.45 -1.08 21.20
C GLU A 273 -8.97 -2.13 22.19
N GLY A 274 -9.88 -2.99 22.65
CA GLY A 274 -9.51 -4.02 23.59
C GLY A 274 -8.78 -5.11 22.83
N THR A 275 -9.22 -5.34 21.61
CA THR A 275 -8.59 -6.35 20.75
C THR A 275 -7.14 -5.96 20.51
N LEU A 276 -6.90 -4.70 20.19
CA LEU A 276 -5.54 -4.23 19.92
C LEU A 276 -4.65 -4.28 21.14
N GLU A 277 -5.17 -3.83 22.28
CA GLU A 277 -4.45 -3.83 23.55
C GLU A 277 -4.10 -5.25 23.96
N ALA A 278 -5.02 -6.17 23.71
CA ALA A 278 -4.80 -7.58 24.03
C ALA A 278 -3.70 -8.16 23.15
N ILE A 279 -3.72 -7.82 21.87
CA ILE A 279 -2.70 -8.33 20.98
C ILE A 279 -1.36 -7.82 21.46
N ARG A 280 -1.28 -6.53 21.74
CA ARG A 280 -0.01 -5.98 22.19
C ARG A 280 0.41 -6.54 23.55
N LEU A 281 -0.55 -6.66 24.48
CA LEU A 281 -0.21 -7.15 25.81
C LEU A 281 0.45 -8.51 25.72
N CYS A 282 -0.25 -9.42 25.06
CA CYS A 282 0.22 -10.77 24.91
C CYS A 282 1.49 -10.89 24.09
N ALA A 283 1.60 -10.14 23.01
CA ALA A 283 2.80 -10.22 22.18
C ALA A 283 4.00 -9.68 22.95
N ARG A 284 3.76 -8.69 23.79
CA ARG A 284 4.83 -8.06 24.51
C ARG A 284 5.29 -8.78 25.77
N THR A 285 4.45 -9.68 26.28
CA THR A 285 4.78 -10.43 27.47
C THR A 285 5.21 -11.83 27.12
N GLU A 286 4.73 -12.35 26.00
CA GLU A 286 5.06 -13.72 25.63
C GLU A 286 5.76 -13.87 24.29
N GLY A 287 5.78 -12.80 23.50
CA GLY A 287 6.41 -12.91 22.21
C GLY A 287 5.54 -13.81 21.36
N MET A 288 4.25 -13.79 21.70
CA MET A 288 3.24 -14.56 21.00
C MET A 288 2.23 -13.57 20.39
N LEU A 289 2.17 -13.59 19.07
CA LEU A 289 1.29 -12.69 18.30
C LEU A 289 -0.08 -13.30 18.08
N THR A 290 -1.11 -12.47 18.04
CA THR A 290 -2.48 -12.91 17.75
C THR A 290 -2.98 -11.87 16.75
N ASP A 291 -4.00 -12.19 15.97
CA ASP A 291 -4.50 -11.22 14.95
C ASP A 291 -5.71 -10.40 15.37
N PRO A 292 -6.01 -9.30 14.65
CA PRO A 292 -7.15 -8.44 14.98
C PRO A 292 -8.55 -8.95 14.62
N VAL A 293 -8.62 -10.05 13.89
CA VAL A 293 -9.90 -10.67 13.44
C VAL A 293 -10.38 -11.81 14.35
N TYR A 294 -9.48 -12.74 14.65
CA TYR A 294 -9.81 -13.91 15.45
C TYR A 294 -9.17 -14.00 16.83
N GLU A 295 -7.95 -14.54 16.87
CA GLU A 295 -7.23 -14.78 18.11
C GLU A 295 -7.08 -13.61 19.04
N GLY A 296 -6.98 -12.42 18.46
CA GLY A 296 -6.85 -11.23 19.25
C GLY A 296 -8.10 -11.03 20.06
N LYS A 297 -9.23 -11.49 19.54
CA LYS A 297 -10.49 -11.33 20.26
C LYS A 297 -10.60 -12.36 21.40
N SER A 298 -10.19 -13.60 21.14
CA SER A 298 -10.22 -14.64 22.18
C SER A 298 -9.19 -14.32 23.27
N MET A 299 -8.05 -13.74 22.86
CA MET A 299 -7.01 -13.37 23.82
C MET A 299 -7.59 -12.26 24.67
N HIS A 300 -8.20 -11.29 24.02
CA HIS A 300 -8.85 -10.17 24.70
C HIS A 300 -9.82 -10.76 25.73
N GLY A 301 -10.57 -11.78 25.29
CA GLY A 301 -11.52 -12.43 26.17
C GLY A 301 -10.91 -12.94 27.46
N MET A 302 -9.87 -13.76 27.31
CA MET A 302 -9.19 -14.33 28.45
C MET A 302 -8.60 -13.27 29.40
N ILE A 303 -7.86 -12.32 28.87
CA ILE A 303 -7.26 -11.30 29.71
C ILE A 303 -8.31 -10.61 30.55
N GLU A 304 -9.47 -10.38 29.94
CA GLU A 304 -10.58 -9.70 30.59
C GLU A 304 -11.21 -10.65 31.62
N MET A 305 -11.43 -11.90 31.23
CA MET A 305 -12.01 -12.86 32.15
C MET A 305 -11.11 -12.89 33.37
N VAL A 306 -9.84 -13.17 33.15
CA VAL A 306 -8.88 -13.21 34.23
C VAL A 306 -8.99 -11.91 35.02
N ARG A 307 -8.75 -10.77 34.36
CA ARG A 307 -8.80 -9.48 35.03
C ARG A 307 -10.08 -9.21 35.80
N ASN A 308 -11.18 -9.84 35.40
CA ASN A 308 -12.43 -9.63 36.09
C ASN A 308 -12.65 -10.69 37.16
N GLY A 309 -11.58 -11.42 37.47
CA GLY A 309 -11.67 -12.46 38.47
C GLY A 309 -12.69 -13.52 38.10
N GLU A 310 -13.18 -13.50 36.87
CA GLU A 310 -14.16 -14.50 36.45
C GLU A 310 -13.60 -15.92 36.55
N PHE A 311 -12.28 -16.02 36.57
CA PHE A 311 -11.66 -17.33 36.69
C PHE A 311 -11.31 -17.58 38.15
N PRO A 312 -11.62 -18.79 38.66
CA PRO A 312 -11.34 -19.17 40.05
C PRO A 312 -9.85 -19.15 40.33
N GLU A 313 -9.41 -18.39 41.32
CA GLU A 313 -7.99 -18.33 41.62
C GLU A 313 -7.49 -19.77 41.62
N GLY A 314 -6.28 -19.98 41.12
CA GLY A 314 -5.74 -21.32 41.06
C GLY A 314 -6.15 -22.05 39.80
N SER A 315 -7.07 -21.46 39.04
CA SER A 315 -7.51 -22.08 37.79
C SER A 315 -6.38 -22.15 36.78
N ARG A 316 -6.39 -23.18 35.94
CA ARG A 316 -5.40 -23.32 34.89
C ARG A 316 -6.17 -23.31 33.57
N VAL A 317 -6.03 -22.20 32.84
CA VAL A 317 -6.73 -22.01 31.57
C VAL A 317 -5.84 -22.30 30.35
N LEU A 318 -6.34 -23.13 29.46
CA LEU A 318 -5.60 -23.45 28.24
C LEU A 318 -6.13 -22.64 27.05
N TYR A 319 -5.31 -21.67 26.62
CA TYR A 319 -5.68 -20.84 25.47
C TYR A 319 -5.32 -21.56 24.21
N ALA A 320 -6.32 -21.81 23.38
CA ALA A 320 -6.10 -22.46 22.10
C ALA A 320 -5.71 -21.37 21.11
N HIS A 321 -4.47 -21.39 20.61
CA HIS A 321 -4.11 -20.37 19.61
C HIS A 321 -4.32 -21.07 18.28
N LEU A 322 -5.34 -20.61 17.56
CA LEU A 322 -5.74 -21.22 16.30
C LEU A 322 -5.01 -20.82 15.02
N GLY A 323 -4.18 -19.76 15.08
CA GLY A 323 -3.43 -19.28 13.92
C GLY A 323 -3.93 -17.87 13.58
N GLY A 324 -3.98 -17.52 12.30
CA GLY A 324 -4.53 -16.23 11.93
C GLY A 324 -3.55 -15.07 11.82
N VAL A 325 -2.33 -15.30 12.27
CA VAL A 325 -1.32 -14.25 12.25
C VAL A 325 -1.06 -13.58 10.91
N PRO A 326 -0.89 -14.33 9.80
CA PRO A 326 -0.64 -13.63 8.54
C PRO A 326 -1.60 -12.47 8.17
N ALA A 327 -2.83 -12.49 8.69
CA ALA A 327 -3.83 -11.45 8.38
C ALA A 327 -3.48 -10.06 8.93
N LEU A 328 -2.50 -10.02 9.83
CA LEU A 328 -2.01 -8.81 10.45
C LEU A 328 -1.55 -7.80 9.36
N ASN A 329 -1.00 -8.36 8.30
CA ASN A 329 -0.52 -7.60 7.14
C ASN A 329 -1.60 -6.80 6.48
N GLY A 330 -2.86 -7.22 6.68
CA GLY A 330 -3.97 -6.51 6.07
C GLY A 330 -4.40 -5.35 6.94
N TYR A 331 -3.77 -5.17 8.09
CA TYR A 331 -4.15 -4.07 8.99
C TYR A 331 -2.93 -3.25 9.39
N SER A 332 -2.04 -3.06 8.44
CA SER A 332 -0.80 -2.33 8.70
C SER A 332 -0.90 -0.95 9.32
N PHE A 333 -1.91 -0.17 8.95
CA PHE A 333 -2.02 1.21 9.48
C PHE A 333 -2.25 1.30 10.98
N ILE A 334 -2.99 0.32 11.48
CA ILE A 334 -3.33 0.23 12.89
C ILE A 334 -2.09 -0.04 13.71
N PHE A 335 -1.13 -0.77 13.14
CA PHE A 335 0.07 -1.10 13.90
C PHE A 335 1.34 -0.39 13.43
N ARG A 336 1.17 0.71 12.69
CA ARG A 336 2.32 1.45 12.17
C ARG A 336 3.32 1.87 13.25
N ASP A 337 2.85 2.15 14.45
CA ASP A 337 3.76 2.50 15.54
C ASP A 337 3.67 1.42 16.60
N GLY A 338 3.27 0.22 16.19
CA GLY A 338 3.14 -0.86 17.15
C GLY A 338 1.70 -1.06 17.58
N MET B 1 35.36 -32.73 18.87
CA MET B 1 34.71 -31.47 19.31
C MET B 1 33.70 -31.69 20.45
N ASN B 2 33.33 -30.61 21.12
CA ASN B 2 32.41 -30.69 22.23
C ASN B 2 31.53 -29.45 22.35
N LEU B 3 30.33 -29.52 21.77
CA LEU B 3 29.39 -28.41 21.78
C LEU B 3 28.69 -28.31 23.14
N GLN B 4 28.34 -29.46 23.70
CA GLN B 4 27.65 -29.53 24.98
C GLN B 4 28.28 -28.64 26.05
N ARG B 5 29.56 -28.34 25.89
CA ARG B 5 30.24 -27.49 26.85
C ARG B 5 29.47 -26.18 26.99
N PHE B 6 28.90 -25.71 25.88
CA PHE B 6 28.16 -24.44 25.89
C PHE B 6 26.68 -24.54 26.18
N PRO B 7 26.19 -23.69 27.08
CA PRO B 7 24.79 -23.66 27.49
C PRO B 7 23.89 -23.19 26.35
N ARG B 8 22.67 -23.70 26.34
CA ARG B 8 21.68 -23.39 25.31
C ARG B 8 20.34 -23.07 25.97
N TYR B 9 19.79 -21.91 25.65
CA TYR B 9 18.52 -21.48 26.22
C TYR B 9 17.35 -21.82 25.28
N PRO B 10 16.50 -22.76 25.69
CA PRO B 10 15.34 -23.19 24.90
C PRO B 10 14.45 -22.08 24.34
N LEU B 11 14.51 -21.88 23.02
CA LEU B 11 13.72 -20.87 22.32
C LEU B 11 12.95 -21.57 21.21
N THR B 12 13.19 -22.88 21.10
CA THR B 12 12.56 -23.68 20.07
C THR B 12 11.69 -24.79 20.66
N PHE B 13 10.83 -25.38 19.84
CA PHE B 13 9.97 -26.49 20.31
C PHE B 13 10.87 -27.71 20.47
N GLY B 14 12.02 -27.70 19.81
CA GLY B 14 12.92 -28.84 19.90
C GLY B 14 13.54 -29.13 18.55
N PRO B 15 13.98 -30.37 18.30
CA PRO B 15 14.58 -30.66 16.99
C PRO B 15 13.62 -30.47 15.83
N THR B 16 14.12 -29.84 14.76
CA THR B 16 13.30 -29.58 13.58
C THR B 16 13.10 -30.82 12.72
N PRO B 17 11.86 -30.99 12.23
CA PRO B 17 11.50 -32.13 11.39
C PRO B 17 12.04 -32.05 9.99
N ILE B 18 12.27 -33.22 9.40
CA ILE B 18 12.74 -33.37 8.05
C ILE B 18 11.56 -33.95 7.28
N GLN B 19 11.30 -33.40 6.10
CA GLN B 19 10.18 -33.84 5.29
C GLN B 19 10.64 -34.15 3.87
N PRO B 20 9.95 -35.09 3.24
CA PRO B 20 10.27 -35.47 1.86
C PRO B 20 9.64 -34.43 0.94
N LEU B 21 10.32 -34.10 -0.16
CA LEU B 21 9.80 -33.17 -1.16
C LEU B 21 9.65 -34.10 -2.37
N ALA B 22 8.75 -35.07 -2.18
CA ALA B 22 8.43 -36.08 -3.18
C ALA B 22 7.92 -35.49 -4.49
N ARG B 23 6.88 -34.67 -4.40
CA ARG B 23 6.28 -34.06 -5.58
C ARG B 23 7.31 -33.24 -6.35
N LEU B 24 8.02 -32.36 -5.66
CA LEU B 24 9.02 -31.55 -6.32
C LEU B 24 10.11 -32.46 -6.89
N SER B 25 10.53 -33.43 -6.10
CA SER B 25 11.57 -34.36 -6.55
C SER B 25 11.11 -35.03 -7.84
N LYS B 26 9.88 -35.55 -7.83
CA LYS B 26 9.35 -36.24 -9.00
C LYS B 26 9.19 -35.30 -10.20
N HIS B 27 8.78 -34.07 -9.93
CA HIS B 27 8.60 -33.09 -10.99
C HIS B 27 9.90 -32.80 -11.73
N LEU B 28 11.01 -32.77 -10.98
CA LEU B 28 12.30 -32.47 -11.57
C LEU B 28 12.97 -33.68 -12.23
N GLY B 29 12.31 -34.84 -12.19
CA GLY B 29 12.89 -36.02 -12.83
C GLY B 29 12.99 -37.33 -12.07
N GLY B 30 12.88 -37.29 -10.75
CA GLY B 30 12.96 -38.50 -9.96
C GLY B 30 14.38 -38.97 -9.70
N LYS B 31 15.35 -38.33 -10.34
CA LYS B 31 16.73 -38.75 -10.18
C LYS B 31 17.44 -38.30 -8.90
N VAL B 32 16.82 -37.39 -8.18
CA VAL B 32 17.41 -36.86 -6.96
C VAL B 32 16.35 -36.73 -5.89
N HIS B 33 16.63 -37.26 -4.70
CA HIS B 33 15.69 -37.20 -3.60
C HIS B 33 15.92 -35.93 -2.79
N LEU B 34 14.92 -35.04 -2.80
CA LEU B 34 15.01 -33.78 -2.07
C LEU B 34 14.18 -33.82 -0.82
N TYR B 35 14.73 -33.26 0.26
CA TYR B 35 14.08 -33.20 1.56
C TYR B 35 14.25 -31.80 2.13
N ALA B 36 13.49 -31.47 3.17
CA ALA B 36 13.57 -30.16 3.78
C ALA B 36 13.57 -30.24 5.30
N LYS B 37 14.56 -29.63 5.92
CA LYS B 37 14.61 -29.62 7.36
C LYS B 37 13.99 -28.27 7.67
N ARG B 38 12.89 -28.29 8.39
CA ARG B 38 12.16 -27.06 8.68
C ARG B 38 12.63 -26.19 9.83
N GLU B 39 13.69 -25.41 9.61
CA GLU B 39 14.14 -24.50 10.66
C GLU B 39 13.10 -23.37 10.75
N ASP B 40 12.36 -23.16 9.67
CA ASP B 40 11.31 -22.14 9.64
C ASP B 40 10.10 -22.47 10.51
N CYS B 41 10.06 -23.69 11.04
CA CYS B 41 8.93 -24.10 11.90
C CYS B 41 9.44 -24.44 13.29
N ASN B 42 10.57 -23.87 13.70
CA ASN B 42 11.16 -24.24 14.97
C ASN B 42 10.73 -23.55 16.25
N SER B 43 9.86 -22.56 16.16
CA SER B 43 9.47 -21.87 17.38
C SER B 43 8.11 -21.17 17.40
N GLY B 44 7.61 -20.92 18.61
CA GLY B 44 6.34 -20.23 18.78
C GLY B 44 6.53 -18.71 18.86
N LEU B 45 7.79 -18.27 18.83
CA LEU B 45 8.11 -16.84 18.93
C LEU B 45 8.09 -16.18 17.55
N ALA B 46 6.90 -15.74 17.17
CA ALA B 46 6.65 -15.07 15.90
C ALA B 46 7.35 -15.70 14.70
N PHE B 47 7.07 -16.99 14.53
CA PHE B 47 7.57 -17.82 13.42
C PHE B 47 9.01 -18.32 13.52
N GLY B 48 9.81 -17.66 14.34
CA GLY B 48 11.19 -18.08 14.52
C GLY B 48 11.99 -18.20 13.25
N GLY B 49 12.70 -19.31 13.12
CA GLY B 49 13.55 -19.53 11.95
C GLY B 49 15.03 -19.74 12.40
N ASN B 50 15.91 -19.91 11.43
CA ASN B 50 17.35 -20.15 11.66
C ASN B 50 18.01 -19.23 12.70
N LYS B 51 17.66 -17.95 12.70
CA LYS B 51 18.23 -16.99 13.64
C LYS B 51 17.88 -17.38 15.05
N THR B 52 16.72 -17.98 15.21
CA THR B 52 16.27 -18.42 16.51
C THR B 52 17.14 -19.58 17.01
N ARG B 53 17.59 -20.45 16.13
CA ARG B 53 18.42 -21.54 16.59
C ARG B 53 19.73 -20.92 17.11
N LYS B 54 20.23 -19.91 16.39
CA LYS B 54 21.46 -19.21 16.77
C LYS B 54 21.29 -18.61 18.14
N LEU B 55 20.24 -17.83 18.32
CA LEU B 55 19.98 -17.16 19.59
C LEU B 55 20.06 -18.02 20.87
N GLU B 56 19.58 -19.25 20.82
CA GLU B 56 19.62 -20.13 21.99
C GLU B 56 21.02 -20.20 22.63
N TYR B 57 22.05 -19.98 21.85
CA TYR B 57 23.41 -20.02 22.36
C TYR B 57 23.90 -18.67 22.87
N LEU B 58 23.29 -17.58 22.39
CA LEU B 58 23.71 -16.28 22.86
C LEU B 58 22.97 -15.81 24.09
N ILE B 59 21.70 -16.20 24.22
CA ILE B 59 20.91 -15.73 25.36
C ILE B 59 21.56 -15.97 26.73
N PRO B 60 22.04 -17.19 26.99
CA PRO B 60 22.67 -17.49 28.28
C PRO B 60 23.68 -16.40 28.69
N GLU B 61 24.53 -16.00 27.74
CA GLU B 61 25.54 -14.96 27.97
C GLU B 61 24.89 -13.62 28.27
N ALA B 62 23.77 -13.35 27.63
CA ALA B 62 23.08 -12.09 27.87
C ALA B 62 22.56 -12.13 29.31
N LEU B 63 21.93 -13.24 29.66
CA LEU B 63 21.39 -13.42 30.99
C LEU B 63 22.50 -13.40 32.03
N ALA B 64 23.55 -14.17 31.76
CA ALA B 64 24.68 -14.22 32.67
C ALA B 64 25.12 -12.78 32.91
N GLN B 65 25.45 -12.10 31.82
CA GLN B 65 25.89 -10.71 31.86
C GLN B 65 24.90 -9.76 32.54
N GLY B 66 23.75 -10.27 32.97
CA GLY B 66 22.78 -9.40 33.60
C GLY B 66 22.23 -8.32 32.69
N CYS B 67 22.35 -8.53 31.38
CA CYS B 67 21.86 -7.57 30.37
C CYS B 67 20.34 -7.44 30.46
N ASP B 68 19.80 -6.28 30.08
CA ASP B 68 18.35 -6.10 30.15
C ASP B 68 17.72 -5.67 28.83
N THR B 69 18.54 -5.47 27.81
CA THR B 69 18.05 -5.03 26.53
C THR B 69 18.86 -5.69 25.44
N LEU B 70 18.19 -6.32 24.48
CA LEU B 70 18.87 -6.94 23.35
C LEU B 70 18.86 -5.92 22.22
N VAL B 71 20.03 -5.69 21.64
CA VAL B 71 20.17 -4.72 20.56
C VAL B 71 20.66 -5.41 19.28
N SER B 72 19.92 -5.26 18.19
CA SER B 72 20.35 -5.87 16.95
C SER B 72 20.15 -4.96 15.75
N ILE B 73 20.36 -5.51 14.55
CA ILE B 73 20.29 -4.69 13.38
C ILE B 73 20.08 -5.51 12.11
N GLY B 74 19.51 -4.85 11.10
CA GLY B 74 19.26 -5.49 9.81
C GLY B 74 18.46 -4.57 8.89
N GLY B 75 18.18 -5.05 7.68
CA GLY B 75 17.42 -4.25 6.73
C GLY B 75 16.00 -4.05 7.23
N ILE B 76 15.20 -3.34 6.44
CA ILE B 76 13.82 -3.11 6.84
C ILE B 76 13.04 -4.42 7.07
N GLN B 77 13.17 -5.37 6.16
CA GLN B 77 12.44 -6.65 6.25
C GLN B 77 13.28 -7.77 6.83
N SER B 78 14.22 -7.38 7.68
CA SER B 78 15.10 -8.33 8.35
C SER B 78 14.35 -9.39 9.18
N ASN B 79 14.72 -10.65 9.05
CA ASN B 79 14.12 -11.73 9.84
C ASN B 79 14.82 -11.72 11.20
N GLN B 80 16.12 -11.45 11.20
CA GLN B 80 16.90 -11.40 12.44
C GLN B 80 16.26 -10.50 13.48
N THR B 81 16.10 -9.22 13.14
CA THR B 81 15.55 -8.27 14.06
C THR B 81 14.16 -8.68 14.59
N ARG B 82 13.33 -9.32 13.76
CA ARG B 82 12.00 -9.73 14.22
C ARG B 82 12.16 -10.80 15.28
N GLN B 83 13.06 -11.76 15.06
CA GLN B 83 13.29 -12.81 16.03
C GLN B 83 13.86 -12.28 17.34
N VAL B 84 14.79 -11.33 17.25
CA VAL B 84 15.36 -10.76 18.48
C VAL B 84 14.23 -10.10 19.29
N ALA B 85 13.36 -9.39 18.59
CA ALA B 85 12.23 -8.74 19.24
C ALA B 85 11.33 -9.77 19.95
N ALA B 86 11.06 -10.89 19.30
CA ALA B 86 10.20 -11.91 19.92
C ALA B 86 10.92 -12.55 21.11
N VAL B 87 12.17 -12.97 20.89
CA VAL B 87 12.97 -13.58 21.95
C VAL B 87 12.99 -12.60 23.13
N ALA B 88 13.28 -11.34 22.83
CA ALA B 88 13.33 -10.29 23.84
C ALA B 88 12.11 -10.28 24.74
N ALA B 89 10.93 -10.07 24.14
CA ALA B 89 9.68 -10.02 24.88
C ALA B 89 9.49 -11.28 25.71
N HIS B 90 9.80 -12.43 25.13
CA HIS B 90 9.67 -13.72 25.79
C HIS B 90 10.56 -13.82 27.03
N LEU B 91 11.75 -13.22 26.93
CA LEU B 91 12.67 -13.23 28.05
C LEU B 91 12.29 -12.11 29.02
N GLY B 92 11.45 -11.19 28.57
CA GLY B 92 11.07 -10.08 29.44
C GLY B 92 12.11 -8.97 29.35
N MET B 93 12.84 -8.94 28.23
CA MET B 93 13.89 -7.96 28.01
C MET B 93 13.49 -6.82 27.10
N LYS B 94 14.26 -5.74 27.14
CA LYS B 94 14.02 -4.59 26.28
C LYS B 94 14.62 -4.94 24.93
N CYS B 95 14.23 -4.20 23.90
CA CYS B 95 14.76 -4.46 22.57
C CYS B 95 14.87 -3.21 21.73
N VAL B 96 16.07 -3.01 21.22
CA VAL B 96 16.36 -1.89 20.36
C VAL B 96 16.89 -2.45 19.05
N LEU B 97 16.25 -2.04 17.96
CA LEU B 97 16.60 -2.52 16.66
C LEU B 97 16.90 -1.39 15.70
N VAL B 98 17.96 -1.60 14.96
CA VAL B 98 18.40 -0.62 13.99
C VAL B 98 18.07 -1.19 12.62
N GLN B 99 16.95 -0.73 12.06
CA GLN B 99 16.53 -1.20 10.75
C GLN B 99 17.13 -0.26 9.73
N GLU B 100 18.07 -0.74 8.96
CA GLU B 100 18.69 0.09 7.95
C GLU B 100 18.06 -0.18 6.59
N ASN B 101 18.28 0.72 5.66
CA ASN B 101 17.76 0.57 4.32
C ASN B 101 18.81 -0.18 3.48
N TRP B 102 18.79 -1.51 3.58
CA TRP B 102 19.75 -2.34 2.86
C TRP B 102 19.30 -2.83 1.50
N VAL B 103 18.13 -2.43 1.05
CA VAL B 103 17.64 -2.94 -0.22
C VAL B 103 17.14 -1.83 -1.12
N ASN B 104 17.52 -1.91 -2.40
CA ASN B 104 17.08 -0.90 -3.34
C ASN B 104 15.72 -1.27 -3.87
N TYR B 105 14.75 -1.41 -2.97
CA TYR B 105 13.37 -1.77 -3.35
C TYR B 105 12.51 -0.65 -2.84
N SER B 106 11.54 -0.23 -3.64
CA SER B 106 10.64 0.83 -3.26
C SER B 106 9.22 0.27 -3.24
N ASP B 107 8.70 0.05 -2.05
CA ASP B 107 7.37 -0.48 -1.92
C ASP B 107 6.65 0.34 -0.86
N ALA B 108 5.41 0.73 -1.14
CA ALA B 108 4.63 1.56 -0.24
C ALA B 108 4.38 1.06 1.19
N VAL B 109 4.49 -0.24 1.45
CA VAL B 109 4.22 -0.72 2.82
C VAL B 109 5.40 -1.54 3.32
N TYR B 110 6.55 -1.36 2.68
CA TYR B 110 7.74 -2.14 3.00
C TYR B 110 8.16 -2.10 4.46
N ASP B 111 7.94 -0.94 5.08
CA ASP B 111 8.32 -0.72 6.46
C ASP B 111 7.13 -0.78 7.39
N ARG B 112 6.05 -1.42 6.96
CA ARG B 112 4.83 -1.54 7.76
C ARG B 112 4.11 -2.87 7.77
N VAL B 113 4.64 -3.85 7.05
CA VAL B 113 4.05 -5.19 6.97
C VAL B 113 5.13 -6.18 7.32
N GLY B 114 4.76 -7.47 7.30
CA GLY B 114 5.73 -8.51 7.58
C GLY B 114 6.54 -8.43 8.87
N ASN B 115 7.84 -8.69 8.73
CA ASN B 115 8.78 -8.70 9.87
C ASN B 115 8.77 -7.47 10.74
N ILE B 116 9.04 -6.30 10.16
CA ILE B 116 9.09 -5.08 10.95
C ILE B 116 7.77 -4.82 11.68
N GLN B 117 6.66 -5.13 11.03
CA GLN B 117 5.36 -4.96 11.67
C GLN B 117 5.31 -5.75 13.00
N MET B 118 5.75 -7.00 12.94
CA MET B 118 5.79 -7.86 14.11
C MET B 118 6.72 -7.28 15.20
N SER B 119 7.90 -6.82 14.81
CA SER B 119 8.82 -6.24 15.76
C SER B 119 8.19 -5.10 16.56
N ARG B 120 7.31 -4.32 15.93
CA ARG B 120 6.68 -3.21 16.64
C ARG B 120 5.57 -3.71 17.57
N ILE B 121 4.79 -4.67 17.07
CA ILE B 121 3.74 -5.20 17.90
C ILE B 121 4.41 -5.90 19.10
N LEU B 122 5.54 -6.55 18.84
CA LEU B 122 6.28 -7.24 19.89
C LEU B 122 6.90 -6.27 20.91
N GLY B 123 6.73 -4.96 20.66
CA GLY B 123 7.19 -3.92 21.57
C GLY B 123 8.62 -3.45 21.48
N ALA B 124 9.32 -3.80 20.40
CA ALA B 124 10.69 -3.39 20.20
C ALA B 124 10.76 -1.90 19.80
N ASP B 125 11.88 -1.26 20.14
CA ASP B 125 12.10 0.15 19.79
C ASP B 125 12.64 0.02 18.38
N VAL B 126 11.83 0.31 17.37
CA VAL B 126 12.30 0.16 15.99
C VAL B 126 12.80 1.45 15.37
N ARG B 127 14.13 1.57 15.26
CA ARG B 127 14.75 2.76 14.69
C ARG B 127 15.13 2.57 13.22
N LEU B 128 14.68 3.50 12.39
CA LEU B 128 14.91 3.46 10.94
C LEU B 128 15.95 4.47 10.44
N VAL B 129 16.86 4.02 9.57
CA VAL B 129 17.91 4.89 9.02
C VAL B 129 18.16 4.69 7.52
N SER B 140 25.49 3.31 13.05
CA SER B 140 24.33 3.49 13.92
C SER B 140 24.35 2.47 15.04
N TRP B 141 25.07 1.38 14.79
CA TRP B 141 25.20 0.30 15.76
C TRP B 141 25.57 0.88 17.12
N GLU B 142 26.80 1.38 17.21
CA GLU B 142 27.34 1.97 18.43
C GLU B 142 26.39 3.04 18.93
N ASP B 143 25.81 3.76 17.98
CA ASP B 143 24.89 4.83 18.29
C ASP B 143 23.77 4.38 19.23
N ALA B 144 23.10 3.29 18.87
CA ALA B 144 22.00 2.79 19.69
C ALA B 144 22.52 2.17 20.98
N LEU B 145 23.61 1.43 20.88
CA LEU B 145 24.20 0.78 22.05
C LEU B 145 24.40 1.78 23.16
N GLU B 146 25.15 2.84 22.86
CA GLU B 146 25.41 3.88 23.83
C GLU B 146 24.09 4.40 24.35
N SER B 147 23.15 4.63 23.43
CA SER B 147 21.84 5.14 23.81
C SER B 147 21.32 4.35 24.99
N VAL B 148 21.42 3.04 24.90
CA VAL B 148 20.95 2.14 25.94
C VAL B 148 21.69 2.35 27.26
N ARG B 149 23.02 2.32 27.22
CA ARG B 149 23.81 2.52 28.43
C ARG B 149 23.42 3.86 29.04
N ALA B 150 23.60 4.91 28.25
CA ALA B 150 23.28 6.27 28.66
C ALA B 150 21.87 6.34 29.23
N ALA B 151 21.05 5.36 28.85
CA ALA B 151 19.68 5.29 29.32
C ALA B 151 19.57 4.50 30.63
N GLY B 152 20.67 3.93 31.08
CA GLY B 152 20.67 3.17 32.32
C GLY B 152 20.31 1.69 32.23
N GLY B 153 20.51 1.09 31.06
CA GLY B 153 20.19 -0.32 30.90
C GLY B 153 21.39 -1.03 30.34
N LYS B 154 21.56 -2.31 30.64
CA LYS B 154 22.71 -3.04 30.12
C LYS B 154 22.26 -3.80 28.88
N PRO B 155 22.74 -3.37 27.70
CA PRO B 155 22.42 -3.96 26.41
C PRO B 155 23.35 -5.09 26.01
N TYR B 156 22.75 -6.14 25.46
CA TYR B 156 23.53 -7.28 24.97
C TYR B 156 23.59 -7.07 23.46
N ALA B 157 24.80 -6.85 22.94
CA ALA B 157 24.96 -6.57 21.52
C ALA B 157 24.84 -7.80 20.61
N ILE B 158 23.86 -7.78 19.70
CA ILE B 158 23.70 -8.89 18.78
C ILE B 158 23.94 -8.34 17.38
N PRO B 159 25.03 -8.75 16.74
CA PRO B 159 25.34 -8.26 15.39
C PRO B 159 24.34 -8.77 14.34
N ALA B 160 24.52 -8.33 13.11
CA ALA B 160 23.61 -8.74 12.06
C ALA B 160 23.68 -10.26 11.93
N GLY B 161 22.52 -10.87 11.73
CA GLY B 161 22.45 -12.31 11.59
C GLY B 161 23.01 -13.10 12.76
N CYS B 162 23.30 -12.43 13.86
CA CYS B 162 23.93 -13.09 15.02
C CYS B 162 25.25 -13.70 14.57
N SER B 163 25.63 -13.50 13.31
CA SER B 163 26.81 -14.14 12.76
C SER B 163 28.22 -13.86 13.30
N ASP B 164 28.71 -12.64 13.15
CA ASP B 164 30.05 -12.31 13.64
C ASP B 164 30.03 -12.09 15.15
N HIS B 165 30.02 -13.19 15.89
CA HIS B 165 29.95 -13.14 17.34
C HIS B 165 30.54 -14.46 17.78
N PRO B 166 31.14 -14.49 18.97
CA PRO B 166 31.77 -15.70 19.51
C PRO B 166 30.88 -16.92 19.60
N LEU B 167 29.62 -16.73 19.93
CA LEU B 167 28.69 -17.85 20.08
C LEU B 167 27.80 -18.03 18.85
N GLY B 168 27.89 -17.09 17.92
CA GLY B 168 27.07 -17.12 16.72
C GLY B 168 27.11 -18.35 15.82
N GLY B 169 28.18 -19.13 15.92
CA GLY B 169 28.29 -20.30 15.07
C GLY B 169 27.82 -21.57 15.73
N LEU B 170 27.64 -21.54 17.05
CA LEU B 170 27.22 -22.75 17.78
C LEU B 170 25.90 -23.37 17.33
N GLY B 171 24.89 -22.52 17.17
CA GLY B 171 23.56 -22.97 16.76
C GLY B 171 23.61 -24.01 15.67
N PHE B 172 24.28 -23.70 14.56
CA PHE B 172 24.31 -24.67 13.49
C PHE B 172 25.33 -25.76 13.59
N VAL B 173 26.17 -25.71 14.62
CA VAL B 173 27.07 -26.82 14.83
C VAL B 173 26.03 -27.83 15.32
N GLY B 174 25.20 -27.38 16.24
CA GLY B 174 24.13 -28.19 16.80
C GLY B 174 23.19 -28.80 15.76
N PHE B 175 23.00 -28.09 14.64
CA PHE B 175 22.12 -28.55 13.57
C PHE B 175 22.68 -29.83 12.91
N ALA B 176 23.98 -29.84 12.65
CA ALA B 176 24.62 -31.00 12.03
C ALA B 176 24.51 -32.19 12.96
N GLU B 177 24.54 -31.91 14.26
CA GLU B 177 24.43 -32.95 15.27
C GLU B 177 23.03 -33.55 15.16
N GLU B 178 22.03 -32.66 15.14
CA GLU B 178 20.64 -33.03 15.04
C GLU B 178 20.49 -33.88 13.79
N VAL B 179 21.02 -33.39 12.68
CA VAL B 179 20.94 -34.14 11.45
C VAL B 179 21.44 -35.57 11.66
N ARG B 180 22.62 -35.70 12.29
CA ARG B 180 23.21 -37.02 12.56
C ARG B 180 22.23 -37.87 13.33
N ALA B 181 21.78 -37.35 14.47
CA ALA B 181 20.83 -38.06 15.34
C ALA B 181 19.58 -38.49 14.58
N GLN B 182 19.17 -37.71 13.58
CA GLN B 182 17.99 -38.04 12.78
C GLN B 182 18.32 -39.03 11.66
N GLU B 183 19.52 -38.93 11.10
CA GLU B 183 19.92 -39.84 10.03
C GLU B 183 19.99 -41.25 10.61
N ALA B 184 20.28 -41.32 11.92
CA ALA B 184 20.37 -42.58 12.61
C ALA B 184 18.97 -43.17 12.65
N GLU B 185 18.02 -42.37 13.13
CA GLU B 185 16.63 -42.81 13.19
C GLU B 185 16.12 -43.16 11.80
N LEU B 186 16.53 -42.38 10.82
CA LEU B 186 16.09 -42.64 9.45
C LEU B 186 16.79 -43.83 8.84
N GLY B 187 17.97 -44.14 9.37
CA GLY B 187 18.70 -45.29 8.87
C GLY B 187 19.46 -45.04 7.57
N PHE B 188 19.58 -43.78 7.18
CA PHE B 188 20.31 -43.41 5.97
C PHE B 188 20.89 -42.02 6.16
N LYS B 189 21.89 -41.66 5.37
CA LYS B 189 22.51 -40.33 5.49
C LYS B 189 22.31 -39.48 4.23
N PHE B 190 22.14 -38.18 4.43
CA PHE B 190 21.96 -37.27 3.31
C PHE B 190 23.33 -37.02 2.68
N ASP B 191 23.37 -36.90 1.36
CA ASP B 191 24.63 -36.67 0.69
C ASP B 191 25.05 -35.20 0.64
N TYR B 192 24.09 -34.28 0.73
CA TYR B 192 24.38 -32.84 0.72
C TYR B 192 23.33 -32.04 1.48
N VAL B 193 23.62 -30.76 1.68
CA VAL B 193 22.70 -29.85 2.33
C VAL B 193 22.77 -28.58 1.52
N VAL B 194 21.61 -28.02 1.19
CA VAL B 194 21.57 -26.77 0.46
C VAL B 194 21.15 -25.74 1.50
N VAL B 195 21.93 -24.67 1.64
CA VAL B 195 21.59 -23.66 2.61
C VAL B 195 21.90 -22.26 2.06
N CYS B 196 21.00 -21.31 2.34
CA CYS B 196 21.16 -19.96 1.86
C CYS B 196 22.13 -19.21 2.75
N SER B 197 23.00 -18.42 2.15
CA SER B 197 23.94 -17.68 2.98
C SER B 197 24.09 -16.20 2.73
N VAL B 198 23.98 -15.43 3.80
CA VAL B 198 24.19 -14.01 3.69
C VAL B 198 25.20 -13.52 4.73
N THR B 199 24.84 -13.48 6.02
CA THR B 199 25.77 -13.00 7.03
C THR B 199 26.80 -14.04 7.46
N GLY B 200 26.53 -15.32 7.17
CA GLY B 200 27.51 -16.38 7.44
C GLY B 200 27.54 -17.45 8.53
N SER B 201 27.13 -17.14 9.75
CA SER B 201 27.22 -18.10 10.82
C SER B 201 26.30 -19.31 10.75
N THR B 202 25.36 -19.28 9.80
CA THR B 202 24.46 -20.42 9.63
C THR B 202 25.27 -21.51 8.91
N GLN B 203 25.78 -21.17 7.74
CA GLN B 203 26.59 -22.14 7.00
C GLN B 203 27.91 -22.40 7.76
N ALA B 204 28.36 -21.42 8.53
CA ALA B 204 29.60 -21.59 9.27
C ALA B 204 29.45 -22.73 10.28
N GLY B 205 28.34 -22.72 11.00
CA GLY B 205 28.06 -23.74 12.00
C GLY B 205 27.92 -25.10 11.38
N MET B 206 27.33 -25.14 10.18
CA MET B 206 27.15 -26.42 9.50
C MET B 206 28.48 -26.99 9.04
N VAL B 207 29.34 -26.10 8.56
CA VAL B 207 30.64 -26.52 8.09
C VAL B 207 31.41 -27.18 9.25
N VAL B 208 31.40 -26.54 10.41
CA VAL B 208 32.10 -27.08 11.55
C VAL B 208 31.40 -28.37 11.99
N GLY B 209 30.08 -28.33 11.98
CA GLY B 209 29.32 -29.49 12.38
C GLY B 209 29.57 -30.71 11.51
N PHE B 210 29.57 -30.51 10.19
CA PHE B 210 29.76 -31.59 9.24
C PHE B 210 31.24 -31.87 8.94
N ALA B 211 32.10 -30.98 9.41
CA ALA B 211 33.54 -31.21 9.24
C ALA B 211 33.79 -32.38 10.19
N ALA B 212 33.03 -32.40 11.29
CA ALA B 212 33.12 -33.45 12.28
C ALA B 212 33.04 -34.86 11.69
N ASP B 213 32.22 -35.06 10.65
CA ASP B 213 32.15 -36.40 10.07
C ASP B 213 32.55 -36.49 8.60
N GLY B 214 33.37 -35.54 8.17
CA GLY B 214 33.87 -35.53 6.80
C GLY B 214 32.91 -35.11 5.70
N ARG B 215 31.93 -34.27 6.03
CA ARG B 215 30.98 -33.83 5.01
C ARG B 215 30.86 -32.32 4.94
N ALA B 216 31.94 -31.61 5.23
CA ALA B 216 31.90 -30.16 5.20
C ALA B 216 31.64 -29.71 3.78
N ASP B 217 32.32 -30.35 2.84
CA ASP B 217 32.15 -29.94 1.47
C ASP B 217 30.81 -30.40 0.83
N ARG B 218 29.94 -31.00 1.62
CA ARG B 218 28.64 -31.44 1.10
C ARG B 218 27.59 -30.39 1.53
N VAL B 219 28.04 -29.40 2.29
CA VAL B 219 27.18 -28.31 2.73
C VAL B 219 27.29 -27.30 1.60
N ILE B 220 26.30 -27.30 0.71
CA ILE B 220 26.34 -26.39 -0.43
C ILE B 220 25.58 -25.12 -0.15
N GLY B 221 26.32 -24.07 0.21
CA GLY B 221 25.72 -22.78 0.50
C GLY B 221 25.41 -22.08 -0.80
N VAL B 222 24.37 -21.26 -0.79
CA VAL B 222 24.00 -20.51 -1.99
C VAL B 222 24.00 -19.07 -1.51
N ASP B 223 24.73 -18.22 -2.22
CA ASP B 223 24.81 -16.83 -1.84
C ASP B 223 23.55 -16.05 -2.16
N ALA B 224 23.12 -15.22 -1.20
CA ALA B 224 21.96 -14.36 -1.42
C ALA B 224 22.39 -12.91 -1.17
N SER B 225 23.68 -12.69 -0.90
CA SER B 225 24.18 -11.34 -0.66
C SER B 225 24.49 -10.54 -1.94
N ALA B 226 24.90 -11.24 -2.99
CA ALA B 226 25.30 -10.61 -4.26
C ALA B 226 26.69 -9.98 -4.08
N LYS B 227 27.39 -10.44 -3.05
CA LYS B 227 28.77 -10.00 -2.72
C LYS B 227 29.38 -11.29 -2.19
N PRO B 228 29.43 -12.33 -3.02
CA PRO B 228 29.98 -13.65 -2.67
C PRO B 228 31.32 -13.63 -1.96
N ALA B 229 32.20 -12.74 -2.41
CA ALA B 229 33.53 -12.62 -1.85
C ALA B 229 33.51 -12.42 -0.35
N GLN B 230 32.84 -11.37 0.10
CA GLN B 230 32.77 -11.09 1.53
C GLN B 230 32.02 -12.16 2.25
N THR B 231 30.89 -12.58 1.66
CA THR B 231 30.09 -13.61 2.28
C THR B 231 30.93 -14.88 2.49
N ARG B 232 31.63 -15.33 1.47
CA ARG B 232 32.46 -16.52 1.60
C ARG B 232 33.54 -16.37 2.66
N GLU B 233 34.15 -15.20 2.72
CA GLU B 233 35.20 -14.96 3.69
C GLU B 233 34.63 -14.90 5.09
N GLN B 234 33.40 -14.41 5.22
CA GLN B 234 32.81 -14.32 6.54
C GLN B 234 32.50 -15.72 7.05
N ILE B 235 32.00 -16.58 6.17
CA ILE B 235 31.68 -17.95 6.55
C ILE B 235 32.94 -18.71 6.96
N THR B 236 34.03 -18.42 6.27
CA THR B 236 35.30 -19.08 6.54
C THR B 236 35.85 -18.64 7.88
N ARG B 237 35.88 -17.34 8.09
CA ARG B 237 36.37 -16.79 9.34
C ARG B 237 35.55 -17.29 10.52
N ILE B 238 34.22 -17.28 10.34
CA ILE B 238 33.34 -17.73 11.40
C ILE B 238 33.55 -19.22 11.67
N ALA B 239 33.70 -20.00 10.60
CA ALA B 239 33.89 -21.45 10.73
C ALA B 239 35.19 -21.80 11.47
N ARG B 240 36.22 -20.98 11.27
CA ARG B 240 37.49 -21.24 11.93
C ARG B 240 37.41 -20.88 13.41
N GLN B 241 36.82 -19.73 13.72
CA GLN B 241 36.69 -19.30 15.10
C GLN B 241 35.79 -20.29 15.80
N THR B 242 34.72 -20.71 15.11
CA THR B 242 33.78 -21.65 15.69
C THR B 242 34.38 -23.04 15.82
N ALA B 243 35.22 -23.44 14.87
CA ALA B 243 35.84 -24.75 14.92
C ALA B 243 36.77 -24.83 16.13
N GLU B 244 37.41 -23.70 16.41
CA GLU B 244 38.31 -23.59 17.54
C GLU B 244 37.56 -23.67 18.87
N LYS B 245 36.41 -23.00 18.98
CA LYS B 245 35.64 -23.05 20.22
C LYS B 245 35.06 -24.42 20.55
N VAL B 246 34.60 -25.14 19.53
CA VAL B 246 34.02 -26.46 19.76
C VAL B 246 35.09 -27.52 19.85
N GLY B 247 36.33 -27.08 19.74
CA GLY B 247 37.44 -28.02 19.84
C GLY B 247 37.52 -28.93 18.65
N LEU B 248 37.14 -28.43 17.48
CA LEU B 248 37.24 -29.25 16.30
C LEU B 248 38.71 -29.62 16.19
N GLU B 249 38.98 -30.90 15.99
CA GLU B 249 40.34 -31.35 15.88
C GLU B 249 40.73 -31.33 14.41
N ARG B 250 40.67 -30.17 13.79
CA ARG B 250 41.02 -30.05 12.38
C ARG B 250 40.94 -28.60 11.93
N ASP B 251 41.51 -28.33 10.77
CA ASP B 251 41.49 -26.98 10.23
C ASP B 251 40.47 -26.83 9.10
N ILE B 252 39.84 -25.66 9.04
CA ILE B 252 38.87 -25.40 7.99
C ILE B 252 39.61 -24.94 6.73
N MET B 253 39.65 -25.79 5.71
CA MET B 253 40.30 -25.47 4.45
C MET B 253 39.29 -24.78 3.53
N ARG B 254 39.79 -24.06 2.52
CA ARG B 254 38.90 -23.36 1.59
C ARG B 254 38.02 -24.31 0.82
N ALA B 255 38.42 -25.57 0.76
CA ALA B 255 37.63 -26.59 0.08
C ALA B 255 36.43 -26.95 0.92
N ASP B 256 36.46 -26.55 2.20
CA ASP B 256 35.36 -26.86 3.11
C ASP B 256 34.19 -25.88 2.99
N VAL B 257 34.44 -24.75 2.33
CA VAL B 257 33.42 -23.73 2.18
C VAL B 257 32.93 -23.63 0.76
N VAL B 258 31.81 -24.28 0.49
CA VAL B 258 31.20 -24.25 -0.85
C VAL B 258 30.13 -23.17 -0.85
N LEU B 259 30.28 -22.18 -1.73
CA LEU B 259 29.30 -21.11 -1.80
C LEU B 259 28.96 -20.78 -3.25
N ASP B 260 27.80 -21.25 -3.73
CA ASP B 260 27.39 -21.02 -5.12
C ASP B 260 26.98 -19.57 -5.31
N GLU B 261 27.55 -18.94 -6.34
CA GLU B 261 27.29 -17.53 -6.60
C GLU B 261 26.26 -17.23 -7.67
N ARG B 262 25.83 -18.25 -8.38
CA ARG B 262 24.90 -18.09 -9.49
C ARG B 262 23.46 -17.65 -9.26
N PHE B 263 23.00 -17.59 -8.02
CA PHE B 263 21.60 -17.25 -7.81
C PHE B 263 21.26 -16.08 -6.89
N ALA B 264 22.25 -15.28 -6.52
CA ALA B 264 22.04 -14.17 -5.62
C ALA B 264 21.45 -12.95 -6.29
N GLY B 265 21.65 -12.88 -7.61
CA GLY B 265 21.22 -11.74 -8.39
C GLY B 265 19.78 -11.28 -8.32
N PRO B 266 19.53 -10.01 -8.67
CA PRO B 266 20.54 -9.04 -9.10
C PRO B 266 21.21 -8.31 -7.94
N GLU B 267 20.58 -8.35 -6.77
CA GLU B 267 21.12 -7.69 -5.60
C GLU B 267 20.53 -8.34 -4.37
N TYR B 268 21.04 -7.95 -3.21
CA TYR B 268 20.48 -8.46 -1.96
C TYR B 268 19.08 -7.83 -1.82
N GLY B 269 18.11 -8.63 -1.40
CA GLY B 269 16.75 -8.14 -1.25
C GLY B 269 15.97 -8.03 -2.55
N LEU B 270 16.58 -8.40 -3.66
CA LEU B 270 15.92 -8.30 -4.96
C LEU B 270 15.90 -9.63 -5.66
N PRO B 271 14.70 -10.13 -5.97
CA PRO B 271 14.60 -11.42 -6.66
C PRO B 271 14.83 -11.30 -8.17
N ASN B 272 15.22 -12.40 -8.82
CA ASN B 272 15.31 -12.38 -10.27
C ASN B 272 14.15 -13.28 -10.69
N GLU B 273 13.92 -13.42 -11.99
CA GLU B 273 12.82 -14.26 -12.45
C GLU B 273 12.98 -15.73 -12.06
N GLY B 274 14.23 -16.15 -11.88
CA GLY B 274 14.50 -17.52 -11.50
C GLY B 274 14.02 -17.69 -10.07
N THR B 275 14.25 -16.67 -9.25
CA THR B 275 13.85 -16.73 -7.85
C THR B 275 12.34 -16.98 -7.73
N LEU B 276 11.56 -16.17 -8.43
CA LEU B 276 10.10 -16.24 -8.43
C LEU B 276 9.59 -17.55 -8.99
N GLU B 277 10.22 -17.99 -10.06
CA GLU B 277 9.88 -19.24 -10.70
C GLU B 277 10.07 -20.31 -9.64
N ALA B 278 11.22 -20.26 -8.98
CA ALA B 278 11.53 -21.23 -7.93
C ALA B 278 10.51 -21.22 -6.78
N ILE B 279 10.13 -20.04 -6.37
CA ILE B 279 9.20 -19.88 -5.27
C ILE B 279 7.82 -20.45 -5.69
N ARG B 280 7.40 -20.12 -6.91
CA ARG B 280 6.12 -20.61 -7.38
C ARG B 280 6.13 -22.14 -7.50
N LEU B 281 7.19 -22.68 -8.06
CA LEU B 281 7.30 -24.12 -8.26
C LEU B 281 7.24 -24.90 -6.95
N CYS B 282 8.08 -24.52 -5.99
CA CYS B 282 8.12 -25.22 -4.72
C CYS B 282 6.82 -25.07 -3.94
N ALA B 283 6.23 -23.88 -4.00
CA ALA B 283 4.99 -23.65 -3.28
C ALA B 283 3.86 -24.46 -3.91
N ARG B 284 3.87 -24.58 -5.22
CA ARG B 284 2.82 -25.29 -5.93
C ARG B 284 2.95 -26.81 -5.96
N THR B 285 4.14 -27.34 -5.63
CA THR B 285 4.35 -28.78 -5.60
C THR B 285 4.38 -29.38 -4.18
N GLU B 286 4.67 -28.53 -3.20
CA GLU B 286 4.79 -29.00 -1.82
C GLU B 286 4.00 -28.23 -0.79
N GLY B 287 3.43 -27.10 -1.18
CA GLY B 287 2.70 -26.30 -0.23
C GLY B 287 3.69 -25.61 0.69
N MET B 288 4.96 -25.58 0.29
CA MET B 288 6.01 -24.98 1.12
C MET B 288 6.48 -23.61 0.54
N LEU B 289 6.21 -22.55 1.29
CA LEU B 289 6.58 -21.21 0.83
C LEU B 289 8.01 -20.83 1.15
N THR B 290 8.63 -20.05 0.26
CA THR B 290 9.99 -19.51 0.40
C THR B 290 9.86 -18.05 -0.02
N ASP B 291 10.84 -17.22 0.36
CA ASP B 291 10.79 -15.79 0.08
C ASP B 291 11.70 -15.29 -1.04
N PRO B 292 11.47 -14.06 -1.52
CA PRO B 292 12.25 -13.43 -2.60
C PRO B 292 13.66 -13.00 -2.23
N VAL B 293 13.94 -12.87 -0.94
CA VAL B 293 15.26 -12.42 -0.46
C VAL B 293 16.24 -13.54 -0.18
N TYR B 294 15.83 -14.50 0.63
CA TYR B 294 16.72 -15.60 0.98
C TYR B 294 16.41 -16.97 0.45
N GLU B 295 15.43 -17.62 1.07
CA GLU B 295 15.06 -18.98 0.73
C GLU B 295 14.71 -19.25 -0.71
N GLY B 296 13.99 -18.31 -1.32
CA GLY B 296 13.66 -18.47 -2.72
C GLY B 296 14.95 -18.61 -3.53
N LYS B 297 15.98 -17.90 -3.11
CA LYS B 297 17.24 -17.95 -3.85
C LYS B 297 17.92 -19.30 -3.65
N SER B 298 17.84 -19.84 -2.44
CA SER B 298 18.41 -21.16 -2.20
C SER B 298 17.55 -22.24 -2.87
N MET B 299 16.22 -22.06 -2.85
CA MET B 299 15.32 -23.03 -3.49
C MET B 299 15.68 -23.03 -4.94
N HIS B 300 15.82 -21.83 -5.47
CA HIS B 300 16.18 -21.68 -6.87
C HIS B 300 17.48 -22.42 -7.21
N GLY B 301 18.49 -22.30 -6.36
CA GLY B 301 19.74 -22.99 -6.65
C GLY B 301 19.66 -24.51 -6.62
N MET B 302 18.93 -25.01 -5.63
CA MET B 302 18.75 -26.44 -5.46
C MET B 302 18.01 -27.00 -6.65
N ILE B 303 16.90 -26.35 -7.02
CA ILE B 303 16.11 -26.81 -8.16
C ILE B 303 16.96 -26.80 -9.43
N GLU B 304 17.73 -25.73 -9.61
CA GLU B 304 18.56 -25.61 -10.79
C GLU B 304 19.70 -26.63 -10.83
N MET B 305 20.23 -26.97 -9.65
CA MET B 305 21.30 -27.96 -9.53
C MET B 305 20.75 -29.31 -9.99
N VAL B 306 19.60 -29.68 -9.44
CA VAL B 306 18.97 -30.94 -9.81
C VAL B 306 18.76 -30.97 -11.32
N ARG B 307 18.21 -29.88 -11.85
CA ARG B 307 17.92 -29.75 -13.27
C ARG B 307 19.16 -29.80 -14.17
N ASN B 308 20.32 -29.44 -13.63
CA ASN B 308 21.55 -29.49 -14.41
C ASN B 308 22.22 -30.84 -14.30
N GLY B 309 21.75 -31.65 -13.35
CA GLY B 309 22.32 -32.96 -13.14
C GLY B 309 23.56 -32.86 -12.29
N GLU B 310 23.73 -31.72 -11.62
CA GLU B 310 24.88 -31.47 -10.76
C GLU B 310 24.87 -32.39 -9.54
N PHE B 311 23.74 -33.01 -9.28
CA PHE B 311 23.65 -33.92 -8.16
C PHE B 311 23.75 -35.34 -8.69
N PRO B 312 24.58 -36.18 -8.07
CA PRO B 312 24.71 -37.55 -8.54
C PRO B 312 23.37 -38.28 -8.46
N GLU B 313 23.02 -38.96 -9.55
CA GLU B 313 21.77 -39.71 -9.59
C GLU B 313 21.66 -40.54 -8.30
N GLY B 314 20.62 -40.30 -7.50
CA GLY B 314 20.45 -41.05 -6.27
C GLY B 314 20.80 -40.29 -5.01
N SER B 315 21.38 -39.11 -5.16
CA SER B 315 21.76 -38.32 -3.99
C SER B 315 20.54 -37.90 -3.21
N ARG B 316 20.72 -37.77 -1.89
CA ARG B 316 19.64 -37.34 -1.01
C ARG B 316 20.07 -35.95 -0.57
N VAL B 317 19.31 -34.94 -0.97
CA VAL B 317 19.64 -33.57 -0.64
C VAL B 317 18.74 -32.98 0.42
N LEU B 318 19.33 -32.56 1.54
CA LEU B 318 18.58 -31.96 2.61
C LEU B 318 18.60 -30.45 2.44
N TYR B 319 17.47 -29.89 2.02
CA TYR B 319 17.34 -28.45 1.85
C TYR B 319 17.05 -27.95 3.25
N ALA B 320 17.75 -26.93 3.71
CA ALA B 320 17.49 -26.38 5.04
C ALA B 320 16.65 -25.11 4.86
N HIS B 321 15.39 -25.15 5.27
CA HIS B 321 14.55 -23.97 5.12
C HIS B 321 14.73 -23.12 6.35
N LEU B 322 15.48 -22.02 6.20
CA LEU B 322 15.80 -21.14 7.31
C LEU B 322 14.75 -20.22 7.85
N GLY B 323 13.62 -20.06 7.13
CA GLY B 323 12.54 -19.16 7.55
C GLY B 323 12.35 -18.05 6.53
N GLY B 324 11.94 -16.86 6.99
CA GLY B 324 11.83 -15.73 6.07
C GLY B 324 10.57 -15.47 5.27
N VAL B 325 9.59 -16.37 5.34
CA VAL B 325 8.35 -16.20 4.58
C VAL B 325 7.64 -14.84 4.78
N PRO B 326 7.56 -14.33 6.01
CA PRO B 326 6.90 -13.06 6.27
C PRO B 326 7.33 -11.92 5.35
N ALA B 327 8.57 -11.93 4.88
CA ALA B 327 9.03 -10.85 3.99
C ALA B 327 8.21 -10.75 2.70
N LEU B 328 7.53 -11.84 2.32
CA LEU B 328 6.68 -11.85 1.13
C LEU B 328 5.71 -10.66 1.13
N ASN B 329 5.25 -10.24 2.30
CA ASN B 329 4.34 -9.11 2.36
C ASN B 329 4.92 -7.81 1.75
N GLY B 330 6.25 -7.66 1.77
CA GLY B 330 6.88 -6.48 1.20
C GLY B 330 7.08 -6.50 -0.32
N TYR B 331 6.74 -7.61 -0.98
CA TYR B 331 6.87 -7.74 -2.43
C TYR B 331 5.49 -8.16 -2.99
N SER B 332 4.46 -7.50 -2.50
CA SER B 332 3.10 -7.84 -2.89
C SER B 332 2.72 -7.58 -4.33
N PHE B 333 3.30 -6.57 -4.95
CA PHE B 333 2.91 -6.27 -6.30
C PHE B 333 3.44 -7.35 -7.25
N ILE B 334 4.61 -7.89 -6.95
CA ILE B 334 5.19 -8.90 -7.80
C ILE B 334 4.32 -10.16 -7.86
N PHE B 335 3.68 -10.49 -6.75
CA PHE B 335 2.86 -11.69 -6.66
C PHE B 335 1.36 -11.48 -6.82
N ARG B 336 0.97 -10.26 -7.16
CA ARG B 336 -0.44 -9.92 -7.26
C ARG B 336 -1.34 -10.87 -8.06
N ASP B 337 -0.76 -11.55 -9.06
CA ASP B 337 -1.50 -12.50 -9.90
C ASP B 337 -0.94 -13.91 -9.76
N GLY B 338 -0.16 -14.16 -8.71
CA GLY B 338 0.44 -15.47 -8.54
C GLY B 338 1.94 -15.32 -8.44
N MET C 1 3.26 28.71 -42.77
CA MET C 1 2.67 27.84 -41.71
C MET C 1 1.22 28.24 -41.43
N ASN C 2 0.30 27.28 -41.53
CA ASN C 2 -1.10 27.57 -41.29
C ASN C 2 -1.80 26.50 -40.44
N LEU C 3 -1.54 26.54 -39.14
CA LEU C 3 -2.13 25.59 -38.18
C LEU C 3 -3.63 25.83 -38.11
N GLN C 4 -4.00 27.09 -38.31
CA GLN C 4 -5.38 27.48 -38.25
C GLN C 4 -6.25 26.68 -39.21
N ARG C 5 -5.60 25.99 -40.15
CA ARG C 5 -6.34 25.19 -41.12
C ARG C 5 -7.00 24.00 -40.43
N PHE C 6 -6.41 23.54 -39.33
CA PHE C 6 -6.96 22.39 -38.63
C PHE C 6 -7.82 22.79 -37.45
N PRO C 7 -9.03 22.25 -37.37
CA PRO C 7 -9.95 22.57 -36.26
C PRO C 7 -9.43 22.09 -34.89
N ARG C 8 -9.77 22.85 -33.84
CA ARG C 8 -9.32 22.55 -32.49
C ARG C 8 -10.47 22.60 -31.51
N TYR C 9 -10.86 21.43 -30.99
CA TYR C 9 -11.95 21.30 -30.02
C TYR C 9 -11.43 21.71 -28.64
N PRO C 10 -12.09 22.67 -27.98
CA PRO C 10 -11.64 23.13 -26.67
C PRO C 10 -11.76 22.09 -25.56
N LEU C 11 -10.65 21.82 -24.88
CA LEU C 11 -10.63 20.87 -23.77
C LEU C 11 -9.84 21.54 -22.65
N THR C 12 -9.48 22.79 -22.91
CA THR C 12 -8.70 23.59 -21.99
C THR C 12 -9.37 24.91 -21.61
N PHE C 13 -8.80 25.60 -20.64
CA PHE C 13 -9.36 26.89 -20.20
C PHE C 13 -8.93 28.01 -21.14
N GLY C 14 -7.91 27.72 -21.95
CA GLY C 14 -7.41 28.72 -22.88
C GLY C 14 -5.92 28.71 -22.72
N PRO C 15 -5.22 29.74 -23.20
CA PRO C 15 -3.75 29.83 -23.10
C PRO C 15 -3.31 29.54 -21.70
N THR C 16 -2.26 28.74 -21.60
CA THR C 16 -1.70 28.37 -20.30
C THR C 16 -0.83 29.50 -19.84
N PRO C 17 -0.98 29.90 -18.57
CA PRO C 17 -0.18 31.01 -18.05
C PRO C 17 1.32 30.71 -17.96
N ILE C 18 2.10 31.79 -17.86
CA ILE C 18 3.54 31.65 -17.70
C ILE C 18 3.86 32.34 -16.38
N GLN C 19 4.73 31.72 -15.58
CA GLN C 19 5.11 32.25 -14.27
C GLN C 19 6.60 32.28 -14.06
N PRO C 20 7.11 33.34 -13.39
CA PRO C 20 8.55 33.39 -13.15
C PRO C 20 8.97 32.46 -11.99
N LEU C 21 10.13 31.81 -12.13
CA LEU C 21 10.67 30.93 -11.11
C LEU C 21 11.77 31.70 -10.41
N ALA C 22 11.39 32.85 -9.87
CA ALA C 22 12.29 33.78 -9.21
C ALA C 22 13.05 33.19 -8.05
N ARG C 23 12.33 32.42 -7.24
CA ARG C 23 12.95 31.83 -6.10
C ARG C 23 13.98 30.81 -6.53
N LEU C 24 13.63 29.96 -7.47
CA LEU C 24 14.59 28.96 -7.94
C LEU C 24 15.68 29.64 -8.75
N SER C 25 15.31 30.64 -9.56
CA SER C 25 16.32 31.36 -10.35
C SER C 25 17.34 31.99 -9.39
N LYS C 26 16.85 32.56 -8.28
CA LYS C 26 17.73 33.17 -7.30
C LYS C 26 18.64 32.16 -6.62
N HIS C 27 18.05 31.04 -6.17
CA HIS C 27 18.80 29.98 -5.50
C HIS C 27 19.95 29.40 -6.34
N LEU C 28 19.79 29.38 -7.66
CA LEU C 28 20.83 28.85 -8.52
C LEU C 28 21.93 29.86 -8.92
N GLY C 29 21.86 31.08 -8.38
CA GLY C 29 22.85 32.09 -8.71
C GLY C 29 22.35 33.39 -9.32
N GLY C 30 21.07 33.44 -9.73
CA GLY C 30 20.53 34.66 -10.31
C GLY C 30 20.99 34.99 -11.72
N LYS C 31 21.93 34.21 -12.25
CA LYS C 31 22.46 34.46 -13.58
C LYS C 31 21.55 34.04 -14.74
N VAL C 32 20.46 33.34 -14.45
CA VAL C 32 19.54 32.89 -15.49
C VAL C 32 18.10 32.99 -15.01
N HIS C 33 17.23 33.51 -15.86
CA HIS C 33 15.84 33.69 -15.48
C HIS C 33 14.94 32.57 -15.99
N LEU C 34 14.46 31.80 -15.03
CA LEU C 34 13.61 30.66 -15.29
C LEU C 34 12.14 31.03 -15.13
N TYR C 35 11.32 30.45 -15.99
CA TYR C 35 9.88 30.67 -15.95
C TYR C 35 9.32 29.31 -16.23
N ALA C 36 8.02 29.16 -16.02
CA ALA C 36 7.38 27.90 -16.31
C ALA C 36 6.09 28.18 -17.05
N LYS C 37 5.85 27.51 -18.17
CA LYS C 37 4.56 27.67 -18.83
C LYS C 37 3.74 26.48 -18.26
N ARG C 38 2.65 26.79 -17.57
CA ARG C 38 1.88 25.74 -16.90
C ARG C 38 0.89 24.88 -17.69
N GLU C 39 1.40 24.02 -18.60
CA GLU C 39 0.52 23.12 -19.34
C GLU C 39 -0.18 22.16 -18.34
N ASP C 40 0.49 21.88 -17.22
CA ASP C 40 -0.07 21.02 -16.18
C ASP C 40 -1.35 21.61 -15.56
N CYS C 41 -1.60 22.90 -15.77
CA CYS C 41 -2.79 23.51 -15.23
C CYS C 41 -3.75 23.96 -16.32
N ASN C 42 -3.70 23.31 -17.47
CA ASN C 42 -4.51 23.72 -18.58
C ASN C 42 -5.96 23.26 -18.63
N SER C 43 -6.38 22.40 -17.70
CA SER C 43 -7.73 21.90 -17.85
C SER C 43 -8.51 21.44 -16.63
N GLY C 44 -9.84 21.44 -16.73
CA GLY C 44 -10.67 21.00 -15.62
C GLY C 44 -10.91 19.50 -15.71
N LEU C 45 -10.46 18.91 -16.82
CA LEU C 45 -10.62 17.48 -17.05
C LEU C 45 -9.49 16.69 -16.44
N ALA C 46 -9.74 16.17 -15.24
CA ALA C 46 -8.78 15.37 -14.46
C ALA C 46 -7.33 15.86 -14.47
N PHE C 47 -7.13 17.14 -14.11
CA PHE C 47 -5.81 17.79 -14.06
C PHE C 47 -5.15 18.06 -15.41
N GLY C 48 -5.77 17.56 -16.48
CA GLY C 48 -5.20 17.78 -17.81
C GLY C 48 -3.69 17.61 -17.98
N GLY C 49 -3.08 18.48 -18.79
CA GLY C 49 -1.66 18.40 -19.05
C GLY C 49 -1.38 18.42 -20.56
N ASN C 50 -0.12 18.35 -20.95
CA ASN C 50 0.28 18.40 -22.37
C ASN C 50 -0.52 17.54 -23.32
N LYS C 51 -0.81 16.30 -22.91
CA LYS C 51 -1.55 15.39 -23.76
C LYS C 51 -2.90 15.96 -24.13
N THR C 52 -3.44 16.74 -23.22
CA THR C 52 -4.72 17.38 -23.42
C THR C 52 -4.59 18.45 -24.50
N ARG C 53 -3.43 19.10 -24.57
CA ARG C 53 -3.24 20.12 -25.61
C ARG C 53 -3.23 19.36 -26.94
N LYS C 54 -2.54 18.22 -26.99
CA LYS C 54 -2.50 17.43 -28.21
C LYS C 54 -3.91 16.99 -28.62
N LEU C 55 -4.69 16.50 -27.65
CA LEU C 55 -6.02 15.98 -27.97
C LEU C 55 -6.97 16.95 -28.64
N GLU C 56 -6.80 18.25 -28.40
CA GLU C 56 -7.68 19.23 -29.01
C GLU C 56 -7.74 19.15 -30.53
N TYR C 57 -6.67 18.72 -31.19
CA TYR C 57 -6.69 18.62 -32.66
C TYR C 57 -7.07 17.25 -33.18
N LEU C 58 -7.19 16.28 -32.28
CA LEU C 58 -7.57 14.93 -32.70
C LEU C 58 -9.08 14.70 -32.63
N ILE C 59 -9.67 15.19 -31.56
CA ILE C 59 -11.08 15.01 -31.32
C ILE C 59 -11.99 15.45 -32.47
N PRO C 60 -11.64 16.54 -33.15
CA PRO C 60 -12.49 17.00 -34.27
C PRO C 60 -12.58 15.88 -35.30
N GLU C 61 -11.48 15.17 -35.48
CA GLU C 61 -11.53 14.08 -36.44
C GLU C 61 -12.35 12.93 -35.85
N ALA C 62 -12.18 12.65 -34.56
CA ALA C 62 -12.92 11.54 -33.96
C ALA C 62 -14.41 11.76 -34.12
N LEU C 63 -14.84 13.02 -33.94
CA LEU C 63 -16.25 13.40 -34.05
C LEU C 63 -16.76 13.33 -35.46
N ALA C 64 -15.99 13.85 -36.42
CA ALA C 64 -16.43 13.81 -37.81
C ALA C 64 -16.61 12.38 -38.31
N GLN C 65 -15.83 11.44 -37.78
CA GLN C 65 -15.92 10.06 -38.23
C GLN C 65 -17.07 9.31 -37.53
N GLY C 66 -17.74 9.98 -36.60
CA GLY C 66 -18.82 9.33 -35.88
C GLY C 66 -18.35 8.30 -34.86
N CYS C 67 -17.12 8.45 -34.39
CA CYS C 67 -16.62 7.49 -33.38
C CYS C 67 -17.32 7.69 -32.03
N ASP C 68 -17.65 6.59 -31.36
CA ASP C 68 -18.34 6.67 -30.08
C ASP C 68 -17.44 6.19 -28.93
N THR C 69 -16.21 5.81 -29.25
CA THR C 69 -15.27 5.31 -28.24
C THR C 69 -13.82 5.78 -28.45
N LEU C 70 -13.15 6.21 -27.39
CA LEU C 70 -11.76 6.60 -27.57
C LEU C 70 -10.94 5.45 -26.99
N VAL C 71 -10.05 4.88 -27.80
CA VAL C 71 -9.21 3.76 -27.36
C VAL C 71 -7.73 4.22 -27.31
N SER C 72 -7.08 4.11 -26.15
CA SER C 72 -5.68 4.49 -26.11
C SER C 72 -4.85 3.48 -25.37
N ILE C 73 -3.62 3.85 -25.05
CA ILE C 73 -2.75 2.87 -24.41
C ILE C 73 -1.63 3.52 -23.64
N GLY C 74 -1.08 2.81 -22.67
CA GLY C 74 0.05 3.32 -21.92
C GLY C 74 0.42 2.46 -20.71
N GLY C 75 1.53 2.81 -20.07
CA GLY C 75 1.97 2.08 -18.90
C GLY C 75 0.99 2.29 -17.74
N ILE C 76 1.28 1.67 -16.60
CA ILE C 76 0.38 1.78 -15.45
C ILE C 76 0.13 3.21 -14.96
N GLN C 77 1.16 4.03 -14.86
CA GLN C 77 0.90 5.40 -14.40
C GLN C 77 0.87 6.42 -15.54
N SER C 78 0.58 5.90 -16.73
CA SER C 78 0.47 6.74 -17.91
C SER C 78 -0.42 7.97 -17.63
N ASN C 79 0.05 9.14 -18.07
CA ASN C 79 -0.71 10.39 -17.92
C ASN C 79 -1.68 10.53 -19.09
N GLN C 80 -1.27 9.99 -20.24
CA GLN C 80 -2.03 10.02 -21.49
C GLN C 80 -3.37 9.30 -21.35
N THR C 81 -3.34 8.08 -20.87
CA THR C 81 -4.57 7.33 -20.76
C THR C 81 -5.54 8.00 -19.81
N ARG C 82 -5.02 8.63 -18.76
CA ARG C 82 -5.91 9.32 -17.83
C ARG C 82 -6.57 10.52 -18.51
N GLN C 83 -5.82 11.26 -19.33
CA GLN C 83 -6.44 12.40 -19.99
C GLN C 83 -7.50 11.96 -21.02
N VAL C 84 -7.21 10.87 -21.72
CA VAL C 84 -8.11 10.33 -22.72
C VAL C 84 -9.44 9.93 -22.04
N ALA C 85 -9.31 9.27 -20.91
CA ALA C 85 -10.45 8.85 -20.13
C ALA C 85 -11.33 10.05 -19.76
N ALA C 86 -10.71 11.15 -19.31
CA ALA C 86 -11.51 12.31 -18.91
C ALA C 86 -12.13 13.00 -20.12
N VAL C 87 -11.33 13.17 -21.17
CA VAL C 87 -11.81 13.79 -22.39
C VAL C 87 -12.99 13.00 -22.89
N ALA C 88 -12.87 11.66 -22.91
CA ALA C 88 -13.96 10.78 -23.34
C ALA C 88 -15.25 11.03 -22.56
N ALA C 89 -15.17 10.91 -21.23
CA ALA C 89 -16.33 11.12 -20.35
C ALA C 89 -16.98 12.48 -20.69
N HIS C 90 -16.14 13.50 -20.82
CA HIS C 90 -16.61 14.83 -21.13
C HIS C 90 -17.36 14.92 -22.47
N LEU C 91 -16.88 14.17 -23.46
CA LEU C 91 -17.48 14.19 -24.78
C LEU C 91 -18.66 13.26 -24.92
N GLY C 92 -18.86 12.38 -23.96
CA GLY C 92 -19.98 11.46 -24.06
C GLY C 92 -19.54 10.26 -24.87
N MET C 93 -18.23 10.01 -24.84
CA MET C 93 -17.65 8.88 -25.53
C MET C 93 -17.19 7.83 -24.56
N LYS C 94 -17.24 6.59 -25.00
CA LYS C 94 -16.76 5.50 -24.17
C LYS C 94 -15.25 5.53 -24.26
N CYS C 95 -14.61 4.73 -23.43
CA CYS C 95 -13.16 4.71 -23.45
C CYS C 95 -12.60 3.37 -23.05
N VAL C 96 -11.72 2.85 -23.89
CA VAL C 96 -11.06 1.60 -23.58
C VAL C 96 -9.59 1.93 -23.47
N LEU C 97 -8.98 1.52 -22.37
CA LEU C 97 -7.56 1.76 -22.16
C LEU C 97 -6.79 0.45 -22.09
N VAL C 98 -5.71 0.33 -22.88
CA VAL C 98 -4.87 -0.86 -22.91
C VAL C 98 -3.67 -0.53 -22.06
N GLN C 99 -3.47 -1.25 -20.96
CA GLN C 99 -2.36 -0.93 -20.10
C GLN C 99 -1.52 -2.08 -19.60
N GLU C 100 -0.26 -1.78 -19.35
CA GLU C 100 0.67 -2.79 -18.91
C GLU C 100 1.78 -2.12 -18.16
N ASN C 101 2.48 -2.86 -17.31
CA ASN C 101 3.57 -2.24 -16.60
C ASN C 101 4.76 -2.11 -17.55
N TRP C 102 5.11 -0.87 -17.86
CA TRP C 102 6.22 -0.56 -18.75
C TRP C 102 7.38 -0.11 -17.93
N VAL C 103 7.34 -0.39 -16.65
CA VAL C 103 8.45 0.02 -15.82
C VAL C 103 8.91 -1.13 -14.96
N ASN C 104 10.21 -1.22 -14.76
CA ASN C 104 10.73 -2.27 -13.89
C ASN C 104 10.64 -1.70 -12.47
N TYR C 105 9.40 -1.60 -11.99
CA TYR C 105 9.09 -1.04 -10.68
C TYR C 105 7.91 -1.87 -10.19
N SER C 106 7.72 -1.96 -8.89
CA SER C 106 6.59 -2.78 -8.42
C SER C 106 6.02 -2.39 -7.08
N ASP C 107 5.67 -1.12 -6.94
CA ASP C 107 5.13 -0.64 -5.70
C ASP C 107 3.74 -1.24 -5.39
N ALA C 108 3.53 -1.60 -4.12
CA ALA C 108 2.27 -2.21 -3.67
C ALA C 108 0.96 -1.58 -4.14
N VAL C 109 0.93 -0.27 -4.38
CA VAL C 109 -0.32 0.34 -4.83
C VAL C 109 -0.25 0.98 -6.20
N TYR C 110 0.78 0.62 -6.97
CA TYR C 110 1.06 1.19 -8.31
C TYR C 110 -0.14 1.21 -9.26
N ASP C 111 -0.91 0.15 -9.27
CA ASP C 111 -2.05 0.08 -10.17
C ASP C 111 -3.38 0.47 -9.56
N ARG C 112 -3.35 1.19 -8.43
CA ARG C 112 -4.60 1.56 -7.77
C ARG C 112 -4.62 2.99 -7.23
N VAL C 113 -3.59 3.75 -7.60
CA VAL C 113 -3.54 5.14 -7.19
C VAL C 113 -3.21 6.05 -8.38
N GLY C 114 -3.10 7.35 -8.10
CA GLY C 114 -2.77 8.30 -9.15
C GLY C 114 -3.59 8.25 -10.42
N ASN C 115 -2.88 8.16 -11.54
CA ASN C 115 -3.50 8.18 -12.87
C ASN C 115 -4.49 7.10 -13.19
N ILE C 116 -4.10 5.85 -12.96
CA ILE C 116 -4.97 4.72 -13.27
C ILE C 116 -6.23 4.72 -12.41
N GLN C 117 -6.10 5.13 -11.15
CA GLN C 117 -7.27 5.20 -10.27
C GLN C 117 -8.31 6.14 -10.89
N MET C 118 -7.87 7.31 -11.34
CA MET C 118 -8.76 8.30 -11.97
C MET C 118 -9.45 7.77 -13.22
N SER C 119 -8.67 7.12 -14.09
CA SER C 119 -9.21 6.55 -15.31
C SER C 119 -10.39 5.62 -14.97
N ARG C 120 -10.21 4.81 -13.94
CA ARG C 120 -11.29 3.91 -13.55
C ARG C 120 -12.47 4.71 -13.03
N ILE C 121 -12.21 5.70 -12.20
CA ILE C 121 -13.33 6.49 -11.68
C ILE C 121 -14.01 7.19 -12.84
N LEU C 122 -13.23 7.65 -13.82
CA LEU C 122 -13.80 8.31 -14.99
C LEU C 122 -14.62 7.40 -15.89
N GLY C 123 -14.69 6.11 -15.54
CA GLY C 123 -15.49 5.18 -16.30
C GLY C 123 -14.83 4.48 -17.48
N ALA C 124 -13.51 4.55 -17.58
CA ALA C 124 -12.82 3.88 -18.70
C ALA C 124 -12.76 2.38 -18.47
N ASP C 125 -12.69 1.62 -19.56
CA ASP C 125 -12.56 0.18 -19.43
C ASP C 125 -11.04 0.06 -19.43
N VAL C 126 -10.47 -0.08 -18.24
CA VAL C 126 -9.02 -0.19 -18.03
C VAL C 126 -8.61 -1.67 -18.10
N ARG C 127 -8.03 -2.06 -19.23
CA ARG C 127 -7.63 -3.45 -19.41
C ARG C 127 -6.17 -3.58 -19.10
N LEU C 128 -5.90 -3.94 -17.86
CA LEU C 128 -4.53 -4.04 -17.38
C LEU C 128 -4.14 -5.51 -17.39
N VAL C 129 -3.12 -5.84 -18.15
CA VAL C 129 -2.68 -7.22 -18.27
C VAL C 129 -1.61 -7.59 -17.22
N PRO C 130 -1.48 -8.89 -16.90
CA PRO C 130 -0.50 -9.39 -15.92
C PRO C 130 0.92 -9.26 -16.48
N ASP C 131 1.92 -9.36 -15.61
CA ASP C 131 3.30 -9.24 -16.05
C ASP C 131 3.64 -10.29 -17.11
N GLY C 132 4.56 -9.93 -18.00
CA GLY C 132 4.97 -10.84 -19.06
C GLY C 132 3.95 -11.07 -20.16
N PHE C 133 2.77 -10.47 -20.04
CA PHE C 133 1.71 -10.64 -21.03
C PHE C 133 2.08 -10.00 -22.36
N ASP C 134 2.91 -8.96 -22.30
CA ASP C 134 3.40 -8.25 -23.47
C ASP C 134 2.31 -7.81 -24.47
N ILE C 135 1.72 -6.65 -24.22
CA ILE C 135 0.67 -6.11 -25.09
C ILE C 135 1.23 -5.74 -26.48
N GLY C 136 2.32 -4.96 -26.49
CA GLY C 136 2.93 -4.54 -27.74
C GLY C 136 3.37 -5.69 -28.62
N PHE C 137 3.42 -6.89 -28.03
CA PHE C 137 3.82 -8.11 -28.73
C PHE C 137 2.56 -8.79 -29.25
N ARG C 138 1.60 -9.04 -28.37
CA ARG C 138 0.37 -9.69 -28.80
C ARG C 138 -0.48 -8.71 -29.59
N ARG C 139 -0.01 -7.47 -29.68
CA ARG C 139 -0.76 -6.44 -30.38
C ARG C 139 -2.15 -6.35 -29.73
N SER C 140 -2.16 -6.12 -28.43
CA SER C 140 -3.42 -5.99 -27.69
C SER C 140 -4.13 -4.72 -28.13
N TRP C 141 -3.33 -3.76 -28.61
CA TRP C 141 -3.81 -2.48 -29.12
C TRP C 141 -4.95 -2.75 -30.07
N GLU C 142 -4.63 -3.49 -31.13
CA GLU C 142 -5.57 -3.87 -32.18
C GLU C 142 -6.77 -4.67 -31.69
N ASP C 143 -6.53 -5.62 -30.79
CA ASP C 143 -7.63 -6.43 -30.28
C ASP C 143 -8.69 -5.55 -29.62
N ALA C 144 -8.22 -4.58 -28.83
CA ALA C 144 -9.11 -3.64 -28.17
C ALA C 144 -9.88 -2.91 -29.27
N LEU C 145 -9.15 -2.36 -30.24
CA LEU C 145 -9.79 -1.64 -31.35
C LEU C 145 -10.85 -2.53 -32.00
N GLU C 146 -10.48 -3.78 -32.29
CA GLU C 146 -11.43 -4.69 -32.92
C GLU C 146 -12.59 -5.03 -32.01
N SER C 147 -12.34 -5.23 -30.72
CA SER C 147 -13.41 -5.57 -29.79
C SER C 147 -14.43 -4.47 -29.67
N VAL C 148 -14.02 -3.23 -29.91
CA VAL C 148 -14.97 -2.14 -29.85
C VAL C 148 -15.89 -2.32 -31.06
N ARG C 149 -15.28 -2.60 -32.22
CA ARG C 149 -16.02 -2.81 -33.45
C ARG C 149 -16.93 -4.01 -33.24
N ALA C 150 -16.32 -5.12 -32.85
CA ALA C 150 -17.07 -6.34 -32.58
C ALA C 150 -18.30 -6.00 -31.74
N ALA C 151 -18.12 -5.17 -30.73
CA ALA C 151 -19.24 -4.76 -29.88
C ALA C 151 -20.17 -3.75 -30.56
N GLY C 152 -19.88 -3.40 -31.80
CA GLY C 152 -20.75 -2.48 -32.51
C GLY C 152 -20.56 -1.00 -32.26
N GLY C 153 -19.39 -0.63 -31.74
CA GLY C 153 -19.13 0.78 -31.50
C GLY C 153 -18.12 1.18 -32.55
N LYS C 154 -17.73 2.45 -32.58
CA LYS C 154 -16.76 2.86 -33.56
C LYS C 154 -15.63 3.55 -32.79
N PRO C 155 -14.49 2.89 -32.71
CA PRO C 155 -13.35 3.44 -31.99
C PRO C 155 -12.49 4.42 -32.75
N TYR C 156 -11.91 5.35 -31.98
CA TYR C 156 -10.98 6.32 -32.51
C TYR C 156 -9.64 5.93 -31.85
N ALA C 157 -8.71 5.50 -32.68
CA ALA C 157 -7.41 5.04 -32.23
C ALA C 157 -6.47 6.18 -31.87
N ILE C 158 -5.99 6.15 -30.62
CA ILE C 158 -5.06 7.15 -30.15
C ILE C 158 -3.84 6.39 -29.66
N PRO C 159 -2.70 6.55 -30.34
CA PRO C 159 -1.44 5.87 -30.00
C PRO C 159 -0.81 6.40 -28.73
N ALA C 160 0.14 5.64 -28.21
CA ALA C 160 0.84 6.04 -26.99
C ALA C 160 1.27 7.50 -27.07
N GLY C 161 0.91 8.27 -26.06
CA GLY C 161 1.26 9.68 -26.01
C GLY C 161 0.68 10.55 -27.11
N CYS C 162 -0.26 10.05 -27.89
CA CYS C 162 -0.82 10.81 -29.00
C CYS C 162 0.21 11.11 -30.09
N SER C 163 1.47 10.81 -29.80
CA SER C 163 2.53 11.19 -30.72
C SER C 163 2.55 10.71 -32.15
N ASP C 164 2.65 9.39 -32.34
CA ASP C 164 2.73 8.85 -33.69
C ASP C 164 1.39 8.80 -34.36
N HIS C 165 0.85 9.97 -34.59
CA HIS C 165 -0.46 10.13 -35.18
C HIS C 165 -0.34 11.34 -36.09
N PRO C 166 -1.01 11.32 -37.26
CA PRO C 166 -0.99 12.42 -38.22
C PRO C 166 -1.24 13.80 -37.60
N LEU C 167 -2.11 13.86 -36.59
CA LEU C 167 -2.44 15.14 -35.95
C LEU C 167 -1.79 15.35 -34.59
N GLY C 168 -1.02 14.35 -34.16
CA GLY C 168 -0.38 14.39 -32.86
C GLY C 168 0.57 15.53 -32.55
N GLY C 169 1.16 16.12 -33.57
CA GLY C 169 2.10 17.22 -33.31
C GLY C 169 1.52 18.61 -33.44
N LEU C 170 0.27 18.73 -33.87
CA LEU C 170 -0.34 20.04 -34.06
C LEU C 170 -0.45 20.85 -32.80
N GLY C 171 -0.97 20.23 -31.74
CA GLY C 171 -1.14 20.93 -30.48
C GLY C 171 0.10 21.72 -30.09
N PHE C 172 1.29 21.14 -30.19
CA PHE C 172 2.43 21.91 -29.75
C PHE C 172 3.04 22.86 -30.75
N VAL C 173 2.40 22.94 -31.92
CA VAL C 173 2.78 23.92 -32.92
C VAL C 173 1.98 25.08 -32.34
N GLY C 174 0.76 24.77 -31.89
CA GLY C 174 -0.06 25.80 -31.29
C GLY C 174 0.67 26.41 -30.10
N PHE C 175 1.46 25.61 -29.40
CA PHE C 175 2.21 26.08 -28.23
C PHE C 175 3.21 27.17 -28.63
N ALA C 176 3.91 27.00 -29.77
CA ALA C 176 4.89 28.01 -30.19
C ALA C 176 4.17 29.31 -30.45
N GLU C 177 3.11 29.20 -31.22
CA GLU C 177 2.24 30.30 -31.62
C GLU C 177 1.75 31.07 -30.39
N GLU C 178 1.21 30.33 -29.43
CA GLU C 178 0.70 30.91 -28.20
C GLU C 178 1.80 31.63 -27.44
N VAL C 179 2.98 31.03 -27.43
CA VAL C 179 4.14 31.60 -26.76
C VAL C 179 4.48 32.94 -27.44
N ARG C 180 4.49 32.94 -28.77
CA ARG C 180 4.78 34.19 -29.48
C ARG C 180 3.80 35.25 -29.01
N ALA C 181 2.52 34.90 -29.00
CA ALA C 181 1.47 35.83 -28.56
C ALA C 181 1.70 36.33 -27.15
N GLN C 182 2.24 35.50 -26.27
CA GLN C 182 2.48 35.94 -24.89
C GLN C 182 3.76 36.77 -24.80
N GLU C 183 4.73 36.44 -25.64
CA GLU C 183 5.97 37.19 -25.64
C GLU C 183 5.70 38.62 -26.10
N ALA C 184 4.61 38.81 -26.84
CA ALA C 184 4.21 40.13 -27.32
C ALA C 184 3.38 40.85 -26.25
N GLU C 185 2.62 40.08 -25.46
CA GLU C 185 1.82 40.67 -24.38
C GLU C 185 2.80 41.18 -23.36
N LEU C 186 3.80 40.35 -23.07
CA LEU C 186 4.83 40.65 -22.08
C LEU C 186 5.79 41.73 -22.53
N GLY C 187 5.99 41.83 -23.84
CA GLY C 187 6.91 42.82 -24.34
C GLY C 187 8.32 42.29 -24.43
N PHE C 188 8.53 41.01 -24.13
CA PHE C 188 9.87 40.44 -24.26
C PHE C 188 9.84 39.00 -24.78
N LYS C 189 11.02 38.43 -25.00
CA LYS C 189 11.15 37.09 -25.58
C LYS C 189 11.84 36.05 -24.73
N PHE C 190 11.47 34.79 -24.93
CA PHE C 190 12.10 33.70 -24.21
C PHE C 190 13.21 33.19 -25.11
N ASP C 191 14.37 32.92 -24.52
CA ASP C 191 15.54 32.46 -25.26
C ASP C 191 15.69 30.95 -25.48
N TYR C 192 14.96 30.17 -24.68
CA TYR C 192 14.98 28.72 -24.76
C TYR C 192 13.72 28.19 -24.11
N VAL C 193 13.49 26.91 -24.32
CA VAL C 193 12.38 26.19 -23.72
C VAL C 193 12.98 24.88 -23.25
N VAL C 194 12.50 24.37 -22.13
CA VAL C 194 13.00 23.08 -21.67
C VAL C 194 11.77 22.20 -21.62
N VAL C 195 11.83 21.07 -22.33
CA VAL C 195 10.70 20.16 -22.39
C VAL C 195 11.10 18.70 -22.26
N CYS C 196 10.39 17.97 -21.40
CA CYS C 196 10.66 16.55 -21.20
C CYS C 196 10.21 15.81 -22.43
N SER C 197 10.97 14.81 -22.89
CA SER C 197 10.54 14.11 -24.11
C SER C 197 10.52 12.57 -24.03
N VAL C 198 9.44 11.95 -24.48
CA VAL C 198 9.48 10.48 -24.48
C VAL C 198 8.90 9.92 -25.77
N THR C 199 7.59 10.07 -26.00
CA THR C 199 7.02 9.57 -27.22
C THR C 199 7.20 10.60 -28.33
N GLY C 200 7.62 11.81 -27.96
CA GLY C 200 7.94 12.82 -28.95
C GLY C 200 7.10 13.84 -29.67
N SER C 201 5.77 13.75 -29.68
CA SER C 201 5.06 14.77 -30.45
C SER C 201 4.95 16.12 -29.71
N THR C 202 5.26 16.17 -28.41
CA THR C 202 5.24 17.43 -27.69
C THR C 202 6.38 18.27 -28.24
N GLN C 203 7.60 17.76 -28.11
CA GLN C 203 8.74 18.49 -28.61
C GLN C 203 8.69 18.65 -30.13
N ALA C 204 8.11 17.68 -30.84
CA ALA C 204 8.05 17.80 -32.30
C ALA C 204 7.21 19.01 -32.72
N GLY C 205 6.09 19.19 -32.02
CA GLY C 205 5.20 20.31 -32.31
C GLY C 205 5.93 21.60 -32.02
N MET C 206 6.69 21.59 -30.94
CA MET C 206 7.43 22.77 -30.58
C MET C 206 8.46 23.05 -31.66
N VAL C 207 9.26 22.05 -32.02
CA VAL C 207 10.28 22.23 -33.08
C VAL C 207 9.70 22.87 -34.34
N VAL C 208 8.58 22.36 -34.83
CA VAL C 208 7.92 22.91 -36.01
C VAL C 208 7.42 24.34 -35.78
N GLY C 209 6.76 24.54 -34.64
CA GLY C 209 6.24 25.85 -34.28
C GLY C 209 7.31 26.90 -34.12
N PHE C 210 8.45 26.51 -33.56
CA PHE C 210 9.52 27.47 -33.37
C PHE C 210 10.47 27.63 -34.57
N ALA C 211 10.51 26.63 -35.45
CA ALA C 211 11.33 26.75 -36.64
C ALA C 211 10.76 27.90 -37.48
N ALA C 212 9.44 28.09 -37.40
CA ALA C 212 8.78 29.15 -38.16
C ALA C 212 9.27 30.54 -37.78
N ASP C 213 10.14 30.65 -36.79
CA ASP C 213 10.66 31.94 -36.42
C ASP C 213 12.12 31.82 -36.04
N GLY C 214 12.75 30.76 -36.55
CA GLY C 214 14.17 30.51 -36.34
C GLY C 214 14.60 30.10 -34.96
N ARG C 215 13.66 29.55 -34.20
CA ARG C 215 13.96 29.19 -32.83
C ARG C 215 13.87 27.71 -32.50
N ALA C 216 13.86 26.83 -33.51
CA ALA C 216 13.77 25.39 -33.25
C ALA C 216 14.86 24.85 -32.34
N ASP C 217 16.11 25.21 -32.63
CA ASP C 217 17.20 24.71 -31.82
C ASP C 217 17.23 25.34 -30.44
N ARG C 218 16.20 26.12 -30.12
CA ARG C 218 16.11 26.76 -28.81
C ARG C 218 15.28 25.89 -27.85
N VAL C 219 14.63 24.89 -28.42
CA VAL C 219 13.82 23.94 -27.67
C VAL C 219 14.76 22.85 -27.20
N ILE C 220 15.19 22.92 -25.95
CA ILE C 220 16.09 21.93 -25.37
C ILE C 220 15.26 20.76 -24.80
N GLY C 221 15.25 19.65 -25.54
CA GLY C 221 14.53 18.48 -25.11
C GLY C 221 15.37 17.76 -24.09
N VAL C 222 14.72 17.09 -23.14
CA VAL C 222 15.41 16.33 -22.12
C VAL C 222 14.77 14.96 -22.12
N ASP C 223 15.55 13.97 -22.56
CA ASP C 223 15.07 12.60 -22.64
C ASP C 223 14.71 11.98 -21.30
N ALA C 224 13.53 11.36 -21.23
CA ALA C 224 13.15 10.66 -20.00
C ALA C 224 12.87 9.22 -20.40
N SER C 225 13.21 8.86 -21.63
CA SER C 225 12.99 7.49 -22.08
C SER C 225 14.15 6.58 -21.69
N ALA C 226 15.36 7.12 -21.65
CA ALA C 226 16.55 6.34 -21.35
C ALA C 226 16.88 5.52 -22.60
N LYS C 227 16.22 5.87 -23.71
CA LYS C 227 16.41 5.29 -25.04
C LYS C 227 16.52 6.52 -25.96
N PRO C 228 17.50 7.40 -25.74
CA PRO C 228 17.69 8.62 -26.55
C PRO C 228 17.66 8.50 -28.09
N ALA C 229 18.33 7.49 -28.63
CA ALA C 229 18.35 7.31 -30.06
C ALA C 229 16.95 7.27 -30.63
N GLN C 230 16.17 6.27 -30.22
CA GLN C 230 14.79 6.12 -30.70
C GLN C 230 13.96 7.36 -30.49
N THR C 231 14.11 7.93 -29.31
CA THR C 231 13.33 9.12 -28.98
C THR C 231 13.73 10.26 -29.92
N ARG C 232 15.02 10.48 -30.10
CA ARG C 232 15.42 11.54 -31.01
C ARG C 232 14.82 11.35 -32.40
N GLU C 233 14.89 10.11 -32.87
CA GLU C 233 14.40 9.76 -34.21
C GLU C 233 12.88 9.96 -34.32
N GLN C 234 12.17 9.62 -33.27
CA GLN C 234 10.73 9.80 -33.31
C GLN C 234 10.38 11.29 -33.31
N ILE C 235 11.11 12.08 -32.54
CA ILE C 235 10.84 13.52 -32.51
C ILE C 235 11.08 14.11 -33.90
N THR C 236 12.25 13.77 -34.45
CA THR C 236 12.64 14.26 -35.79
C THR C 236 11.61 13.85 -36.84
N ARG C 237 11.18 12.60 -36.79
CA ARG C 237 10.20 12.09 -37.75
C ARG C 237 8.89 12.79 -37.58
N ILE C 238 8.44 12.88 -36.33
CA ILE C 238 7.18 13.54 -36.08
C ILE C 238 7.24 15.00 -36.49
N ALA C 239 8.37 15.63 -36.23
CA ALA C 239 8.55 17.03 -36.57
C ALA C 239 8.40 17.25 -38.08
N ARG C 240 9.09 16.42 -38.85
CA ARG C 240 9.05 16.55 -40.31
C ARG C 240 7.67 16.31 -40.87
N GLN C 241 6.96 15.30 -40.36
CA GLN C 241 5.63 15.04 -40.88
C GLN C 241 4.68 16.18 -40.55
N THR C 242 4.82 16.73 -39.34
CA THR C 242 3.96 17.82 -38.91
C THR C 242 4.35 19.10 -39.67
N ALA C 243 5.65 19.32 -39.85
CA ALA C 243 6.13 20.49 -40.59
C ALA C 243 5.40 20.58 -41.92
N GLU C 244 5.35 19.46 -42.62
CA GLU C 244 4.68 19.36 -43.90
C GLU C 244 3.18 19.58 -43.76
N LYS C 245 2.60 18.97 -42.75
CA LYS C 245 1.18 19.07 -42.51
C LYS C 245 0.74 20.55 -42.34
N VAL C 246 1.57 21.35 -41.68
CA VAL C 246 1.16 22.74 -41.45
C VAL C 246 1.74 23.70 -42.46
N GLY C 247 2.24 23.15 -43.56
CA GLY C 247 2.79 24.00 -44.60
C GLY C 247 4.00 24.82 -44.20
N LEU C 248 4.80 24.32 -43.26
CA LEU C 248 6.00 25.04 -42.87
C LEU C 248 6.84 24.98 -44.14
N GLU C 249 7.29 26.11 -44.65
CA GLU C 249 8.09 26.02 -45.86
C GLU C 249 9.57 26.01 -45.53
N ARG C 250 9.97 24.98 -44.78
CA ARG C 250 11.36 24.78 -44.37
C ARG C 250 11.59 23.32 -43.96
N ASP C 251 12.82 22.84 -44.07
CA ASP C 251 13.10 21.47 -43.66
C ASP C 251 13.53 21.45 -42.20
N ILE C 252 13.19 20.39 -41.49
CA ILE C 252 13.64 20.28 -40.11
C ILE C 252 14.99 19.54 -40.23
N MET C 253 16.07 20.20 -39.79
CA MET C 253 17.41 19.64 -39.83
C MET C 253 17.67 18.85 -38.58
N ARG C 254 18.72 18.05 -38.64
CA ARG C 254 19.15 17.24 -37.51
C ARG C 254 19.50 18.20 -36.35
N ALA C 255 19.93 19.41 -36.73
CA ALA C 255 20.32 20.44 -35.77
C ALA C 255 19.14 21.15 -35.13
N ASP C 256 17.95 20.99 -35.69
CA ASP C 256 16.80 21.63 -35.10
C ASP C 256 16.30 20.82 -33.92
N VAL C 257 16.56 19.51 -33.95
CA VAL C 257 16.10 18.62 -32.90
C VAL C 257 17.16 18.34 -31.82
N VAL C 258 17.01 19.03 -30.69
CA VAL C 258 17.93 18.90 -29.59
C VAL C 258 17.37 18.05 -28.45
N LEU C 259 18.08 16.97 -28.13
CA LEU C 259 17.66 16.05 -27.09
C LEU C 259 18.83 15.73 -26.17
N ASP C 260 18.80 16.30 -24.97
CA ASP C 260 19.86 16.04 -24.01
C ASP C 260 19.57 14.63 -23.51
N GLU C 261 20.60 13.90 -23.10
CA GLU C 261 20.43 12.53 -22.65
C GLU C 261 20.87 12.30 -21.20
N ARG C 262 21.62 13.25 -20.67
CA ARG C 262 22.17 13.15 -19.32
C ARG C 262 21.21 12.97 -18.14
N PHE C 263 19.92 13.15 -18.34
CA PHE C 263 19.02 13.07 -17.18
C PHE C 263 17.93 11.99 -17.19
N ALA C 264 18.02 11.09 -18.14
CA ALA C 264 17.05 10.03 -18.32
C ALA C 264 17.19 8.84 -17.38
N GLY C 265 18.35 8.66 -16.77
CA GLY C 265 18.58 7.50 -15.92
C GLY C 265 17.70 7.23 -14.71
N PRO C 266 17.66 5.97 -14.25
CA PRO C 266 18.42 4.86 -14.85
C PRO C 266 17.63 4.13 -15.91
N GLU C 267 16.32 4.36 -15.89
CA GLU C 267 15.40 3.72 -16.80
C GLU C 267 14.13 4.54 -16.91
N TYR C 268 13.38 4.31 -17.97
CA TYR C 268 12.12 5.00 -18.10
C TYR C 268 11.36 4.69 -16.80
N GLY C 269 10.67 5.69 -16.26
CA GLY C 269 9.90 5.50 -15.06
C GLY C 269 10.62 5.29 -13.75
N LEU C 270 11.94 5.31 -13.77
CA LEU C 270 12.70 5.16 -12.54
C LEU C 270 13.49 6.45 -12.37
N PRO C 271 13.40 7.08 -11.20
CA PRO C 271 14.14 8.32 -10.98
C PRO C 271 15.55 8.05 -10.47
N ASN C 272 16.46 9.00 -10.63
CA ASN C 272 17.80 8.84 -10.06
C ASN C 272 17.85 9.82 -8.88
N GLU C 273 18.90 9.75 -8.07
CA GLU C 273 19.05 10.64 -6.93
C GLU C 273 19.01 12.13 -7.32
N GLY C 274 19.35 12.42 -8.56
CA GLY C 274 19.34 13.79 -9.01
C GLY C 274 17.92 14.19 -9.35
N THR C 275 17.17 13.20 -9.85
CA THR C 275 15.77 13.43 -10.17
C THR C 275 15.10 13.89 -8.87
N LEU C 276 15.26 13.09 -7.82
CA LEU C 276 14.65 13.37 -6.53
C LEU C 276 15.04 14.71 -5.89
N GLU C 277 16.29 15.11 -6.07
CA GLU C 277 16.71 16.37 -5.47
C GLU C 277 16.09 17.51 -6.27
N ALA C 278 16.04 17.34 -7.59
CA ALA C 278 15.46 18.39 -8.41
C ALA C 278 14.02 18.59 -7.98
N ILE C 279 13.29 17.49 -7.83
CA ILE C 279 11.88 17.57 -7.43
C ILE C 279 11.72 18.34 -6.12
N ARG C 280 12.53 17.99 -5.14
CA ARG C 280 12.46 18.63 -3.84
C ARG C 280 12.85 20.09 -3.90
N LEU C 281 13.90 20.39 -4.66
CA LEU C 281 14.40 21.75 -4.78
C LEU C 281 13.37 22.65 -5.42
N CYS C 282 12.85 22.21 -6.56
CA CYS C 282 11.85 23.02 -7.24
C CYS C 282 10.62 23.17 -6.34
N ALA C 283 10.17 22.09 -5.73
CA ALA C 283 8.98 22.21 -4.88
C ALA C 283 9.20 23.16 -3.68
N ARG C 284 10.37 23.05 -3.06
CA ARG C 284 10.63 23.86 -1.90
C ARG C 284 10.93 25.33 -2.13
N THR C 285 11.15 25.72 -3.39
CA THR C 285 11.44 27.11 -3.70
C THR C 285 10.22 27.75 -4.35
N GLU C 286 9.56 26.99 -5.21
CA GLU C 286 8.42 27.53 -5.94
C GLU C 286 7.05 27.00 -5.60
N GLY C 287 6.98 25.95 -4.79
CA GLY C 287 5.69 25.39 -4.45
C GLY C 287 5.13 24.66 -5.65
N MET C 288 6.00 24.40 -6.63
CA MET C 288 5.58 23.71 -7.85
C MET C 288 6.12 22.28 -7.83
N LEU C 289 5.20 21.32 -7.87
CA LEU C 289 5.55 19.91 -7.84
C LEU C 289 5.91 19.31 -9.23
N THR C 290 6.82 18.36 -9.26
CA THR C 290 7.19 17.69 -10.51
C THR C 290 7.27 16.21 -10.11
N ASP C 291 7.32 15.32 -11.09
CA ASP C 291 7.29 13.87 -10.81
C ASP C 291 8.53 13.10 -11.15
N PRO C 292 8.70 11.91 -10.54
CA PRO C 292 9.84 11.02 -10.73
C PRO C 292 10.01 10.47 -12.13
N VAL C 293 8.95 10.46 -12.94
CA VAL C 293 9.06 9.88 -14.30
C VAL C 293 9.40 10.87 -15.41
N TYR C 294 8.64 11.96 -15.49
CA TYR C 294 8.77 12.96 -16.53
C TYR C 294 9.35 14.31 -16.17
N GLU C 295 8.51 15.20 -15.63
CA GLU C 295 8.94 16.55 -15.31
C GLU C 295 10.08 16.67 -14.33
N GLY C 296 10.21 15.74 -13.40
CA GLY C 296 11.30 15.80 -12.45
C GLY C 296 12.62 15.59 -13.15
N LYS C 297 12.60 14.88 -14.28
CA LYS C 297 13.80 14.66 -15.00
C LYS C 297 14.16 15.91 -15.81
N SER C 298 13.18 16.55 -16.40
CA SER C 298 13.44 17.76 -17.17
C SER C 298 13.79 18.92 -16.24
N MET C 299 13.22 18.92 -15.04
CA MET C 299 13.50 19.97 -14.07
C MET C 299 14.94 19.80 -13.64
N HIS C 300 15.34 18.54 -13.45
CA HIS C 300 16.71 18.17 -13.08
C HIS C 300 17.67 18.69 -14.17
N GLY C 301 17.23 18.55 -15.42
CA GLY C 301 18.03 18.98 -16.56
C GLY C 301 18.28 20.47 -16.50
N MET C 302 17.19 21.24 -16.51
CA MET C 302 17.28 22.68 -16.45
C MET C 302 18.17 23.17 -15.30
N ILE C 303 17.85 22.74 -14.09
CA ILE C 303 18.63 23.14 -12.91
C ILE C 303 20.12 22.88 -13.14
N GLU C 304 20.41 21.68 -13.63
CA GLU C 304 21.79 21.26 -13.91
C GLU C 304 22.45 22.10 -15.00
N MET C 305 21.69 22.41 -16.04
CA MET C 305 22.21 23.18 -17.13
C MET C 305 22.53 24.56 -16.60
N VAL C 306 21.61 25.11 -15.81
CA VAL C 306 21.83 26.44 -15.24
C VAL C 306 23.08 26.41 -14.38
N ARG C 307 23.16 25.42 -13.50
CA ARG C 307 24.29 25.26 -12.58
C ARG C 307 25.62 25.11 -13.29
N ASN C 308 25.62 24.44 -14.44
CA ASN C 308 26.84 24.24 -15.21
C ASN C 308 27.12 25.40 -16.14
N GLY C 309 26.44 26.52 -15.95
CA GLY C 309 26.67 27.68 -16.80
C GLY C 309 26.43 27.43 -18.28
N GLU C 310 25.71 26.37 -18.62
CA GLU C 310 25.45 26.04 -20.02
C GLU C 310 24.52 27.06 -20.67
N PHE C 311 23.87 27.88 -19.84
CA PHE C 311 23.00 28.93 -20.35
C PHE C 311 23.75 30.27 -20.34
N PRO C 312 23.74 31.00 -21.46
CA PRO C 312 24.42 32.29 -21.53
C PRO C 312 23.83 33.16 -20.42
N GLU C 313 24.66 33.95 -19.75
CA GLU C 313 24.16 34.77 -18.66
C GLU C 313 23.11 35.77 -19.11
N GLY C 314 21.95 35.75 -18.47
CA GLY C 314 20.89 36.68 -18.82
C GLY C 314 19.76 36.06 -19.62
N SER C 315 19.88 34.77 -19.92
CA SER C 315 18.84 34.09 -20.69
C SER C 315 17.55 33.93 -19.88
N ARG C 316 16.44 33.96 -20.60
CA ARG C 316 15.12 33.74 -20.02
C ARG C 316 14.80 32.33 -20.54
N VAL C 317 14.75 31.37 -19.62
CA VAL C 317 14.45 29.98 -19.98
C VAL C 317 13.02 29.62 -19.57
N LEU C 318 12.22 29.20 -20.55
CA LEU C 318 10.83 28.84 -20.34
C LEU C 318 10.67 27.31 -20.15
N TYR C 319 10.49 26.89 -18.89
CA TYR C 319 10.30 25.47 -18.56
C TYR C 319 8.85 25.12 -18.87
N ALA C 320 8.64 24.15 -19.75
CA ALA C 320 7.28 23.72 -20.06
C ALA C 320 6.85 22.63 -19.07
N HIS C 321 5.96 22.96 -18.15
CA HIS C 321 5.52 21.95 -17.18
C HIS C 321 4.40 21.19 -17.85
N LEU C 322 4.72 19.97 -18.32
CA LEU C 322 3.76 19.17 -19.05
C LEU C 322 2.72 18.36 -18.26
N GLY C 323 2.88 18.30 -16.94
CA GLY C 323 1.92 17.61 -16.08
C GLY C 323 2.56 16.48 -15.30
N GLY C 324 1.84 15.37 -15.15
CA GLY C 324 2.39 14.18 -14.51
C GLY C 324 2.36 14.04 -13.01
N VAL C 325 2.05 15.13 -12.32
CA VAL C 325 2.09 15.08 -10.88
C VAL C 325 1.31 13.92 -10.21
N PRO C 326 0.09 13.64 -10.64
CA PRO C 326 -0.59 12.51 -9.94
C PRO C 326 0.26 11.23 -9.77
N ALA C 327 1.25 11.02 -10.63
CA ALA C 327 2.05 9.80 -10.57
C ALA C 327 2.93 9.68 -9.32
N LEU C 328 3.03 10.77 -8.56
CA LEU C 328 3.82 10.75 -7.33
C LEU C 328 3.22 9.71 -6.38
N ASN C 329 1.91 9.52 -6.47
CA ASN C 329 1.23 8.57 -5.59
C ASN C 329 1.75 7.14 -5.69
N GLY C 330 2.30 6.78 -6.86
CA GLY C 330 2.85 5.44 -7.02
C GLY C 330 4.28 5.31 -6.53
N TYR C 331 4.86 6.39 -5.98
CA TYR C 331 6.24 6.32 -5.52
C TYR C 331 6.31 6.79 -4.05
N SER C 332 5.26 6.49 -3.31
CA SER C 332 5.15 6.91 -1.91
C SER C 332 6.29 6.55 -0.97
N PHE C 333 6.95 5.42 -1.18
CA PHE C 333 7.99 5.01 -0.26
C PHE C 333 9.19 5.96 -0.29
N ILE C 334 9.56 6.37 -1.50
CA ILE C 334 10.68 7.27 -1.74
C ILE C 334 10.48 8.62 -1.07
N PHE C 335 9.23 9.04 -0.97
CA PHE C 335 8.97 10.34 -0.35
C PHE C 335 8.42 10.25 1.04
N ARG C 336 8.53 9.08 1.65
CA ARG C 336 7.96 8.90 2.98
C ARG C 336 8.43 9.91 4.03
N ASP C 337 9.62 10.49 3.85
CA ASP C 337 10.15 11.48 4.78
C ASP C 337 10.39 12.81 4.03
N GLY C 338 9.71 12.99 2.90
CA GLY C 338 9.88 14.20 2.12
C GLY C 338 10.67 13.92 0.86
N MET D 1 -20.86 47.58 0.79
CA MET D 1 -19.75 47.06 1.64
C MET D 1 -18.43 47.27 0.91
N ASN D 2 -17.32 47.18 1.64
CA ASN D 2 -16.01 47.36 1.03
C ASN D 2 -14.99 46.26 1.31
N LEU D 3 -14.67 45.48 0.27
CA LEU D 3 -13.72 44.39 0.38
C LEU D 3 -12.29 44.86 0.08
N GLN D 4 -12.16 45.80 -0.84
CA GLN D 4 -10.85 46.34 -1.22
C GLN D 4 -10.01 46.93 -0.08
N ARG D 5 -10.61 47.12 1.10
CA ARG D 5 -9.89 47.66 2.24
C ARG D 5 -8.74 46.73 2.63
N PHE D 6 -8.89 45.45 2.32
CA PHE D 6 -7.86 44.47 2.67
C PHE D 6 -6.98 44.05 1.52
N PRO D 7 -5.68 43.99 1.77
CA PRO D 7 -4.72 43.59 0.75
C PRO D 7 -4.87 42.10 0.43
N ARG D 8 -4.66 41.76 -0.83
CA ARG D 8 -4.79 40.39 -1.28
C ARG D 8 -3.47 39.98 -1.92
N TYR D 9 -2.81 38.97 -1.36
CA TYR D 9 -1.55 38.50 -1.94
C TYR D 9 -1.95 37.48 -3.02
N PRO D 10 -1.51 37.71 -4.27
CA PRO D 10 -1.83 36.81 -5.38
C PRO D 10 -1.22 35.42 -5.23
N LEU D 11 -2.06 34.40 -5.26
CA LEU D 11 -1.60 33.01 -5.13
C LEU D 11 -2.35 32.14 -6.14
N THR D 12 -3.28 32.76 -6.85
CA THR D 12 -4.10 32.11 -7.86
C THR D 12 -3.76 32.65 -9.26
N PHE D 13 -4.33 32.03 -10.29
CA PHE D 13 -4.07 32.48 -11.65
C PHE D 13 -4.96 33.68 -12.00
N GLY D 14 -5.99 33.90 -11.19
CA GLY D 14 -6.93 34.97 -11.44
C GLY D 14 -8.32 34.43 -11.21
N PRO D 15 -9.39 35.16 -11.60
CA PRO D 15 -10.71 34.58 -11.35
C PRO D 15 -10.79 33.14 -11.84
N THR D 16 -11.67 32.36 -11.24
CA THR D 16 -11.81 30.98 -11.62
C THR D 16 -12.89 30.84 -12.67
N PRO D 17 -12.69 29.93 -13.65
CA PRO D 17 -13.70 29.78 -14.69
C PRO D 17 -15.01 29.08 -14.32
N ILE D 18 -16.04 29.37 -15.09
CA ILE D 18 -17.32 28.75 -14.86
C ILE D 18 -17.63 27.86 -16.07
N GLN D 19 -17.92 26.59 -15.82
CA GLN D 19 -18.22 25.66 -16.89
C GLN D 19 -19.63 25.07 -16.82
N PRO D 20 -20.25 24.91 -17.98
CA PRO D 20 -21.59 24.32 -17.92
C PRO D 20 -21.38 22.83 -17.73
N LEU D 21 -22.31 22.17 -17.04
CA LEU D 21 -22.23 20.76 -16.85
C LEU D 21 -23.43 20.29 -17.65
N ALA D 22 -23.35 20.51 -18.97
CA ALA D 22 -24.42 20.14 -19.87
C ALA D 22 -24.80 18.67 -19.83
N ARG D 23 -23.78 17.81 -19.76
CA ARG D 23 -24.07 16.39 -19.78
C ARG D 23 -24.79 15.97 -18.52
N LEU D 24 -24.31 16.40 -17.38
CA LEU D 24 -24.96 16.03 -16.13
C LEU D 24 -26.42 16.55 -16.06
N SER D 25 -26.64 17.79 -16.51
CA SER D 25 -27.98 18.37 -16.47
C SER D 25 -28.96 17.51 -17.27
N LYS D 26 -28.56 17.19 -18.50
CA LYS D 26 -29.38 16.38 -19.38
C LYS D 26 -29.61 15.01 -18.75
N HIS D 27 -28.54 14.43 -18.23
CA HIS D 27 -28.63 13.12 -17.61
C HIS D 27 -29.69 13.13 -16.52
N LEU D 28 -29.78 14.23 -15.79
CA LEU D 28 -30.75 14.33 -14.71
C LEU D 28 -32.10 14.89 -15.15
N GLY D 29 -32.32 15.03 -16.46
CA GLY D 29 -33.61 15.49 -16.94
C GLY D 29 -33.65 16.83 -17.67
N GLY D 30 -32.52 17.53 -17.68
CA GLY D 30 -32.47 18.82 -18.35
C GLY D 30 -33.39 19.90 -17.83
N LYS D 31 -34.04 19.66 -16.69
CA LYS D 31 -34.95 20.64 -16.12
C LYS D 31 -34.19 21.73 -15.37
N VAL D 32 -33.00 21.39 -14.85
CA VAL D 32 -32.19 22.38 -14.15
C VAL D 32 -30.84 22.50 -14.85
N HIS D 33 -30.32 23.72 -14.94
CA HIS D 33 -29.04 23.98 -15.62
C HIS D 33 -27.88 24.09 -14.63
N LEU D 34 -27.08 23.03 -14.56
CA LEU D 34 -25.94 22.98 -13.63
C LEU D 34 -24.65 23.48 -14.25
N TYR D 35 -23.91 24.25 -13.48
CA TYR D 35 -22.64 24.82 -13.91
C TYR D 35 -21.68 24.58 -12.77
N ALA D 36 -20.39 24.76 -13.03
CA ALA D 36 -19.36 24.58 -11.99
C ALA D 36 -18.33 25.70 -12.02
N LYS D 37 -17.89 26.14 -10.84
CA LYS D 37 -16.87 27.17 -10.75
C LYS D 37 -15.62 26.48 -10.19
N ARG D 38 -14.62 26.36 -11.06
CA ARG D 38 -13.40 25.65 -10.74
C ARG D 38 -12.41 26.23 -9.78
N GLU D 39 -12.83 26.32 -8.53
CA GLU D 39 -11.92 26.80 -7.50
C GLU D 39 -10.77 25.80 -7.39
N ASP D 40 -11.05 24.54 -7.73
CA ASP D 40 -10.04 23.49 -7.69
C ASP D 40 -8.86 23.66 -8.70
N CYS D 41 -9.05 24.52 -9.69
CA CYS D 41 -8.02 24.76 -10.72
C CYS D 41 -7.51 26.19 -10.61
N ASN D 42 -7.60 26.74 -9.41
CA ASN D 42 -7.23 28.12 -9.21
C ASN D 42 -5.76 28.46 -9.04
N SER D 43 -4.93 27.46 -8.77
CA SER D 43 -3.51 27.74 -8.50
C SER D 43 -2.52 26.68 -8.98
N GLY D 44 -1.29 27.13 -9.23
CA GLY D 44 -0.22 26.27 -9.69
C GLY D 44 0.58 25.75 -8.53
N LEU D 45 0.16 26.15 -7.32
CA LEU D 45 0.80 25.72 -6.09
C LEU D 45 0.12 24.43 -5.60
N ALA D 46 0.65 23.29 -6.02
CA ALA D 46 0.16 21.96 -5.63
C ALA D 46 -1.35 21.76 -5.80
N PHE D 47 -1.88 22.18 -6.93
CA PHE D 47 -3.30 22.04 -7.24
C PHE D 47 -4.22 23.07 -6.60
N GLY D 48 -3.74 23.79 -5.60
CA GLY D 48 -4.59 24.80 -4.96
C GLY D 48 -5.98 24.39 -4.47
N GLY D 49 -6.97 25.23 -4.74
CA GLY D 49 -8.34 24.95 -4.30
C GLY D 49 -8.86 26.04 -3.36
N ASN D 50 -10.06 25.87 -2.82
CA ASN D 50 -10.66 26.91 -1.98
C ASN D 50 -9.79 27.49 -0.90
N LYS D 51 -8.98 26.66 -0.25
CA LYS D 51 -8.14 27.15 0.81
C LYS D 51 -7.20 28.25 0.32
N THR D 52 -6.75 28.12 -0.92
CA THR D 52 -5.83 29.08 -1.51
C THR D 52 -6.48 30.44 -1.70
N ARG D 53 -7.75 30.49 -2.07
CA ARG D 53 -8.46 31.75 -2.23
C ARG D 53 -8.45 32.43 -0.86
N LYS D 54 -8.73 31.64 0.18
CA LYS D 54 -8.74 32.14 1.56
C LYS D 54 -7.39 32.74 1.96
N LEU D 55 -6.33 31.97 1.70
CA LEU D 55 -4.97 32.35 2.04
C LEU D 55 -4.47 33.66 1.43
N GLU D 56 -5.00 34.04 0.27
CA GLU D 56 -4.56 35.27 -0.37
C GLU D 56 -4.76 36.45 0.62
N TYR D 57 -5.87 36.44 1.37
CA TYR D 57 -6.11 37.51 2.32
C TYR D 57 -5.47 37.32 3.69
N LEU D 58 -4.80 36.21 3.92
CA LEU D 58 -4.17 36.02 5.22
C LEU D 58 -2.67 36.31 5.16
N ILE D 59 -2.08 36.05 4.00
CA ILE D 59 -0.64 36.25 3.83
C ILE D 59 -0.13 37.69 3.99
N PRO D 60 -0.85 38.68 3.48
CA PRO D 60 -0.31 40.03 3.68
C PRO D 60 -0.02 40.27 5.19
N GLU D 61 -0.92 39.81 6.06
CA GLU D 61 -0.75 39.97 7.51
C GLU D 61 0.45 39.22 8.07
N ALA D 62 0.64 37.98 7.61
CA ALA D 62 1.75 37.21 8.11
C ALA D 62 3.04 37.96 7.75
N LEU D 63 3.06 38.54 6.56
CA LEU D 63 4.24 39.26 6.12
C LEU D 63 4.37 40.56 6.89
N ALA D 64 3.27 41.29 7.03
CA ALA D 64 3.27 42.55 7.77
C ALA D 64 3.88 42.35 9.16
N GLN D 65 3.49 41.27 9.83
CA GLN D 65 3.97 40.95 11.16
C GLN D 65 5.38 40.35 11.11
N GLY D 66 5.91 40.22 9.91
CA GLY D 66 7.23 39.67 9.77
C GLY D 66 7.30 38.22 10.23
N CYS D 67 6.25 37.44 10.03
CA CYS D 67 6.33 36.05 10.45
C CYS D 67 7.24 35.33 9.47
N ASP D 68 7.89 34.26 9.91
CA ASP D 68 8.74 33.52 9.01
C ASP D 68 8.31 32.06 8.87
N THR D 69 7.26 31.65 9.57
CA THR D 69 6.81 30.27 9.52
C THR D 69 5.31 30.16 9.49
N LEU D 70 4.78 29.38 8.58
CA LEU D 70 3.34 29.21 8.55
C LEU D 70 3.03 27.92 9.31
N VAL D 71 2.10 28.01 10.25
CA VAL D 71 1.75 26.87 11.05
C VAL D 71 0.27 26.60 10.89
N SER D 72 -0.09 25.36 10.61
CA SER D 72 -1.50 25.07 10.46
C SER D 72 -1.82 23.67 10.93
N ILE D 73 -3.06 23.23 10.72
CA ILE D 73 -3.48 21.94 11.21
C ILE D 73 -4.63 21.32 10.42
N GLY D 74 -4.73 20.00 10.46
CA GLY D 74 -5.78 19.32 9.73
C GLY D 74 -5.62 17.82 9.82
N GLY D 75 -6.60 17.08 9.34
CA GLY D 75 -6.49 15.63 9.39
C GLY D 75 -5.38 15.13 8.46
N ILE D 76 -5.14 13.83 8.48
CA ILE D 76 -4.09 13.23 7.65
C ILE D 76 -4.14 13.66 6.18
N GLN D 77 -5.31 13.60 5.58
CA GLN D 77 -5.46 13.97 4.18
C GLN D 77 -5.98 15.37 3.97
N SER D 78 -5.77 16.21 4.99
CA SER D 78 -6.18 17.61 4.92
C SER D 78 -5.63 18.29 3.66
N ASN D 79 -6.52 19.02 2.98
CA ASN D 79 -6.20 19.79 1.79
C ASN D 79 -5.63 21.11 2.26
N GLN D 80 -6.17 21.62 3.36
CA GLN D 80 -5.74 22.89 3.94
C GLN D 80 -4.24 22.92 4.18
N THR D 81 -3.75 21.92 4.90
CA THR D 81 -2.33 21.85 5.23
C THR D 81 -1.46 21.70 3.98
N ARG D 82 -1.95 21.00 2.97
CA ARG D 82 -1.15 20.83 1.76
C ARG D 82 -1.06 22.19 1.04
N GLN D 83 -2.15 22.94 1.00
CA GLN D 83 -2.12 24.24 0.37
C GLN D 83 -1.27 25.21 1.16
N VAL D 84 -1.30 25.10 2.48
CA VAL D 84 -0.48 25.96 3.30
C VAL D 84 0.98 25.65 3.08
N ALA D 85 1.32 24.37 2.96
CA ALA D 85 2.71 23.98 2.73
C ALA D 85 3.25 24.54 1.39
N ALA D 86 2.37 24.59 0.40
CA ALA D 86 2.72 25.06 -0.94
C ALA D 86 2.86 26.59 -0.95
N VAL D 87 2.07 27.27 -0.13
CA VAL D 87 2.14 28.72 -0.07
C VAL D 87 3.41 29.12 0.66
N ALA D 88 3.72 28.42 1.74
CA ALA D 88 4.93 28.75 2.49
C ALA D 88 6.11 28.62 1.55
N ALA D 89 6.19 27.46 0.90
CA ALA D 89 7.25 27.19 -0.03
C ALA D 89 7.38 28.36 -1.00
N HIS D 90 6.28 28.67 -1.67
CA HIS D 90 6.27 29.75 -2.63
C HIS D 90 6.75 31.06 -2.01
N LEU D 91 6.25 31.38 -0.82
CA LEU D 91 6.61 32.60 -0.12
C LEU D 91 8.05 32.63 0.39
N GLY D 92 8.62 31.46 0.61
CA GLY D 92 9.98 31.40 1.12
C GLY D 92 9.94 31.24 2.63
N MET D 93 8.80 30.82 3.14
CA MET D 93 8.62 30.63 4.58
C MET D 93 8.66 29.18 5.02
N LYS D 94 8.96 28.96 6.29
CA LYS D 94 9.00 27.64 6.86
C LYS D 94 7.56 27.19 7.04
N CYS D 95 7.37 25.93 7.34
CA CYS D 95 6.02 25.42 7.52
C CYS D 95 6.02 24.27 8.51
N VAL D 96 5.18 24.41 9.53
CA VAL D 96 5.01 23.36 10.54
C VAL D 96 3.54 22.96 10.46
N LEU D 97 3.30 21.67 10.28
CA LEU D 97 1.94 21.18 10.17
C LEU D 97 1.61 20.14 11.22
N VAL D 98 0.48 20.36 11.90
CA VAL D 98 0.00 19.42 12.90
C VAL D 98 -1.02 18.54 12.19
N GLN D 99 -0.67 17.29 11.89
CA GLN D 99 -1.61 16.40 11.20
C GLN D 99 -2.21 15.46 12.24
N GLU D 100 -3.53 15.55 12.41
CA GLU D 100 -4.23 14.73 13.37
C GLU D 100 -5.06 13.68 12.65
N ASN D 101 -5.36 12.58 13.32
CA ASN D 101 -6.18 11.59 12.65
C ASN D 101 -7.64 11.89 12.94
N TRP D 102 -8.24 12.68 12.07
CA TRP D 102 -9.62 13.09 12.21
C TRP D 102 -10.60 12.10 11.63
N VAL D 103 -10.11 11.07 10.97
CA VAL D 103 -11.00 10.14 10.35
C VAL D 103 -10.83 8.71 10.79
N ASN D 104 -11.96 8.03 11.05
CA ASN D 104 -11.94 6.63 11.44
C ASN D 104 -11.80 5.84 10.15
N TYR D 105 -10.57 5.82 9.64
CA TYR D 105 -10.20 5.14 8.41
C TYR D 105 -8.76 4.68 8.67
N SER D 106 -8.37 3.52 8.18
CA SER D 106 -7.04 3.05 8.49
C SER D 106 -6.32 2.43 7.31
N ASP D 107 -6.51 3.04 6.15
CA ASP D 107 -5.85 2.55 4.94
C ASP D 107 -4.31 2.51 5.08
N ALA D 108 -3.68 1.49 4.49
CA ALA D 108 -2.25 1.27 4.55
C ALA D 108 -1.36 2.43 4.11
N VAL D 109 -1.82 3.25 3.17
CA VAL D 109 -0.99 4.35 2.70
C VAL D 109 -1.55 5.73 3.00
N TYR D 110 -2.54 5.77 3.90
CA TYR D 110 -3.21 7.00 4.27
C TYR D 110 -2.29 8.16 4.59
N ASP D 111 -1.21 7.88 5.27
CA ASP D 111 -0.30 8.97 5.62
C ASP D 111 0.90 9.11 4.69
N ARG D 112 0.79 8.55 3.47
CA ARG D 112 1.90 8.59 2.51
C ARG D 112 1.59 8.91 1.07
N VAL D 113 0.34 9.20 0.77
CA VAL D 113 -0.01 9.56 -0.58
C VAL D 113 -0.84 10.82 -0.52
N GLY D 114 -1.40 11.20 -1.66
CA GLY D 114 -2.27 12.34 -1.70
C GLY D 114 -1.69 13.62 -1.13
N ASN D 115 -2.50 14.30 -0.31
CA ASN D 115 -2.12 15.59 0.27
C ASN D 115 -0.91 15.63 1.16
N ILE D 116 -0.81 14.67 2.08
CA ILE D 116 0.29 14.63 3.02
C ILE D 116 1.61 14.32 2.31
N GLN D 117 1.55 13.51 1.26
CA GLN D 117 2.76 13.23 0.51
C GLN D 117 3.29 14.56 -0.07
N MET D 118 2.39 15.32 -0.67
CA MET D 118 2.79 16.60 -1.24
C MET D 118 3.37 17.57 -0.22
N SER D 119 2.82 17.58 0.99
CA SER D 119 3.31 18.47 2.03
C SER D 119 4.77 18.18 2.39
N ARG D 120 5.11 16.90 2.48
CA ARG D 120 6.47 16.55 2.81
C ARG D 120 7.44 16.90 1.68
N ILE D 121 7.01 16.72 0.44
CA ILE D 121 7.88 17.05 -0.66
C ILE D 121 8.11 18.56 -0.70
N LEU D 122 7.05 19.32 -0.42
CA LEU D 122 7.08 20.78 -0.41
C LEU D 122 7.92 21.31 0.76
N GLY D 123 8.57 20.43 1.52
CA GLY D 123 9.40 20.87 2.61
C GLY D 123 8.72 21.21 3.95
N ALA D 124 7.45 20.86 4.13
CA ALA D 124 6.77 21.14 5.40
C ALA D 124 7.23 20.19 6.47
N ASP D 125 7.23 20.63 7.71
CA ASP D 125 7.63 19.75 8.79
C ASP D 125 6.30 19.18 9.23
N VAL D 126 6.09 17.93 8.87
CA VAL D 126 4.81 17.27 9.15
C VAL D 126 4.84 16.45 10.43
N ARG D 127 4.16 16.97 11.44
CA ARG D 127 4.11 16.29 12.73
C ARG D 127 2.80 15.56 12.93
N LEU D 128 2.89 14.23 12.97
CA LEU D 128 1.74 13.35 13.17
C LEU D 128 1.54 13.22 14.67
N VAL D 129 0.39 13.62 15.18
CA VAL D 129 0.12 13.55 16.62
C VAL D 129 -0.32 12.16 17.07
N ARG D 139 -0.29 20.63 24.41
CA ARG D 139 -1.42 20.76 23.48
C ARG D 139 -0.94 20.81 22.03
N SER D 140 -1.40 19.83 21.26
CA SER D 140 -1.09 19.70 19.83
C SER D 140 -0.79 21.05 19.12
N TRP D 141 -1.85 21.81 18.87
CA TRP D 141 -1.75 23.10 18.19
C TRP D 141 -0.81 24.09 18.87
N GLU D 142 -1.00 24.26 20.18
CA GLU D 142 -0.18 25.20 20.94
C GLU D 142 1.30 24.83 20.98
N ASP D 143 1.59 23.55 21.19
CA ASP D 143 2.98 23.10 21.24
C ASP D 143 3.70 23.55 20.00
N ALA D 144 3.09 23.29 18.85
CA ALA D 144 3.68 23.65 17.56
C ALA D 144 4.09 25.10 17.57
N LEU D 145 3.12 25.98 17.80
CA LEU D 145 3.40 27.41 17.83
C LEU D 145 4.54 27.74 18.79
N GLU D 146 4.42 27.31 20.03
CA GLU D 146 5.44 27.58 21.02
C GLU D 146 6.78 27.15 20.47
N SER D 147 6.84 25.90 20.01
CA SER D 147 8.08 25.34 19.48
C SER D 147 8.75 26.23 18.44
N VAL D 148 7.97 26.84 17.55
CA VAL D 148 8.58 27.70 16.54
C VAL D 148 9.28 28.87 17.26
N ARG D 149 8.53 29.65 18.02
CA ARG D 149 9.11 30.77 18.77
C ARG D 149 10.42 30.31 19.39
N ALA D 150 10.30 29.32 20.26
CA ALA D 150 11.42 28.73 20.97
C ALA D 150 12.59 28.40 20.07
N ALA D 151 12.31 28.06 18.81
CA ALA D 151 13.38 27.72 17.87
C ALA D 151 14.01 28.96 17.27
N GLY D 152 13.39 30.11 17.56
CA GLY D 152 13.88 31.37 17.05
C GLY D 152 13.08 31.89 15.87
N GLY D 153 11.86 31.40 15.69
CA GLY D 153 11.08 31.87 14.55
C GLY D 153 9.80 32.59 14.90
N LYS D 154 9.20 33.24 13.92
CA LYS D 154 7.95 33.91 14.17
C LYS D 154 6.88 33.20 13.36
N PRO D 155 6.07 32.36 14.04
CA PRO D 155 4.98 31.57 13.44
C PRO D 155 3.68 32.31 13.23
N TYR D 156 3.07 32.10 12.07
CA TYR D 156 1.77 32.69 11.79
C TYR D 156 0.77 31.54 11.99
N ALA D 157 -0.18 31.74 12.89
CA ALA D 157 -1.18 30.72 13.19
C ALA D 157 -2.34 30.71 12.22
N ILE D 158 -2.55 29.55 11.60
CA ILE D 158 -3.62 29.36 10.65
C ILE D 158 -4.47 28.20 11.19
N PRO D 159 -5.64 28.53 11.75
CA PRO D 159 -6.53 27.51 12.30
C PRO D 159 -7.03 26.60 11.19
N ALA D 160 -7.52 25.42 11.55
CA ALA D 160 -8.04 24.48 10.56
C ALA D 160 -8.91 25.19 9.53
N GLY D 161 -8.69 24.85 8.26
CA GLY D 161 -9.44 25.43 7.15
C GLY D 161 -9.38 26.94 7.01
N CYS D 162 -8.48 27.57 7.76
CA CYS D 162 -8.35 29.04 7.78
C CYS D 162 -9.60 29.67 8.32
N SER D 163 -10.62 28.85 8.59
CA SER D 163 -11.92 29.33 9.00
C SER D 163 -12.11 30.21 10.25
N ASP D 164 -11.75 29.73 11.43
CA ASP D 164 -11.91 30.53 12.65
C ASP D 164 -10.71 31.49 12.75
N HIS D 165 -10.70 32.49 11.90
CA HIS D 165 -9.63 33.48 11.84
C HIS D 165 -10.24 34.76 11.32
N PRO D 166 -9.86 35.91 11.89
CA PRO D 166 -10.37 37.21 11.49
C PRO D 166 -10.48 37.43 9.99
N LEU D 167 -9.49 36.96 9.24
CA LEU D 167 -9.47 37.16 7.79
C LEU D 167 -10.00 35.95 7.00
N GLY D 168 -10.19 34.84 7.70
CA GLY D 168 -10.65 33.62 7.06
C GLY D 168 -11.85 33.74 6.13
N GLY D 169 -12.64 34.77 6.28
CA GLY D 169 -13.81 34.89 5.44
C GLY D 169 -13.75 35.84 4.27
N LEU D 170 -12.68 36.59 4.13
CA LEU D 170 -12.64 37.55 3.02
C LEU D 170 -12.52 36.87 1.64
N GLY D 171 -11.69 35.85 1.55
CA GLY D 171 -11.53 35.16 0.28
C GLY D 171 -12.87 34.94 -0.43
N PHE D 172 -13.84 34.33 0.24
CA PHE D 172 -15.09 34.07 -0.45
C PHE D 172 -16.11 35.19 -0.52
N VAL D 173 -15.83 36.29 0.15
CA VAL D 173 -16.70 37.45 -0.01
C VAL D 173 -16.31 37.80 -1.45
N GLY D 174 -15.01 37.76 -1.72
CA GLY D 174 -14.51 38.05 -3.06
C GLY D 174 -15.10 37.14 -4.12
N PHE D 175 -15.35 35.88 -3.76
CA PHE D 175 -15.94 34.91 -4.69
C PHE D 175 -17.25 35.43 -5.25
N ALA D 176 -18.12 35.96 -4.40
CA ALA D 176 -19.42 36.47 -4.86
C ALA D 176 -19.19 37.68 -5.75
N GLU D 177 -18.19 38.47 -5.41
CA GLU D 177 -17.83 39.67 -6.16
C GLU D 177 -17.51 39.21 -7.59
N GLU D 178 -16.65 38.21 -7.67
CA GLU D 178 -16.22 37.63 -8.93
C GLU D 178 -17.43 37.11 -9.70
N VAL D 179 -18.33 36.45 -9.00
CA VAL D 179 -19.50 35.87 -9.63
C VAL D 179 -20.43 36.88 -10.31
N ARG D 180 -20.63 38.03 -9.68
CA ARG D 180 -21.49 39.04 -10.29
C ARG D 180 -20.81 39.56 -11.53
N ALA D 181 -19.51 39.80 -11.43
CA ALA D 181 -18.81 40.31 -12.59
C ALA D 181 -18.96 39.29 -13.73
N GLN D 182 -18.72 38.01 -13.45
CA GLN D 182 -18.84 37.01 -14.51
C GLN D 182 -20.28 36.88 -14.96
N GLU D 183 -21.22 37.10 -14.04
CA GLU D 183 -22.63 37.00 -14.41
C GLU D 183 -22.93 38.07 -15.43
N ALA D 184 -22.35 39.24 -15.20
CA ALA D 184 -22.53 40.35 -16.12
C ALA D 184 -22.05 39.84 -17.47
N GLU D 185 -20.74 39.56 -17.55
CA GLU D 185 -20.14 39.06 -18.79
C GLU D 185 -21.03 38.05 -19.50
N LEU D 186 -21.72 37.21 -18.73
CA LEU D 186 -22.57 36.18 -19.32
C LEU D 186 -23.97 36.63 -19.67
N GLY D 187 -24.36 37.81 -19.22
CA GLY D 187 -25.69 38.30 -19.52
C GLY D 187 -26.79 37.59 -18.76
N PHE D 188 -26.45 37.03 -17.61
CA PHE D 188 -27.47 36.38 -16.80
C PHE D 188 -26.92 36.08 -15.43
N LYS D 189 -27.77 35.60 -14.54
CA LYS D 189 -27.35 35.31 -13.20
C LYS D 189 -27.73 33.90 -12.78
N PHE D 190 -27.01 33.40 -11.77
CA PHE D 190 -27.26 32.07 -11.25
C PHE D 190 -28.26 32.22 -10.13
N ASP D 191 -29.16 31.24 -10.01
CA ASP D 191 -30.18 31.25 -9.00
C ASP D 191 -29.73 30.61 -7.69
N TYR D 192 -28.82 29.65 -7.78
CA TYR D 192 -28.31 28.98 -6.59
C TYR D 192 -26.83 28.61 -6.70
N VAL D 193 -26.20 28.46 -5.54
CA VAL D 193 -24.79 28.08 -5.45
C VAL D 193 -24.73 26.85 -4.54
N VAL D 194 -24.14 25.75 -5.00
CA VAL D 194 -24.00 24.57 -4.15
C VAL D 194 -22.56 24.59 -3.66
N VAL D 195 -22.37 24.40 -2.35
CA VAL D 195 -21.03 24.45 -1.78
C VAL D 195 -20.87 23.55 -0.57
N CYS D 196 -19.71 22.90 -0.47
CA CYS D 196 -19.45 22.00 0.66
C CYS D 196 -18.89 22.72 1.91
N SER D 197 -19.44 22.42 3.07
CA SER D 197 -18.95 23.11 4.26
C SER D 197 -18.53 22.20 5.38
N VAL D 198 -17.41 22.53 5.99
CA VAL D 198 -16.94 21.73 7.11
C VAL D 198 -16.42 22.65 8.19
N THR D 199 -15.39 23.44 7.90
CA THR D 199 -14.94 24.33 8.97
C THR D 199 -15.67 25.67 8.93
N GLY D 200 -16.41 25.95 7.84
CA GLY D 200 -17.19 27.17 7.79
C GLY D 200 -16.88 28.46 7.03
N SER D 201 -15.64 28.92 6.98
CA SER D 201 -15.38 30.20 6.30
C SER D 201 -15.62 30.25 4.80
N THR D 202 -15.63 29.10 4.11
CA THR D 202 -15.88 29.14 2.68
C THR D 202 -17.35 29.53 2.45
N GLN D 203 -18.28 28.88 3.15
CA GLN D 203 -19.67 29.24 2.96
C GLN D 203 -19.96 30.62 3.59
N ALA D 204 -19.35 30.90 4.74
CA ALA D 204 -19.62 32.17 5.39
C ALA D 204 -19.25 33.34 4.48
N GLY D 205 -18.04 33.27 3.90
CA GLY D 205 -17.58 34.31 2.99
C GLY D 205 -18.60 34.51 1.89
N MET D 206 -19.07 33.40 1.34
CA MET D 206 -20.06 33.45 0.26
C MET D 206 -21.38 34.08 0.74
N VAL D 207 -21.86 33.64 1.90
CA VAL D 207 -23.09 34.19 2.46
C VAL D 207 -23.01 35.72 2.52
N VAL D 208 -21.90 36.25 3.00
CA VAL D 208 -21.73 37.69 3.09
C VAL D 208 -21.70 38.39 1.71
N GLY D 209 -20.87 37.87 0.81
CA GLY D 209 -20.76 38.45 -0.50
C GLY D 209 -22.06 38.43 -1.27
N PHE D 210 -22.91 37.44 -1.00
CA PHE D 210 -24.19 37.34 -1.70
C PHE D 210 -25.33 37.99 -0.94
N ALA D 211 -25.11 38.29 0.32
CA ALA D 211 -26.13 38.96 1.11
C ALA D 211 -26.23 40.32 0.41
N ALA D 212 -25.06 40.86 0.10
CA ALA D 212 -24.92 42.14 -0.58
C ALA D 212 -25.83 42.33 -1.77
N ASP D 213 -26.34 41.24 -2.34
CA ASP D 213 -27.26 41.36 -3.48
C ASP D 213 -28.53 40.62 -3.22
N GLY D 214 -28.68 40.16 -1.97
CA GLY D 214 -29.87 39.46 -1.58
C GLY D 214 -30.04 38.02 -2.03
N ARG D 215 -28.93 37.29 -2.12
CA ARG D 215 -29.00 35.91 -2.52
C ARG D 215 -28.36 35.02 -1.48
N ALA D 216 -28.09 35.57 -0.31
CA ALA D 216 -27.47 34.81 0.78
C ALA D 216 -28.12 33.46 0.88
N ASP D 217 -29.42 33.46 1.17
CA ASP D 217 -30.17 32.23 1.32
C ASP D 217 -30.20 31.38 0.04
N ARG D 218 -29.39 31.73 -0.93
CA ARG D 218 -29.33 30.95 -2.16
C ARG D 218 -28.06 30.13 -2.21
N VAL D 219 -27.16 30.38 -1.26
CA VAL D 219 -25.91 29.67 -1.12
C VAL D 219 -26.28 28.41 -0.35
N ILE D 220 -26.50 27.30 -1.08
CA ILE D 220 -26.88 26.05 -0.45
C ILE D 220 -25.69 25.27 0.06
N GLY D 221 -25.51 25.31 1.37
CA GLY D 221 -24.44 24.57 1.99
C GLY D 221 -24.77 23.10 2.05
N VAL D 222 -23.72 22.29 1.97
CA VAL D 222 -23.86 20.85 2.04
C VAL D 222 -22.84 20.41 3.06
N ASP D 223 -23.36 20.05 4.24
CA ASP D 223 -22.54 19.62 5.33
C ASP D 223 -21.78 18.34 5.01
N ALA D 224 -20.51 18.32 5.40
CA ALA D 224 -19.65 17.18 5.19
C ALA D 224 -18.94 16.86 6.51
N SER D 225 -19.35 17.57 7.56
CA SER D 225 -18.79 17.35 8.88
C SER D 225 -19.47 16.18 9.57
N ALA D 226 -20.75 15.98 9.26
CA ALA D 226 -21.54 14.94 9.92
C ALA D 226 -21.84 15.42 11.38
N LYS D 227 -21.69 16.72 11.59
CA LYS D 227 -21.94 17.40 12.89
C LYS D 227 -22.51 18.74 12.46
N PRO D 228 -23.61 18.69 11.71
CA PRO D 228 -24.32 19.84 11.14
C PRO D 228 -24.62 21.00 12.08
N ALA D 229 -25.07 20.70 13.29
CA ALA D 229 -25.40 21.75 14.24
C ALA D 229 -24.21 22.66 14.43
N GLN D 230 -23.08 22.04 14.79
CA GLN D 230 -21.86 22.76 15.01
C GLN D 230 -21.36 23.50 13.77
N THR D 231 -21.19 22.76 12.67
CA THR D 231 -20.70 23.38 11.45
C THR D 231 -21.55 24.59 11.10
N ARG D 232 -22.86 24.40 11.17
CA ARG D 232 -23.83 25.44 10.89
C ARG D 232 -23.61 26.66 11.79
N GLU D 233 -23.16 26.40 13.00
CA GLU D 233 -22.93 27.47 13.94
C GLU D 233 -21.68 28.21 13.56
N GLN D 234 -20.68 27.49 13.06
CA GLN D 234 -19.46 28.17 12.69
C GLN D 234 -19.64 29.02 11.45
N ILE D 235 -20.48 28.57 10.53
CA ILE D 235 -20.71 29.33 9.31
C ILE D 235 -21.40 30.62 9.73
N THR D 236 -22.40 30.46 10.59
CA THR D 236 -23.18 31.59 11.10
C THR D 236 -22.28 32.62 11.76
N ARG D 237 -21.47 32.18 12.72
CA ARG D 237 -20.57 33.04 13.44
C ARG D 237 -19.57 33.74 12.52
N ILE D 238 -18.73 32.95 11.87
CA ILE D 238 -17.71 33.48 10.96
C ILE D 238 -18.28 34.52 10.03
N ALA D 239 -19.48 34.22 9.53
CA ALA D 239 -20.21 35.07 8.61
C ALA D 239 -20.54 36.43 9.23
N ARG D 240 -21.07 36.39 10.45
CA ARG D 240 -21.39 37.65 11.15
C ARG D 240 -20.10 38.44 11.41
N GLN D 241 -19.03 37.78 11.88
CA GLN D 241 -17.74 38.45 12.15
C GLN D 241 -17.16 39.03 10.84
N THR D 242 -17.45 38.35 9.72
CA THR D 242 -16.95 38.78 8.42
C THR D 242 -17.77 39.91 7.79
N ALA D 243 -19.10 39.82 7.89
CA ALA D 243 -19.99 40.84 7.36
C ALA D 243 -19.68 42.17 8.04
N GLU D 244 -19.26 42.08 9.29
CA GLU D 244 -18.92 43.24 10.08
C GLU D 244 -17.63 43.84 9.57
N LYS D 245 -16.64 42.99 9.30
CA LYS D 245 -15.35 43.48 8.84
C LYS D 245 -15.32 44.14 7.48
N VAL D 246 -16.30 43.87 6.63
CA VAL D 246 -16.31 44.48 5.31
C VAL D 246 -17.45 45.49 5.27
N GLY D 247 -17.96 45.82 6.45
CA GLY D 247 -19.04 46.77 6.54
C GLY D 247 -20.30 46.38 5.82
N LEU D 248 -20.80 45.16 6.03
CA LEU D 248 -22.05 44.78 5.38
C LEU D 248 -23.10 45.67 6.02
N GLU D 249 -24.10 46.05 5.24
CA GLU D 249 -25.13 46.91 5.75
C GLU D 249 -26.24 46.19 6.52
N ARG D 250 -26.11 44.87 6.60
CA ARG D 250 -27.05 44.02 7.31
C ARG D 250 -26.27 43.24 8.33
N ASP D 251 -26.96 42.85 9.40
CA ASP D 251 -26.35 42.00 10.40
C ASP D 251 -26.75 40.64 9.79
N ILE D 252 -25.88 39.65 9.87
CA ILE D 252 -26.23 38.35 9.30
C ILE D 252 -27.15 37.54 10.17
N MET D 253 -28.28 37.14 9.59
CA MET D 253 -29.28 36.34 10.28
C MET D 253 -29.10 34.83 10.03
N ARG D 254 -29.59 34.01 10.95
CA ARG D 254 -29.51 32.57 10.83
C ARG D 254 -30.26 32.12 9.59
N ALA D 255 -31.23 32.91 9.17
CA ALA D 255 -31.99 32.56 7.98
C ALA D 255 -31.12 32.79 6.73
N ASP D 256 -29.96 33.40 6.90
CA ASP D 256 -29.06 33.64 5.78
C ASP D 256 -28.21 32.39 5.50
N VAL D 257 -28.11 31.52 6.49
CA VAL D 257 -27.32 30.30 6.39
C VAL D 257 -28.13 29.04 6.12
N VAL D 258 -27.87 28.43 4.96
CA VAL D 258 -28.54 27.21 4.54
C VAL D 258 -27.55 26.04 4.53
N LEU D 259 -27.75 25.06 5.41
CA LEU D 259 -26.87 23.92 5.47
C LEU D 259 -27.65 22.60 5.45
N ASP D 260 -27.68 21.95 4.28
CA ASP D 260 -28.37 20.67 4.13
C ASP D 260 -27.46 19.65 4.82
N GLU D 261 -28.06 18.76 5.61
CA GLU D 261 -27.27 17.78 6.33
C GLU D 261 -27.60 16.38 5.89
N ARG D 262 -28.29 16.25 4.76
CA ARG D 262 -28.68 14.93 4.30
C ARG D 262 -27.59 14.10 3.60
N PHE D 263 -26.45 14.71 3.27
CA PHE D 263 -25.40 13.99 2.55
C PHE D 263 -24.06 13.83 3.23
N ALA D 264 -24.02 14.10 4.53
CA ALA D 264 -22.78 14.06 5.28
C ALA D 264 -22.31 12.71 5.77
N GLY D 265 -23.24 11.77 5.86
CA GLY D 265 -22.93 10.46 6.41
C GLY D 265 -21.90 9.61 5.72
N PRO D 266 -21.33 8.65 6.45
CA PRO D 266 -21.66 8.38 7.86
C PRO D 266 -20.80 9.11 8.86
N GLU D 267 -19.69 9.67 8.40
CA GLU D 267 -18.80 10.39 9.30
C GLU D 267 -17.92 11.29 8.46
N TYR D 268 -17.26 12.23 9.12
CA TYR D 268 -16.35 13.11 8.41
C TYR D 268 -15.25 12.20 7.89
N GLY D 269 -14.95 12.35 6.60
CA GLY D 269 -13.88 11.59 6.02
C GLY D 269 -14.27 10.22 5.52
N LEU D 270 -15.54 9.86 5.65
CA LEU D 270 -16.01 8.56 5.18
C LEU D 270 -17.14 8.77 4.20
N PRO D 271 -17.07 8.09 3.04
CA PRO D 271 -18.15 8.27 2.07
C PRO D 271 -19.29 7.29 2.29
N ASN D 272 -20.46 7.58 1.73
CA ASN D 272 -21.56 6.62 1.78
C ASN D 272 -21.74 6.12 0.33
N GLU D 273 -22.58 5.09 0.12
CA GLU D 273 -22.77 4.57 -1.23
C GLU D 273 -23.29 5.66 -2.17
N GLY D 274 -23.97 6.66 -1.60
CA GLY D 274 -24.44 7.73 -2.45
C GLY D 274 -23.26 8.63 -2.87
N THR D 275 -22.33 8.86 -1.94
CA THR D 275 -21.17 9.71 -2.25
C THR D 275 -20.40 9.07 -3.42
N LEU D 276 -20.15 7.78 -3.34
CA LEU D 276 -19.43 7.07 -4.39
C LEU D 276 -20.16 7.17 -5.72
N GLU D 277 -21.47 7.00 -5.68
CA GLU D 277 -22.27 7.09 -6.88
C GLU D 277 -22.18 8.46 -7.51
N ALA D 278 -22.25 9.52 -6.70
CA ALA D 278 -22.18 10.87 -7.25
C ALA D 278 -20.81 11.14 -7.87
N ILE D 279 -19.76 10.63 -7.23
CA ILE D 279 -18.42 10.85 -7.75
C ILE D 279 -18.33 10.18 -9.11
N ARG D 280 -18.76 8.93 -9.17
CA ARG D 280 -18.73 8.21 -10.41
C ARG D 280 -19.54 8.89 -11.51
N LEU D 281 -20.79 9.25 -11.22
CA LEU D 281 -21.67 9.86 -12.22
C LEU D 281 -21.09 11.17 -12.71
N CYS D 282 -20.69 12.04 -11.79
CA CYS D 282 -20.10 13.31 -12.19
C CYS D 282 -18.84 13.10 -13.04
N ALA D 283 -18.03 12.14 -12.64
CA ALA D 283 -16.78 11.86 -13.36
C ALA D 283 -17.04 11.31 -14.75
N ARG D 284 -18.03 10.44 -14.82
CA ARG D 284 -18.37 9.80 -16.08
C ARG D 284 -19.23 10.62 -17.05
N THR D 285 -19.82 11.74 -16.59
CA THR D 285 -20.60 12.55 -17.50
C THR D 285 -19.88 13.84 -17.88
N GLU D 286 -19.00 14.33 -17.01
CA GLU D 286 -18.33 15.60 -17.27
C GLU D 286 -16.82 15.57 -17.27
N GLY D 287 -16.25 14.46 -16.82
CA GLY D 287 -14.80 14.36 -16.78
C GLY D 287 -14.22 15.14 -15.62
N MET D 288 -15.08 15.52 -14.69
CA MET D 288 -14.68 16.28 -13.51
C MET D 288 -14.74 15.37 -12.25
N LEU D 289 -13.59 15.22 -11.60
CA LEU D 289 -13.44 14.39 -10.40
C LEU D 289 -13.85 15.12 -9.14
N THR D 290 -14.26 14.35 -8.12
CA THR D 290 -14.64 14.87 -6.80
C THR D 290 -14.12 13.84 -5.80
N ASP D 291 -13.99 14.20 -4.52
CA ASP D 291 -13.44 13.26 -3.56
C ASP D 291 -14.45 12.67 -2.60
N PRO D 292 -14.08 11.60 -1.89
CA PRO D 292 -15.03 10.99 -0.96
C PRO D 292 -15.23 11.71 0.39
N VAL D 293 -14.40 12.72 0.64
CA VAL D 293 -14.51 13.45 1.89
C VAL D 293 -15.31 14.73 1.77
N TYR D 294 -15.05 15.53 0.73
CA TYR D 294 -15.70 16.82 0.56
C TYR D 294 -16.67 17.03 -0.59
N GLU D 295 -16.10 17.28 -1.76
CA GLU D 295 -16.88 17.56 -2.95
C GLU D 295 -17.86 16.52 -3.42
N GLY D 296 -17.48 15.25 -3.30
CA GLY D 296 -18.37 14.17 -3.71
C GLY D 296 -19.65 14.22 -2.89
N LYS D 297 -19.53 14.71 -1.66
CA LYS D 297 -20.70 14.83 -0.78
C LYS D 297 -21.54 15.98 -1.24
N SER D 298 -20.91 17.11 -1.59
CA SER D 298 -21.67 18.26 -2.08
C SER D 298 -22.22 17.95 -3.47
N MET D 299 -21.48 17.15 -4.24
CA MET D 299 -21.92 16.78 -5.59
C MET D 299 -23.14 15.88 -5.41
N HIS D 300 -23.03 14.92 -4.51
CA HIS D 300 -24.13 14.02 -4.19
C HIS D 300 -25.33 14.90 -3.82
N GLY D 301 -25.08 15.90 -2.99
CA GLY D 301 -26.13 16.82 -2.59
C GLY D 301 -26.87 17.42 -3.78
N MET D 302 -26.15 18.13 -4.64
CA MET D 302 -26.77 18.76 -5.79
C MET D 302 -27.54 17.80 -6.70
N ILE D 303 -26.90 16.69 -7.06
CA ILE D 303 -27.56 15.71 -7.91
C ILE D 303 -28.87 15.25 -7.26
N GLU D 304 -28.84 15.06 -5.94
CA GLU D 304 -30.01 14.58 -5.24
C GLU D 304 -31.13 15.64 -5.29
N MET D 305 -30.73 16.89 -5.15
CA MET D 305 -31.67 18.00 -5.20
C MET D 305 -32.35 18.10 -6.54
N VAL D 306 -31.57 18.07 -7.62
CA VAL D 306 -32.13 18.16 -8.96
C VAL D 306 -33.07 16.96 -9.19
N ARG D 307 -32.67 15.82 -8.66
CA ARG D 307 -33.41 14.58 -8.80
C ARG D 307 -34.76 14.60 -8.08
N ASN D 308 -34.78 15.09 -6.84
CA ASN D 308 -36.02 15.14 -6.09
C ASN D 308 -36.90 16.29 -6.54
N GLY D 309 -36.41 17.03 -7.54
CA GLY D 309 -37.14 18.17 -8.05
C GLY D 309 -37.23 19.26 -7.01
N GLU D 310 -36.13 19.53 -6.34
CA GLU D 310 -36.07 20.56 -5.31
C GLU D 310 -35.69 21.94 -5.84
N PHE D 311 -35.15 22.00 -7.05
CA PHE D 311 -34.82 23.29 -7.66
C PHE D 311 -35.96 23.58 -8.62
N PRO D 312 -36.47 24.81 -8.60
CA PRO D 312 -37.57 25.08 -9.54
C PRO D 312 -37.13 24.84 -10.98
N GLU D 313 -38.06 24.37 -11.79
CA GLU D 313 -37.77 24.10 -13.19
C GLU D 313 -37.18 25.33 -13.88
N GLY D 314 -36.02 25.17 -14.51
CA GLY D 314 -35.39 26.27 -15.19
C GLY D 314 -34.31 26.99 -14.42
N SER D 315 -34.04 26.55 -13.19
CA SER D 315 -33.01 27.20 -12.38
C SER D 315 -31.60 27.00 -12.92
N ARG D 316 -30.70 27.89 -12.51
CA ARG D 316 -29.31 27.75 -12.88
C ARG D 316 -28.55 27.59 -11.58
N VAL D 317 -27.98 26.41 -11.38
CA VAL D 317 -27.22 26.13 -10.18
C VAL D 317 -25.73 26.18 -10.45
N LEU D 318 -25.02 26.88 -9.58
CA LEU D 318 -23.60 27.01 -9.71
C LEU D 318 -22.94 26.15 -8.64
N TYR D 319 -22.36 25.02 -9.06
CA TYR D 319 -21.65 24.16 -8.13
C TYR D 319 -20.27 24.72 -7.93
N ALA D 320 -19.89 24.94 -6.68
CA ALA D 320 -18.57 25.47 -6.36
C ALA D 320 -17.67 24.29 -6.08
N HIS D 321 -16.79 23.99 -7.01
CA HIS D 321 -15.89 22.87 -6.83
C HIS D 321 -14.65 23.34 -6.09
N LEU D 322 -14.65 23.09 -4.78
CA LEU D 322 -13.59 23.54 -3.89
C LEU D 322 -12.23 22.87 -3.97
N GLY D 323 -12.13 21.76 -4.68
CA GLY D 323 -10.85 21.08 -4.81
C GLY D 323 -10.95 19.70 -4.17
N GLY D 324 -9.89 19.30 -3.51
CA GLY D 324 -9.87 18.05 -2.78
C GLY D 324 -9.52 16.74 -3.48
N VAL D 325 -9.55 16.73 -4.81
CA VAL D 325 -9.29 15.51 -5.59
C VAL D 325 -8.09 14.63 -5.12
N PRO D 326 -6.95 15.23 -4.75
CA PRO D 326 -5.82 14.38 -4.31
C PRO D 326 -6.10 13.38 -3.18
N ALA D 327 -7.06 13.67 -2.31
CA ALA D 327 -7.36 12.77 -1.20
C ALA D 327 -7.81 11.40 -1.71
N LEU D 328 -8.20 11.35 -2.97
CA LEU D 328 -8.66 10.11 -3.59
C LEU D 328 -7.64 8.97 -3.38
N ASN D 329 -6.36 9.32 -3.41
CA ASN D 329 -5.30 8.33 -3.25
C ASN D 329 -5.29 7.53 -1.95
N GLY D 330 -5.82 8.10 -0.88
CA GLY D 330 -5.87 7.37 0.37
C GLY D 330 -7.13 6.50 0.47
N TYR D 331 -7.93 6.45 -0.60
CA TYR D 331 -9.16 5.63 -0.65
C TYR D 331 -9.09 4.73 -1.87
N SER D 332 -7.92 4.16 -2.07
CA SER D 332 -7.71 3.32 -3.24
C SER D 332 -8.43 1.99 -3.26
N PHE D 333 -8.77 1.41 -2.11
CA PHE D 333 -9.40 0.11 -2.16
C PHE D 333 -10.81 0.23 -2.69
N ILE D 334 -11.50 1.25 -2.19
CA ILE D 334 -12.85 1.56 -2.57
C ILE D 334 -13.04 1.71 -4.07
N PHE D 335 -12.07 2.33 -4.72
CA PHE D 335 -12.18 2.58 -6.15
C PHE D 335 -11.40 1.59 -7.03
N ARG D 336 -10.89 0.52 -6.44
CA ARG D 336 -10.08 -0.43 -7.21
C ARG D 336 -10.62 -0.88 -8.54
N ASP D 337 -11.94 -0.95 -8.66
CA ASP D 337 -12.60 -1.38 -9.87
C ASP D 337 -13.45 -0.27 -10.49
N GLY D 338 -13.28 0.96 -10.03
CA GLY D 338 -14.07 2.04 -10.56
C GLY D 338 -14.73 2.74 -9.40
N1 PLP E . -9.15 -18.45 14.68
C2 PLP E . -8.52 -18.56 13.49
C2A PLP E . -7.06 -18.10 13.39
C3 PLP E . -9.22 -19.10 12.35
O3 PLP E . -8.60 -19.22 11.12
C4 PLP E . -10.58 -19.51 12.52
C4A PLP E . -11.33 -20.09 11.31
C5 PLP E . -11.19 -19.35 13.82
C6 PLP E . -10.42 -18.82 14.87
C5A PLP E . -12.62 -19.76 14.16
O4P PLP E . -12.79 -21.18 14.00
P PLP E . -14.22 -21.77 13.60
O1P PLP E . -14.68 -21.14 12.31
O2P PLP E . -14.14 -23.26 13.37
O3P PLP E . -15.19 -21.42 14.70
CL C2N F . -14.32 -19.44 5.75
CB C2N F . -12.73 -18.70 6.11
CA C2N F . -12.58 -18.50 7.62
C C2N F . -11.23 -17.84 7.89
OXT C2N F . -11.20 -16.60 7.93
O C2N F . -10.24 -18.60 8.03
N C2N F . -12.64 -19.79 8.32
OXT NAK G . -10.89 -18.37 7.45
C NAK G . -12.01 -18.66 7.85
O NAK G . -12.96 -18.60 7.07
CA NAK G . -12.24 -19.09 9.31
CAE NAK G . -13.52 -19.41 9.73
N NAK G . -11.20 -19.12 10.15
S SO4 H . 18.83 -10.67 8.21
O1 SO4 H . 17.67 -11.55 7.93
O2 SO4 H . 18.72 -10.17 9.58
O3 SO4 H . 20.08 -11.44 8.07
O4 SO4 H . 18.86 -9.51 7.31
N1 PLP I . 17.53 -17.26 5.16
C2 PLP I . 16.79 -16.57 6.07
C2A PLP I . 15.26 -16.81 6.09
C3 PLP I . 17.43 -15.66 6.99
O3 PLP I . 16.69 -14.94 7.94
C4 PLP I . 18.85 -15.52 6.91
C4A PLP I . 19.55 -14.55 7.89
C5 PLP I . 19.57 -16.28 5.93
C6 PLP I . 18.85 -17.15 5.07
C5A PLP I . 21.08 -16.23 5.76
O4P PLP I . 21.66 -16.77 6.98
P PLP I . 23.11 -16.29 7.49
O1P PLP I . 23.10 -14.81 7.72
O2P PLP I . 23.42 -17.00 8.78
O3P PLP I . 24.12 -16.66 6.42
N1 PLP J . 5.67 14.86 -19.37
C2 PLP J . 4.49 14.38 -19.01
C2A PLP J . 3.93 14.82 -17.64
C3 PLP J . 3.79 13.49 -19.90
O3 PLP J . 2.56 12.96 -19.55
C4 PLP J . 4.41 13.14 -21.16
C4A PLP J . 3.66 12.19 -22.12
C5 PLP J . 5.68 13.70 -21.47
C6 PLP J . 6.26 14.57 -20.52
C5A PLP J . 6.49 13.45 -22.76
O4P PLP J . 5.75 13.97 -23.87
P PLP J . 5.84 13.26 -25.26
O1P PLP J . 5.34 11.80 -25.09
O2P PLP J . 7.33 13.26 -25.65
O3P PLP J . 4.95 13.98 -26.25
CL C2N K . 2.86 5.65 -20.52
CB C2N K . 2.64 6.78 -21.88
CA C2N K . 3.23 8.16 -21.53
C C2N K . 2.34 8.86 -20.50
OXT C2N K . 2.78 8.89 -19.32
O C2N K . 1.27 9.34 -20.90
N C2N K . 3.26 8.98 -22.75
OXT NAK L . 1.56 9.04 -20.51
C NAK L . 2.18 8.81 -21.54
O NAK L . 1.95 7.76 -22.15
CA NAK L . 3.21 9.81 -22.06
CAE NAK L . 3.95 9.55 -23.21
N NAK L . 3.43 10.92 -21.35
S SO4 M . -9.17 20.56 5.67
O1 SO4 M . -9.62 19.15 5.73
O2 SO4 M . -8.11 20.72 6.67
O3 SO4 M . -8.66 20.85 4.32
O4 SO4 M . -10.29 21.46 5.99
N1 PLP N . -13.95 21.01 0.01
C2 PLP N . -12.61 20.92 0.00
C2A PLP N . -11.97 20.27 -1.23
C3 PLP N . -11.84 21.40 1.10
O3 PLP N . -10.44 21.32 1.12
C4 PLP N . -12.55 22.00 2.22
C4A PLP N . -11.74 22.53 3.41
C5 PLP N . -13.98 22.07 2.19
C6 PLP N . -14.63 21.57 1.05
C5A PLP N . -14.85 22.68 3.30
O4P PLP N . -14.65 24.09 3.35
P PLP N . -14.87 24.92 4.72
O1P PLP N . -13.97 24.43 5.79
O2P PLP N . -14.55 26.39 4.43
O3P PLP N . -16.30 24.72 5.17
#